data_3BHP
# 
_entry.id   3BHP 
# 
_audit_conform.dict_name       mmcif_pdbx.dic 
_audit_conform.dict_version    5.399 
_audit_conform.dict_location   http://mmcif.pdb.org/dictionaries/ascii/mmcif_pdbx.dic 
# 
loop_
_database_2.database_id 
_database_2.database_code 
_database_2.pdbx_database_accession 
_database_2.pdbx_DOI 
PDB   3BHP         pdb_00003bhp 10.2210/pdb3bhp/pdb 
RCSB  RCSB045534   ?            ?                   
WWPDB D_1000045534 ?            ?                   
# 
loop_
_pdbx_audit_revision_history.ordinal 
_pdbx_audit_revision_history.data_content_type 
_pdbx_audit_revision_history.major_revision 
_pdbx_audit_revision_history.minor_revision 
_pdbx_audit_revision_history.revision_date 
1 'Structure model' 1 0 2007-12-11 
2 'Structure model' 1 1 2011-07-13 
3 'Structure model' 1 2 2024-11-20 
# 
_pdbx_audit_revision_details.ordinal             1 
_pdbx_audit_revision_details.revision_ordinal    1 
_pdbx_audit_revision_details.data_content_type   'Structure model' 
_pdbx_audit_revision_details.provider            repository 
_pdbx_audit_revision_details.type                'Initial release' 
_pdbx_audit_revision_details.description         ? 
_pdbx_audit_revision_details.details             ? 
# 
loop_
_pdbx_audit_revision_group.ordinal 
_pdbx_audit_revision_group.revision_ordinal 
_pdbx_audit_revision_group.data_content_type 
_pdbx_audit_revision_group.group 
1 2 'Structure model' 'Version format compliance' 
2 3 'Structure model' 'Data collection'           
3 3 'Structure model' 'Database references'       
4 3 'Structure model' 'Derived calculations'      
5 3 'Structure model' 'Structure summary'         
# 
loop_
_pdbx_audit_revision_category.ordinal 
_pdbx_audit_revision_category.revision_ordinal 
_pdbx_audit_revision_category.data_content_type 
_pdbx_audit_revision_category.category 
1 3 'Structure model' chem_comp_atom            
2 3 'Structure model' chem_comp_bond            
3 3 'Structure model' database_2                
4 3 'Structure model' pdbx_entry_details        
5 3 'Structure model' pdbx_modification_feature 
6 3 'Structure model' struct_conn               
7 3 'Structure model' struct_ref_seq_dif        
# 
loop_
_pdbx_audit_revision_item.ordinal 
_pdbx_audit_revision_item.revision_ordinal 
_pdbx_audit_revision_item.data_content_type 
_pdbx_audit_revision_item.item 
1 3 'Structure model' '_database_2.pdbx_DOI'                
2 3 'Structure model' '_database_2.pdbx_database_accession' 
3 3 'Structure model' '_struct_conn.pdbx_leaving_atom_flag' 
4 3 'Structure model' '_struct_ref_seq_dif.details'         
# 
_pdbx_database_status.status_code                     REL 
_pdbx_database_status.entry_id                        3BHP 
_pdbx_database_status.recvd_initial_deposition_date   2007-11-28 
_pdbx_database_status.deposit_site                    RCSB 
_pdbx_database_status.process_site                    RCSB 
_pdbx_database_status.status_code_sf                  REL 
_pdbx_database_status.status_code_mr                  ? 
_pdbx_database_status.SG_entry                        Y 
_pdbx_database_status.pdb_format_compatible           Y 
_pdbx_database_status.status_code_cs                  ? 
_pdbx_database_status.status_code_nmr_data            ? 
_pdbx_database_status.methods_development_category    ? 
# 
loop_
_pdbx_database_related.db_name 
_pdbx_database_related.db_id 
_pdbx_database_related.details 
_pdbx_database_related.content_type 
TargetDB SR384 .                               unspecified 
PDB      2HEP  'NMR structure (fragment 1-42)' unspecified 
PDB      2JVD  'NMR structure (fragment 1-48)' unspecified 
# 
loop_
_audit_author.name 
_audit_author.pdbx_ordinal 
'Kuzin, A.P.'                                     1  
'Su, M.'                                          2  
'Seetharaman, J.'                                 3  
'Janjua, H.'                                      4  
'Cunningham, K.'                                  5  
'Maglaqui, M.'                                    6  
'Owens, L.A.'                                     7  
'Zhao, L.'                                        8  
'Xiao, R.'                                        9  
'Baran, M.C.'                                     10 
'Acton, T.B.'                                     11 
'Rost, B.'                                        12 
'Montelione, G.T.'                                13 
'Hunt, J.F.'                                      14 
'Tong, L.'                                        15 
'Northeast Structural Genomics Consortium (NESG)' 16 
# 
_citation.id                        primary 
_citation.title                     'Crystal structure of the UPF0291 protein ynzC from Bacillus subtilis at the resolution 2.0 A.' 
_citation.journal_abbrev            'To be Published' 
_citation.journal_volume            ? 
_citation.page_first                ? 
_citation.page_last                 ? 
_citation.year                      ? 
_citation.journal_id_ASTM           ? 
_citation.country                   ? 
_citation.journal_id_ISSN           ? 
_citation.journal_id_CSD            0353 
_citation.book_publisher            ? 
_citation.pdbx_database_id_PubMed   ? 
_citation.pdbx_database_id_DOI      ? 
# 
loop_
_citation_author.citation_id 
_citation_author.name 
_citation_author.ordinal 
_citation_author.identifier_ORCID 
primary 'Kuzin, A.P.'      1  ? 
primary 'Su, M.'           2  ? 
primary 'Seetharaman, J.'  3  ? 
primary 'Janjua, H.'       4  ? 
primary 'Cunningham, K.'   5  ? 
primary 'Maglaqui, M.'     6  ? 
primary 'Owens, L.A.'      7  ? 
primary 'Zhao, L.'         8  ? 
primary 'Xiao, R.'         9  ? 
primary 'Baran, M.C.'      10 ? 
primary 'Acton, T.B.'      11 ? 
primary 'Rost, B.'         12 ? 
primary 'Montelione, G.T.' 13 ? 
primary 'Hunt, J.F.'       14 ? 
primary 'Tong, L.'         15 ? 
# 
loop_
_entity.id 
_entity.type 
_entity.src_method 
_entity.pdbx_description 
_entity.formula_weight 
_entity.pdbx_number_of_molecules 
_entity.pdbx_ec 
_entity.pdbx_mutation 
_entity.pdbx_fragment 
_entity.details 
1 polymer man 'UPF0291 protein ynzC' 7027.784 3   ? ? 'Residues 1-52' ? 
2 water   nat water                  18.015   196 ? ? ?               ? 
# 
_entity_poly.entity_id                      1 
_entity_poly.type                           'polypeptide(L)' 
_entity_poly.nstd_linkage                   no 
_entity_poly.nstd_monomer                   yes 
_entity_poly.pdbx_seq_one_letter_code       '(MSE)ISNAKIARINELAAKAKAGVITEEEKAEQQKLRQEYLKGFRSS(MSE)KNTLKSVLEHHHHHH' 
_entity_poly.pdbx_seq_one_letter_code_can   MISNAKIARINELAAKAKAGVITEEEKAEQQKLRQEYLKGFRSSMKNTLKSVLEHHHHHH 
_entity_poly.pdbx_strand_id                 A,B,C 
_entity_poly.pdbx_target_identifier         SR384 
# 
_pdbx_entity_nonpoly.entity_id   2 
_pdbx_entity_nonpoly.name        water 
_pdbx_entity_nonpoly.comp_id     HOH 
# 
loop_
_entity_poly_seq.entity_id 
_entity_poly_seq.num 
_entity_poly_seq.mon_id 
_entity_poly_seq.hetero 
1 1  MSE n 
1 2  ILE n 
1 3  SER n 
1 4  ASN n 
1 5  ALA n 
1 6  LYS n 
1 7  ILE n 
1 8  ALA n 
1 9  ARG n 
1 10 ILE n 
1 11 ASN n 
1 12 GLU n 
1 13 LEU n 
1 14 ALA n 
1 15 ALA n 
1 16 LYS n 
1 17 ALA n 
1 18 LYS n 
1 19 ALA n 
1 20 GLY n 
1 21 VAL n 
1 22 ILE n 
1 23 THR n 
1 24 GLU n 
1 25 GLU n 
1 26 GLU n 
1 27 LYS n 
1 28 ALA n 
1 29 GLU n 
1 30 GLN n 
1 31 GLN n 
1 32 LYS n 
1 33 LEU n 
1 34 ARG n 
1 35 GLN n 
1 36 GLU n 
1 37 TYR n 
1 38 LEU n 
1 39 LYS n 
1 40 GLY n 
1 41 PHE n 
1 42 ARG n 
1 43 SER n 
1 44 SER n 
1 45 MSE n 
1 46 LYS n 
1 47 ASN n 
1 48 THR n 
1 49 LEU n 
1 50 LYS n 
1 51 SER n 
1 52 VAL n 
1 53 LEU n 
1 54 GLU n 
1 55 HIS n 
1 56 HIS n 
1 57 HIS n 
1 58 HIS n 
1 59 HIS n 
1 60 HIS n 
# 
_entity_src_gen.entity_id                          1 
_entity_src_gen.pdbx_src_id                        1 
_entity_src_gen.pdbx_alt_source_flag               sample 
_entity_src_gen.pdbx_seq_type                      ? 
_entity_src_gen.pdbx_beg_seq_num                   ? 
_entity_src_gen.pdbx_end_seq_num                   ? 
_entity_src_gen.gene_src_common_name               ? 
_entity_src_gen.gene_src_genus                     Bacillus 
_entity_src_gen.pdbx_gene_src_gene                 'ynzC, BSU17880' 
_entity_src_gen.gene_src_species                   ? 
_entity_src_gen.gene_src_strain                    168 
_entity_src_gen.gene_src_tissue                    ? 
_entity_src_gen.gene_src_tissue_fraction           ? 
_entity_src_gen.gene_src_details                   ? 
_entity_src_gen.pdbx_gene_src_fragment             ? 
_entity_src_gen.pdbx_gene_src_scientific_name      'Bacillus subtilis' 
_entity_src_gen.pdbx_gene_src_ncbi_taxonomy_id     1423 
_entity_src_gen.pdbx_gene_src_variant              ? 
_entity_src_gen.pdbx_gene_src_cell_line            ? 
_entity_src_gen.pdbx_gene_src_atcc                 ? 
_entity_src_gen.pdbx_gene_src_organ                ? 
_entity_src_gen.pdbx_gene_src_organelle            ? 
_entity_src_gen.pdbx_gene_src_cell                 ? 
_entity_src_gen.pdbx_gene_src_cellular_location    ? 
_entity_src_gen.host_org_common_name               ? 
_entity_src_gen.pdbx_host_org_scientific_name      'Escherichia coli' 
_entity_src_gen.pdbx_host_org_ncbi_taxonomy_id     562 
_entity_src_gen.host_org_genus                     Escherichia 
_entity_src_gen.pdbx_host_org_gene                 ? 
_entity_src_gen.pdbx_host_org_organ                ? 
_entity_src_gen.host_org_species                   ? 
_entity_src_gen.pdbx_host_org_tissue               ? 
_entity_src_gen.pdbx_host_org_tissue_fraction      ? 
_entity_src_gen.pdbx_host_org_strain               ? 
_entity_src_gen.pdbx_host_org_variant              ? 
_entity_src_gen.pdbx_host_org_cell_line            ? 
_entity_src_gen.pdbx_host_org_atcc                 ? 
_entity_src_gen.pdbx_host_org_culture_collection   ? 
_entity_src_gen.pdbx_host_org_cell                 ? 
_entity_src_gen.pdbx_host_org_organelle            ? 
_entity_src_gen.pdbx_host_org_cellular_location    ? 
_entity_src_gen.pdbx_host_org_vector_type          ? 
_entity_src_gen.pdbx_host_org_vector               ? 
_entity_src_gen.host_org_details                   ? 
_entity_src_gen.expression_system_id               ? 
_entity_src_gen.plasmid_name                       ? 
_entity_src_gen.plasmid_details                    ? 
_entity_src_gen.pdbx_description                   ? 
# 
loop_
_chem_comp.id 
_chem_comp.type 
_chem_comp.mon_nstd_flag 
_chem_comp.name 
_chem_comp.pdbx_synonyms 
_chem_comp.formula 
_chem_comp.formula_weight 
ALA 'L-peptide linking' y ALANINE          ? 'C3 H7 N O2'     89.093  
ARG 'L-peptide linking' y ARGININE         ? 'C6 H15 N4 O2 1' 175.209 
ASN 'L-peptide linking' y ASPARAGINE       ? 'C4 H8 N2 O3'    132.118 
GLN 'L-peptide linking' y GLUTAMINE        ? 'C5 H10 N2 O3'   146.144 
GLU 'L-peptide linking' y 'GLUTAMIC ACID'  ? 'C5 H9 N O4'     147.129 
GLY 'peptide linking'   y GLYCINE          ? 'C2 H5 N O2'     75.067  
HIS 'L-peptide linking' y HISTIDINE        ? 'C6 H10 N3 O2 1' 156.162 
HOH non-polymer         . WATER            ? 'H2 O'           18.015  
ILE 'L-peptide linking' y ISOLEUCINE       ? 'C6 H13 N O2'    131.173 
LEU 'L-peptide linking' y LEUCINE          ? 'C6 H13 N O2'    131.173 
LYS 'L-peptide linking' y LYSINE           ? 'C6 H15 N2 O2 1' 147.195 
MSE 'L-peptide linking' n SELENOMETHIONINE ? 'C5 H11 N O2 Se' 196.106 
PHE 'L-peptide linking' y PHENYLALANINE    ? 'C9 H11 N O2'    165.189 
SER 'L-peptide linking' y SERINE           ? 'C3 H7 N O3'     105.093 
THR 'L-peptide linking' y THREONINE        ? 'C4 H9 N O3'     119.119 
TYR 'L-peptide linking' y TYROSINE         ? 'C9 H11 N O3'    181.189 
VAL 'L-peptide linking' y VALINE           ? 'C5 H11 N O2'    117.146 
# 
loop_
_pdbx_poly_seq_scheme.asym_id 
_pdbx_poly_seq_scheme.entity_id 
_pdbx_poly_seq_scheme.seq_id 
_pdbx_poly_seq_scheme.mon_id 
_pdbx_poly_seq_scheme.ndb_seq_num 
_pdbx_poly_seq_scheme.pdb_seq_num 
_pdbx_poly_seq_scheme.auth_seq_num 
_pdbx_poly_seq_scheme.pdb_mon_id 
_pdbx_poly_seq_scheme.auth_mon_id 
_pdbx_poly_seq_scheme.pdb_strand_id 
_pdbx_poly_seq_scheme.pdb_ins_code 
_pdbx_poly_seq_scheme.hetero 
A 1 1  MSE 1  1  1  MSE MSE A . n 
A 1 2  ILE 2  2  2  ILE ILE A . n 
A 1 3  SER 3  3  3  SER SER A . n 
A 1 4  ASN 4  4  4  ASN ASN A . n 
A 1 5  ALA 5  5  5  ALA ALA A . n 
A 1 6  LYS 6  6  6  LYS LYS A . n 
A 1 7  ILE 7  7  7  ILE ILE A . n 
A 1 8  ALA 8  8  8  ALA ALA A . n 
A 1 9  ARG 9  9  9  ARG ARG A . n 
A 1 10 ILE 10 10 10 ILE ILE A . n 
A 1 11 ASN 11 11 11 ASN ASN A . n 
A 1 12 GLU 12 12 12 GLU GLU A . n 
A 1 13 LEU 13 13 13 LEU LEU A . n 
A 1 14 ALA 14 14 14 ALA ALA A . n 
A 1 15 ALA 15 15 15 ALA ALA A . n 
A 1 16 LYS 16 16 16 LYS LYS A . n 
A 1 17 ALA 17 17 17 ALA ALA A . n 
A 1 18 LYS 18 18 18 LYS LYS A . n 
A 1 19 ALA 19 19 19 ALA ALA A . n 
A 1 20 GLY 20 20 20 GLY GLY A . n 
A 1 21 VAL 21 21 21 VAL VAL A . n 
A 1 22 ILE 22 22 22 ILE ILE A . n 
A 1 23 THR 23 23 23 THR THR A . n 
A 1 24 GLU 24 24 24 GLU GLU A . n 
A 1 25 GLU 25 25 25 GLU GLU A . n 
A 1 26 GLU 26 26 26 GLU GLU A . n 
A 1 27 LYS 27 27 27 LYS LYS A . n 
A 1 28 ALA 28 28 28 ALA ALA A . n 
A 1 29 GLU 29 29 29 GLU GLU A . n 
A 1 30 GLN 30 30 30 GLN GLN A . n 
A 1 31 GLN 31 31 31 GLN GLN A . n 
A 1 32 LYS 32 32 32 LYS LYS A . n 
A 1 33 LEU 33 33 33 LEU LEU A . n 
A 1 34 ARG 34 34 34 ARG ARG A . n 
A 1 35 GLN 35 35 35 GLN GLN A . n 
A 1 36 GLU 36 36 36 GLU GLU A . n 
A 1 37 TYR 37 37 37 TYR TYR A . n 
A 1 38 LEU 38 38 38 LEU LEU A . n 
A 1 39 LYS 39 39 39 LYS LYS A . n 
A 1 40 GLY 40 40 40 GLY GLY A . n 
A 1 41 PHE 41 41 41 PHE PHE A . n 
A 1 42 ARG 42 42 42 ARG ARG A . n 
A 1 43 SER 43 43 43 SER SER A . n 
A 1 44 SER 44 44 44 SER SER A . n 
A 1 45 MSE 45 45 45 MSE MSE A . n 
A 1 46 LYS 46 46 46 LYS LYS A . n 
A 1 47 ASN 47 47 47 ASN ASN A . n 
A 1 48 THR 48 48 48 THR THR A . n 
A 1 49 LEU 49 49 49 LEU LEU A . n 
A 1 50 LYS 50 50 50 LYS LYS A . n 
A 1 51 SER 51 51 51 SER SER A . n 
A 1 52 VAL 52 52 52 VAL VAL A . n 
A 1 53 LEU 53 53 ?  ?   ?   A . n 
A 1 54 GLU 54 54 ?  ?   ?   A . n 
A 1 55 HIS 55 55 ?  ?   ?   A . n 
A 1 56 HIS 56 56 ?  ?   ?   A . n 
A 1 57 HIS 57 57 ?  ?   ?   A . n 
A 1 58 HIS 58 58 ?  ?   ?   A . n 
A 1 59 HIS 59 59 ?  ?   ?   A . n 
A 1 60 HIS 60 60 ?  ?   ?   A . n 
B 1 1  MSE 1  1  1  MSE MSE B . n 
B 1 2  ILE 2  2  2  ILE ILE B . n 
B 1 3  SER 3  3  3  SER SER B . n 
B 1 4  ASN 4  4  4  ASN ASN B . n 
B 1 5  ALA 5  5  5  ALA ALA B . n 
B 1 6  LYS 6  6  6  LYS LYS B . n 
B 1 7  ILE 7  7  7  ILE ILE B . n 
B 1 8  ALA 8  8  8  ALA ALA B . n 
B 1 9  ARG 9  9  9  ARG ARG B . n 
B 1 10 ILE 10 10 10 ILE ILE B . n 
B 1 11 ASN 11 11 11 ASN ASN B . n 
B 1 12 GLU 12 12 12 GLU GLU B . n 
B 1 13 LEU 13 13 13 LEU LEU B . n 
B 1 14 ALA 14 14 14 ALA ALA B . n 
B 1 15 ALA 15 15 15 ALA ALA B . n 
B 1 16 LYS 16 16 16 LYS LYS B . n 
B 1 17 ALA 17 17 17 ALA ALA B . n 
B 1 18 LYS 18 18 18 LYS LYS B . n 
B 1 19 ALA 19 19 19 ALA ALA B . n 
B 1 20 GLY 20 20 20 GLY GLY B . n 
B 1 21 VAL 21 21 21 VAL VAL B . n 
B 1 22 ILE 22 22 22 ILE ILE B . n 
B 1 23 THR 23 23 23 THR THR B . n 
B 1 24 GLU 24 24 24 GLU GLU B . n 
B 1 25 GLU 25 25 25 GLU GLU B . n 
B 1 26 GLU 26 26 26 GLU GLU B . n 
B 1 27 LYS 27 27 27 LYS LYS B . n 
B 1 28 ALA 28 28 28 ALA ALA B . n 
B 1 29 GLU 29 29 29 GLU GLU B . n 
B 1 30 GLN 30 30 30 GLN GLN B . n 
B 1 31 GLN 31 31 31 GLN GLN B . n 
B 1 32 LYS 32 32 32 LYS LYS B . n 
B 1 33 LEU 33 33 33 LEU LEU B . n 
B 1 34 ARG 34 34 34 ARG ARG B . n 
B 1 35 GLN 35 35 35 GLN GLN B . n 
B 1 36 GLU 36 36 36 GLU GLU B . n 
B 1 37 TYR 37 37 37 TYR TYR B . n 
B 1 38 LEU 38 38 38 LEU LEU B . n 
B 1 39 LYS 39 39 39 LYS LYS B . n 
B 1 40 GLY 40 40 40 GLY GLY B . n 
B 1 41 PHE 41 41 41 PHE PHE B . n 
B 1 42 ARG 42 42 42 ARG ARG B . n 
B 1 43 SER 43 43 43 SER SER B . n 
B 1 44 SER 44 44 44 SER SER B . n 
B 1 45 MSE 45 45 45 MSE MSE B . n 
B 1 46 LYS 46 46 46 LYS LYS B . n 
B 1 47 ASN 47 47 47 ASN ASN B . n 
B 1 48 THR 48 48 48 THR THR B . n 
B 1 49 LEU 49 49 ?  ?   ?   B . n 
B 1 50 LYS 50 50 ?  ?   ?   B . n 
B 1 51 SER 51 51 ?  ?   ?   B . n 
B 1 52 VAL 52 52 ?  ?   ?   B . n 
B 1 53 LEU 53 53 ?  ?   ?   B . n 
B 1 54 GLU 54 54 ?  ?   ?   B . n 
B 1 55 HIS 55 55 ?  ?   ?   B . n 
B 1 56 HIS 56 56 ?  ?   ?   B . n 
B 1 57 HIS 57 57 ?  ?   ?   B . n 
B 1 58 HIS 58 58 ?  ?   ?   B . n 
B 1 59 HIS 59 59 ?  ?   ?   B . n 
B 1 60 HIS 60 60 ?  ?   ?   B . n 
C 1 1  MSE 1  1  1  MSE MSE C . n 
C 1 2  ILE 2  2  2  ILE ILE C . n 
C 1 3  SER 3  3  3  SER SER C . n 
C 1 4  ASN 4  4  4  ASN ASN C . n 
C 1 5  ALA 5  5  5  ALA ALA C . n 
C 1 6  LYS 6  6  6  LYS LYS C . n 
C 1 7  ILE 7  7  7  ILE ILE C . n 
C 1 8  ALA 8  8  8  ALA ALA C . n 
C 1 9  ARG 9  9  9  ARG ARG C . n 
C 1 10 ILE 10 10 10 ILE ILE C . n 
C 1 11 ASN 11 11 11 ASN ASN C . n 
C 1 12 GLU 12 12 12 GLU GLU C . n 
C 1 13 LEU 13 13 13 LEU LEU C . n 
C 1 14 ALA 14 14 14 ALA ALA C . n 
C 1 15 ALA 15 15 15 ALA ALA C . n 
C 1 16 LYS 16 16 16 LYS LYS C . n 
C 1 17 ALA 17 17 17 ALA ALA C . n 
C 1 18 LYS 18 18 18 LYS LYS C . n 
C 1 19 ALA 19 19 19 ALA ALA C . n 
C 1 20 GLY 20 20 20 GLY GLY C . n 
C 1 21 VAL 21 21 21 VAL VAL C . n 
C 1 22 ILE 22 22 22 ILE ILE C . n 
C 1 23 THR 23 23 23 THR THR C . n 
C 1 24 GLU 24 24 24 GLU GLU C . n 
C 1 25 GLU 25 25 25 GLU GLU C . n 
C 1 26 GLU 26 26 26 GLU GLU C . n 
C 1 27 LYS 27 27 27 LYS LYS C . n 
C 1 28 ALA 28 28 28 ALA ALA C . n 
C 1 29 GLU 29 29 29 GLU GLU C . n 
C 1 30 GLN 30 30 30 GLN GLN C . n 
C 1 31 GLN 31 31 31 GLN GLN C . n 
C 1 32 LYS 32 32 32 LYS LYS C . n 
C 1 33 LEU 33 33 33 LEU LEU C . n 
C 1 34 ARG 34 34 34 ARG ARG C . n 
C 1 35 GLN 35 35 35 GLN GLN C . n 
C 1 36 GLU 36 36 36 GLU GLU C . n 
C 1 37 TYR 37 37 37 TYR TYR C . n 
C 1 38 LEU 38 38 38 LEU LEU C . n 
C 1 39 LYS 39 39 39 LYS LYS C . n 
C 1 40 GLY 40 40 40 GLY GLY C . n 
C 1 41 PHE 41 41 41 PHE PHE C . n 
C 1 42 ARG 42 42 42 ARG ARG C . n 
C 1 43 SER 43 43 43 SER SER C . n 
C 1 44 SER 44 44 44 SER SER C . n 
C 1 45 MSE 45 45 45 MSE MSE C . n 
C 1 46 LYS 46 46 46 LYS LYS C . n 
C 1 47 ASN 47 47 47 ASN ASN C . n 
C 1 48 THR 48 48 48 THR THR C . n 
C 1 49 LEU 49 49 49 LEU LEU C . n 
C 1 50 LYS 50 50 50 LYS LYS C . n 
C 1 51 SER 51 51 51 SER SER C . n 
C 1 52 VAL 52 52 52 VAL VAL C . n 
C 1 53 LEU 53 53 53 LEU LEU C . n 
C 1 54 GLU 54 54 54 GLU GLU C . n 
C 1 55 HIS 55 55 ?  ?   ?   C . n 
C 1 56 HIS 56 56 ?  ?   ?   C . n 
C 1 57 HIS 57 57 ?  ?   ?   C . n 
C 1 58 HIS 58 58 ?  ?   ?   C . n 
C 1 59 HIS 59 59 ?  ?   ?   C . n 
C 1 60 HIS 60 60 ?  ?   ?   C . n 
# 
loop_
_pdbx_nonpoly_scheme.asym_id 
_pdbx_nonpoly_scheme.entity_id 
_pdbx_nonpoly_scheme.mon_id 
_pdbx_nonpoly_scheme.ndb_seq_num 
_pdbx_nonpoly_scheme.pdb_seq_num 
_pdbx_nonpoly_scheme.auth_seq_num 
_pdbx_nonpoly_scheme.pdb_mon_id 
_pdbx_nonpoly_scheme.auth_mon_id 
_pdbx_nonpoly_scheme.pdb_strand_id 
_pdbx_nonpoly_scheme.pdb_ins_code 
D 2 HOH 1  61  61  HOH HOH A . 
D 2 HOH 2  62  62  HOH HOH A . 
D 2 HOH 3  63  63  HOH HOH A . 
D 2 HOH 4  64  64  HOH HOH A . 
D 2 HOH 5  65  65  HOH HOH A . 
D 2 HOH 6  66  66  HOH HOH A . 
D 2 HOH 7  67  67  HOH HOH A . 
D 2 HOH 8  68  68  HOH HOH A . 
D 2 HOH 9  69  69  HOH HOH A . 
D 2 HOH 10 70  70  HOH HOH A . 
D 2 HOH 11 71  71  HOH HOH A . 
D 2 HOH 12 72  72  HOH HOH A . 
D 2 HOH 13 73  73  HOH HOH A . 
D 2 HOH 14 74  74  HOH HOH A . 
D 2 HOH 15 75  75  HOH HOH A . 
D 2 HOH 16 76  76  HOH HOH A . 
D 2 HOH 17 77  77  HOH HOH A . 
D 2 HOH 18 78  78  HOH HOH A . 
D 2 HOH 19 79  79  HOH HOH A . 
D 2 HOH 20 80  80  HOH HOH A . 
D 2 HOH 21 81  81  HOH HOH A . 
D 2 HOH 22 82  82  HOH HOH A . 
D 2 HOH 23 83  83  HOH HOH A . 
D 2 HOH 24 84  84  HOH HOH A . 
D 2 HOH 25 85  85  HOH HOH A . 
D 2 HOH 26 86  86  HOH HOH A . 
D 2 HOH 27 87  87  HOH HOH A . 
D 2 HOH 28 88  88  HOH HOH A . 
D 2 HOH 29 89  89  HOH HOH A . 
D 2 HOH 30 90  90  HOH HOH A . 
D 2 HOH 31 91  91  HOH HOH A . 
D 2 HOH 32 92  92  HOH HOH A . 
D 2 HOH 33 93  93  HOH HOH A . 
D 2 HOH 34 94  94  HOH HOH A . 
D 2 HOH 35 95  95  HOH HOH A . 
D 2 HOH 36 96  96  HOH HOH A . 
D 2 HOH 37 97  97  HOH HOH A . 
D 2 HOH 38 98  98  HOH HOH A . 
D 2 HOH 39 99  99  HOH HOH A . 
D 2 HOH 40 100 100 HOH HOH A . 
D 2 HOH 41 101 101 HOH HOH A . 
D 2 HOH 42 102 102 HOH HOH A . 
D 2 HOH 43 103 103 HOH HOH A . 
D 2 HOH 44 104 104 HOH HOH A . 
D 2 HOH 45 105 105 HOH HOH A . 
D 2 HOH 46 106 106 HOH HOH A . 
D 2 HOH 47 107 107 HOH HOH A . 
D 2 HOH 48 108 108 HOH HOH A . 
D 2 HOH 49 109 109 HOH HOH A . 
D 2 HOH 50 110 110 HOH HOH A . 
D 2 HOH 51 111 111 HOH HOH A . 
D 2 HOH 52 112 112 HOH HOH A . 
D 2 HOH 53 113 113 HOH HOH A . 
D 2 HOH 54 114 114 HOH HOH A . 
D 2 HOH 55 115 115 HOH HOH A . 
D 2 HOH 56 116 116 HOH HOH A . 
D 2 HOH 57 117 117 HOH HOH A . 
D 2 HOH 58 118 118 HOH HOH A . 
D 2 HOH 59 119 119 HOH HOH A . 
D 2 HOH 60 120 120 HOH HOH A . 
D 2 HOH 61 121 121 HOH HOH A . 
D 2 HOH 62 122 122 HOH HOH A . 
D 2 HOH 63 123 123 HOH HOH A . 
D 2 HOH 64 124 124 HOH HOH A . 
D 2 HOH 65 125 125 HOH HOH A . 
D 2 HOH 66 126 126 HOH HOH A . 
D 2 HOH 67 127 127 HOH HOH A . 
D 2 HOH 68 128 128 HOH HOH A . 
D 2 HOH 69 129 129 HOH HOH A . 
D 2 HOH 70 130 130 HOH HOH A . 
D 2 HOH 71 131 131 HOH HOH A . 
D 2 HOH 72 133 133 HOH HOH A . 
D 2 HOH 73 134 112 HOH HOH A . 
D 2 HOH 74 135 124 HOH HOH A . 
D 2 HOH 75 136 143 HOH HOH A . 
D 2 HOH 76 137 145 HOH HOH A . 
D 2 HOH 77 138 157 HOH HOH A . 
E 2 HOH 1  61  61  HOH HOH B . 
E 2 HOH 2  62  62  HOH HOH B . 
E 2 HOH 3  63  63  HOH HOH B . 
E 2 HOH 4  64  65  HOH HOH B . 
E 2 HOH 5  65  66  HOH HOH B . 
E 2 HOH 6  66  67  HOH HOH B . 
E 2 HOH 7  67  68  HOH HOH B . 
E 2 HOH 8  68  69  HOH HOH B . 
E 2 HOH 9  69  70  HOH HOH B . 
E 2 HOH 10 70  71  HOH HOH B . 
E 2 HOH 11 71  72  HOH HOH B . 
E 2 HOH 12 72  73  HOH HOH B . 
E 2 HOH 13 73  74  HOH HOH B . 
E 2 HOH 14 74  75  HOH HOH B . 
E 2 HOH 15 75  76  HOH HOH B . 
E 2 HOH 16 76  77  HOH HOH B . 
E 2 HOH 17 77  78  HOH HOH B . 
E 2 HOH 18 78  79  HOH HOH B . 
E 2 HOH 19 79  80  HOH HOH B . 
E 2 HOH 20 80  81  HOH HOH B . 
E 2 HOH 21 81  82  HOH HOH B . 
E 2 HOH 22 82  84  HOH HOH B . 
E 2 HOH 23 83  85  HOH HOH B . 
E 2 HOH 24 84  86  HOH HOH B . 
E 2 HOH 25 85  87  HOH HOH B . 
E 2 HOH 26 86  88  HOH HOH B . 
E 2 HOH 27 87  89  HOH HOH B . 
E 2 HOH 28 88  90  HOH HOH B . 
E 2 HOH 29 89  91  HOH HOH B . 
E 2 HOH 30 90  92  HOH HOH B . 
E 2 HOH 31 91  93  HOH HOH B . 
E 2 HOH 32 92  94  HOH HOH B . 
E 2 HOH 33 93  95  HOH HOH B . 
E 2 HOH 34 94  96  HOH HOH B . 
E 2 HOH 35 95  97  HOH HOH B . 
E 2 HOH 36 96  98  HOH HOH B . 
E 2 HOH 37 97  99  HOH HOH B . 
E 2 HOH 38 98  100 HOH HOH B . 
E 2 HOH 39 99  101 HOH HOH B . 
E 2 HOH 40 100 103 HOH HOH B . 
E 2 HOH 41 101 104 HOH HOH B . 
E 2 HOH 42 102 106 HOH HOH B . 
E 2 HOH 43 103 107 HOH HOH B . 
E 2 HOH 44 104 109 HOH HOH B . 
E 2 HOH 45 105 110 HOH HOH B . 
E 2 HOH 46 106 111 HOH HOH B . 
E 2 HOH 47 107 113 HOH HOH B . 
E 2 HOH 48 108 114 HOH HOH B . 
E 2 HOH 49 109 115 HOH HOH B . 
E 2 HOH 50 110 116 HOH HOH B . 
E 2 HOH 51 111 130 HOH HOH B . 
E 2 HOH 52 112 126 HOH HOH B . 
E 2 HOH 53 113 149 HOH HOH B . 
E 2 HOH 54 114 164 HOH HOH B . 
F 2 HOH 1  132 132 HOH HOH C . 
F 2 HOH 2  133 102 HOH HOH C . 
F 2 HOH 3  134 64  HOH HOH C . 
F 2 HOH 4  135 105 HOH HOH C . 
F 2 HOH 5  136 108 HOH HOH C . 
F 2 HOH 6  137 107 HOH HOH C . 
F 2 HOH 7  138 108 HOH HOH C . 
F 2 HOH 8  139 109 HOH HOH C . 
F 2 HOH 9  140 110 HOH HOH C . 
F 2 HOH 10 141 111 HOH HOH C . 
F 2 HOH 11 142 112 HOH HOH C . 
F 2 HOH 12 143 113 HOH HOH C . 
F 2 HOH 13 144 114 HOH HOH C . 
F 2 HOH 14 145 115 HOH HOH C . 
F 2 HOH 15 146 116 HOH HOH C . 
F 2 HOH 16 147 117 HOH HOH C . 
F 2 HOH 17 148 118 HOH HOH C . 
F 2 HOH 18 149 119 HOH HOH C . 
F 2 HOH 19 150 120 HOH HOH C . 
F 2 HOH 20 151 121 HOH HOH C . 
F 2 HOH 21 152 122 HOH HOH C . 
F 2 HOH 22 153 123 HOH HOH C . 
F 2 HOH 23 154 125 HOH HOH C . 
F 2 HOH 24 155 127 HOH HOH C . 
F 2 HOH 25 156 128 HOH HOH C . 
F 2 HOH 26 157 129 HOH HOH C . 
F 2 HOH 27 158 131 HOH HOH C . 
F 2 HOH 28 159 132 HOH HOH C . 
F 2 HOH 29 160 133 HOH HOH C . 
F 2 HOH 30 161 134 HOH HOH C . 
F 2 HOH 31 162 135 HOH HOH C . 
F 2 HOH 32 163 136 HOH HOH C . 
F 2 HOH 33 164 137 HOH HOH C . 
F 2 HOH 34 165 138 HOH HOH C . 
F 2 HOH 35 166 139 HOH HOH C . 
F 2 HOH 36 167 140 HOH HOH C . 
F 2 HOH 37 168 141 HOH HOH C . 
F 2 HOH 38 169 142 HOH HOH C . 
F 2 HOH 39 170 144 HOH HOH C . 
F 2 HOH 40 171 146 HOH HOH C . 
F 2 HOH 41 172 147 HOH HOH C . 
F 2 HOH 42 173 148 HOH HOH C . 
F 2 HOH 43 174 150 HOH HOH C . 
F 2 HOH 44 175 151 HOH HOH C . 
F 2 HOH 45 176 152 HOH HOH C . 
F 2 HOH 46 177 153 HOH HOH C . 
F 2 HOH 47 178 154 HOH HOH C . 
F 2 HOH 48 179 155 HOH HOH C . 
F 2 HOH 49 180 156 HOH HOH C . 
F 2 HOH 50 181 158 HOH HOH C . 
F 2 HOH 51 182 159 HOH HOH C . 
F 2 HOH 52 183 160 HOH HOH C . 
F 2 HOH 53 184 161 HOH HOH C . 
F 2 HOH 54 185 162 HOH HOH C . 
F 2 HOH 55 186 163 HOH HOH C . 
F 2 HOH 56 187 165 HOH HOH C . 
F 2 HOH 57 188 166 HOH HOH C . 
F 2 HOH 58 189 167 HOH HOH C . 
F 2 HOH 59 190 168 HOH HOH C . 
F 2 HOH 60 191 169 HOH HOH C . 
F 2 HOH 61 192 1   HOH HOH C . 
F 2 HOH 62 193 2   HOH HOH C . 
F 2 HOH 63 194 3   HOH HOH C . 
F 2 HOH 64 195 4   HOH HOH C . 
F 2 HOH 65 196 5   HOH HOH C . 
# 
loop_
_software.name 
_software.classification 
_software.version 
_software.citation_id 
_software.pdbx_ordinal 
CNS   refinement        1.2     ? 1 
ADSC  'data collection' Quantum ? 2 
DENZO 'data reduction'  .       ? 3 
SCALA 'data scaling'    .       ? 4 
SOLVE phasing           .       ? 5 
# 
_cell.entry_id           3BHP 
_cell.length_a           65.279 
_cell.length_b           38.460 
_cell.length_c           86.785 
_cell.angle_alpha        90.00 
_cell.angle_beta         107.95 
_cell.angle_gamma        90.00 
_cell.Z_PDB              12 
_cell.pdbx_unique_axis   ? 
_cell.length_a_esd       ? 
_cell.length_b_esd       ? 
_cell.length_c_esd       ? 
_cell.angle_alpha_esd    ? 
_cell.angle_beta_esd     ? 
_cell.angle_gamma_esd    ? 
# 
_symmetry.entry_id                         3BHP 
_symmetry.space_group_name_H-M             'C 1 2 1' 
_symmetry.pdbx_full_space_group_name_H-M   ? 
_symmetry.cell_setting                     ? 
_symmetry.Int_Tables_number                5 
_symmetry.space_group_name_Hall            ? 
# 
_exptl.entry_id          3BHP 
_exptl.method            'X-RAY DIFFRACTION' 
_exptl.crystals_number   1 
# 
_exptl_crystal.id                    1 
_exptl_crystal.density_meas          ? 
_exptl_crystal.density_Matthews      2.46 
_exptl_crystal.density_percent_sol   49.96 
_exptl_crystal.description           'The structure factor file contains Friedel pairs' 
_exptl_crystal.F_000                 ? 
_exptl_crystal.preparation           ? 
# 
_exptl_crystal_grow.crystal_id      1 
_exptl_crystal_grow.method          'VAPOR DIFFUSION, HANGING DROP' 
_exptl_crystal_grow.temp            293 
_exptl_crystal_grow.temp_details    ? 
_exptl_crystal_grow.pH              4.0 
_exptl_crystal_grow.pdbx_details    
'0.1M KH2PO4, 0.1M Na Citrate, 40% PEG 1000, pH 4.0, VAPOR DIFFUSION, HANGING DROP, temperature 293K' 
_exptl_crystal_grow.pdbx_pH_range   . 
# 
_diffrn.id                     1 
_diffrn.ambient_temp           100 
_diffrn.ambient_temp_details   ? 
_diffrn.crystal_id             1 
# 
_diffrn_detector.diffrn_id              1 
_diffrn_detector.detector               CCD 
_diffrn_detector.type                   'ADSC QUANTUM 210' 
_diffrn_detector.pdbx_collection_date   2007-10-09 
_diffrn_detector.details                ? 
# 
_diffrn_radiation.diffrn_id                        1 
_diffrn_radiation.wavelength_id                    1 
_diffrn_radiation.pdbx_monochromatic_or_laue_m_l   M 
_diffrn_radiation.monochromator                    ? 
_diffrn_radiation.pdbx_diffrn_protocol             'SINGLE WAVELENGTH' 
_diffrn_radiation.pdbx_scattering_type             x-ray 
# 
_diffrn_radiation_wavelength.id           1 
_diffrn_radiation_wavelength.wavelength   0.97900 
_diffrn_radiation_wavelength.wt           1.0 
# 
_diffrn_source.diffrn_id                   1 
_diffrn_source.source                      SYNCHROTRON 
_diffrn_source.type                        'NSLS BEAMLINE X4A' 
_diffrn_source.pdbx_synchrotron_site       NSLS 
_diffrn_source.pdbx_synchrotron_beamline   X4A 
_diffrn_source.pdbx_wavelength             ? 
_diffrn_source.pdbx_wavelength_list        0.97900 
# 
_reflns.entry_id                     3BHP 
_reflns.observed_criterion_sigma_I   -3.0 
_reflns.observed_criterion_sigma_F   ? 
_reflns.d_resolution_low             30.0 
_reflns.d_resolution_high            2.0 
_reflns.number_obs                   26190 
_reflns.number_all                   ? 
_reflns.percent_possible_obs         98.9 
_reflns.pdbx_Rmerge_I_obs            0.058 
_reflns.pdbx_Rsym_value              ? 
_reflns.pdbx_netI_over_sigmaI        25.4 
_reflns.B_iso_Wilson_estimate        7.1 
_reflns.pdbx_redundancy              15.5 
_reflns.R_free_details               ? 
_reflns.limit_h_max                  ? 
_reflns.limit_h_min                  ? 
_reflns.limit_k_max                  ? 
_reflns.limit_k_min                  ? 
_reflns.limit_l_max                  ? 
_reflns.limit_l_min                  ? 
_reflns.observed_criterion_F_max     ? 
_reflns.observed_criterion_F_min     ? 
_reflns.pdbx_chi_squared             ? 
_reflns.pdbx_scaling_rejects         ? 
_reflns.pdbx_diffrn_id               1 
_reflns.pdbx_ordinal                 1 
# 
_reflns_shell.d_res_high             2.00 
_reflns_shell.d_res_low              2.07 
_reflns_shell.percent_possible_all   99.2 
_reflns_shell.Rmerge_I_obs           0.123 
_reflns_shell.pdbx_Rsym_value        ? 
_reflns_shell.meanI_over_sigI_obs    10.7 
_reflns_shell.pdbx_redundancy        ? 
_reflns_shell.percent_possible_obs   ? 
_reflns_shell.number_unique_all      ? 
_reflns_shell.number_measured_all    ? 
_reflns_shell.number_measured_obs    ? 
_reflns_shell.number_unique_obs      ? 
_reflns_shell.pdbx_chi_squared       ? 
_reflns_shell.pdbx_diffrn_id         ? 
_reflns_shell.pdbx_ordinal           1 
# 
_refine.entry_id                                 3BHP 
_refine.ls_number_reflns_obs                     26053 
_refine.ls_number_reflns_all                     26190 
_refine.pdbx_ls_sigma_I                          ? 
_refine.pdbx_ls_sigma_F                          1.0 
_refine.pdbx_data_cutoff_high_absF               660559.39 
_refine.pdbx_data_cutoff_low_absF                0.000000 
_refine.pdbx_data_cutoff_high_rms_absF           ? 
_refine.ls_d_res_low                             19.55 
_refine.ls_d_res_high                            2.01 
_refine.ls_percent_reflns_obs                    90.7 
_refine.ls_R_factor_obs                          0.2289 
_refine.ls_R_factor_all                          ? 
_refine.ls_R_factor_R_work                       0.2289 
_refine.ls_R_factor_R_free                       0.2623 
_refine.ls_R_factor_R_free_error                 0.005 
_refine.ls_R_factor_R_free_error_details         ? 
_refine.ls_percent_reflns_R_free                 9.3 
_refine.ls_number_reflns_R_free                  2246 
_refine.ls_number_parameters                     ? 
_refine.ls_number_restraints                     ? 
_refine.occupancy_min                            ? 
_refine.occupancy_max                            ? 
_refine.correlation_coeff_Fo_to_Fc               ? 
_refine.correlation_coeff_Fo_to_Fc_free          ? 
_refine.B_iso_mean                               25.9 
_refine.aniso_B[1][1]                            -5.991 
_refine.aniso_B[2][2]                            0.700 
_refine.aniso_B[3][3]                            5.291 
_refine.aniso_B[1][2]                            0.00 
_refine.aniso_B[1][3]                            2.001 
_refine.aniso_B[2][3]                            0.00 
_refine.solvent_model_details                    'FLAT MODEL' 
_refine.solvent_model_param_ksol                 0.45 
_refine.solvent_model_param_bsol                 62.6638 
_refine.pdbx_solvent_vdw_probe_radii             ? 
_refine.pdbx_solvent_ion_probe_radii             ? 
_refine.pdbx_solvent_shrinkage_radii             ? 
_refine.pdbx_ls_cross_valid_method               THROUGHOUT 
_refine.details                                  'The Friedel pairs were used in phasing. BULK SOLVENT MODEL USED IN REFINEMENT' 
_refine.pdbx_starting_model                      ? 
_refine.pdbx_method_to_determine_struct          SAD 
_refine.pdbx_isotropic_thermal_model             RESTRAINED 
_refine.pdbx_stereochemistry_target_values       'Engh & Huber' 
_refine.pdbx_stereochem_target_val_spec_case     ? 
_refine.pdbx_R_Free_selection_details            RANDOM 
_refine.pdbx_overall_ESU_R                       ? 
_refine.pdbx_overall_ESU_R_Free                  ? 
_refine.overall_SU_ML                            ? 
_refine.overall_SU_B                             ? 
_refine.ls_redundancy_reflns_obs                 ? 
_refine.B_iso_min                                ? 
_refine.B_iso_max                                ? 
_refine.overall_SU_R_Cruickshank_DPI             ? 
_refine.overall_SU_R_free                        ? 
_refine.ls_wR_factor_R_free                      ? 
_refine.ls_wR_factor_R_work                      ? 
_refine.overall_FOM_free_R_set                   ? 
_refine.overall_FOM_work_R_set                   ? 
_refine.pdbx_refine_id                           'X-RAY DIFFRACTION' 
_refine.pdbx_diffrn_id                           1 
_refine.pdbx_TLS_residual_ADP_flag               ? 
_refine.pdbx_overall_phase_error                 ? 
_refine.pdbx_overall_SU_R_free_Cruickshank_DPI   ? 
_refine.pdbx_overall_SU_R_Blow_DPI               ? 
_refine.pdbx_overall_SU_R_free_Blow_DPI          ? 
# 
_refine_analyze.entry_id                        3BHP 
_refine_analyze.Luzzati_coordinate_error_obs    0.23 
_refine_analyze.Luzzati_sigma_a_obs             -0.14 
_refine_analyze.Luzzati_d_res_low_obs           5.00 
_refine_analyze.Luzzati_coordinate_error_free   0.27 
_refine_analyze.Luzzati_sigma_a_free            ? 
_refine_analyze.Luzzati_d_res_low_free          ? 
_refine_analyze.number_disordered_residues      ? 
_refine_analyze.occupancy_sum_hydrogen          ? 
_refine_analyze.occupancy_sum_non_hydrogen      ? 
_refine_analyze.pdbx_Luzzati_d_res_high_obs     ? 
_refine_analyze.pdbx_refine_id                  'X-RAY DIFFRACTION' 
# 
_refine_hist.pdbx_refine_id                   'X-RAY DIFFRACTION' 
_refine_hist.cycle_id                         LAST 
_refine_hist.pdbx_number_atoms_protein        1211 
_refine_hist.pdbx_number_atoms_nucleic_acid   0 
_refine_hist.pdbx_number_atoms_ligand         0 
_refine_hist.number_atoms_solvent             196 
_refine_hist.number_atoms_total               1407 
_refine_hist.d_res_high                       2.01 
_refine_hist.d_res_low                        19.55 
# 
loop_
_refine_ls_restr.type 
_refine_ls_restr.dev_ideal 
_refine_ls_restr.dev_ideal_target 
_refine_ls_restr.weight 
_refine_ls_restr.number 
_refine_ls_restr.pdbx_refine_id 
_refine_ls_restr.pdbx_restraint_function 
c_bond_d           0.004672 ?    ? ? 'X-RAY DIFFRACTION' ? 
c_angle_deg        0.82237  ?    ? ? 'X-RAY DIFFRACTION' ? 
c_dihedral_angle_d 16.3     ?    ? ? 'X-RAY DIFFRACTION' ? 
c_improper_angle_d 0.63     ?    ? ? 'X-RAY DIFFRACTION' ? 
c_mcbond_it        1.519    1.50 ? ? 'X-RAY DIFFRACTION' ? 
c_mcangle_it       2.332    2.00 ? ? 'X-RAY DIFFRACTION' ? 
c_scbond_it        2.555    2.00 ? ? 'X-RAY DIFFRACTION' ? 
c_scangle_it       3.915    2.50 ? ? 'X-RAY DIFFRACTION' ? 
# 
_refine_ls_shell.pdbx_total_number_of_bins_used   6 
_refine_ls_shell.d_res_high                       2.01 
_refine_ls_shell.d_res_low                        2.13 
_refine_ls_shell.number_reflns_R_work             2864 
_refine_ls_shell.R_factor_R_work                  0.175 
_refine_ls_shell.percent_reflns_obs               70.2 
_refine_ls_shell.R_factor_R_free                  0.21 
_refine_ls_shell.R_factor_R_free_error            0.012 
_refine_ls_shell.percent_reflns_R_free            9.8 
_refine_ls_shell.number_reflns_R_free             312 
_refine_ls_shell.number_reflns_all                ? 
_refine_ls_shell.R_factor_all                     ? 
_refine_ls_shell.number_reflns_obs                ? 
_refine_ls_shell.redundancy_reflns_obs            ? 
_refine_ls_shell.pdbx_refine_id                   'X-RAY DIFFRACTION' 
# 
loop_
_pdbx_xplor_file.serial_no 
_pdbx_xplor_file.param_file 
_pdbx_xplor_file.topol_file 
_pdbx_xplor_file.pdbx_refine_id 
1 protein_rep.param protein.top 'X-RAY DIFFRACTION' 
2 water.param       water.top   'X-RAY DIFFRACTION' 
# 
_struct.entry_id                  3BHP 
_struct.title                     
;Crystal structure of UPF0291 protein ynzC from Bacillus subtilis at resolution 2.0 A. Northeast Structural Genomics Consortium target SR384
;
_struct.pdbx_model_details        ? 
_struct.pdbx_CASP_flag            N 
_struct.pdbx_model_type_details   ? 
# 
_struct_keywords.entry_id        3BHP 
_struct_keywords.pdbx_keywords   'STRUCTURAL GENOMICS, UNKNOWN FUNCTION' 
_struct_keywords.text            
;NESG, SR384, O31818, UPF0291 protein ynzC, Structural Genomics, PSI-2, Protein Structure Initiative, Northeast Structural Genomics Consortium, Cytoplasm, UNKNOWN FUNCTION
;
# 
loop_
_struct_asym.id 
_struct_asym.pdbx_blank_PDB_chainid_flag 
_struct_asym.pdbx_modified 
_struct_asym.entity_id 
_struct_asym.details 
A N N 1 ? 
B N N 1 ? 
C N N 1 ? 
D N N 2 ? 
E N N 2 ? 
F N N 2 ? 
# 
_struct_ref.id                         1 
_struct_ref.db_name                    UNP 
_struct_ref.db_code                    YNZC_BACSU 
_struct_ref.pdbx_db_accession          O31818 
_struct_ref.entity_id                  1 
_struct_ref.pdbx_seq_one_letter_code   MISNAKIARINELAAKAKAGVITEEEKAEQQKLRQEYLKGFRSSMKNTLKSV 
_struct_ref.pdbx_align_begin           1 
_struct_ref.pdbx_db_isoform            ? 
# 
loop_
_struct_ref_seq.align_id 
_struct_ref_seq.ref_id 
_struct_ref_seq.pdbx_PDB_id_code 
_struct_ref_seq.pdbx_strand_id 
_struct_ref_seq.seq_align_beg 
_struct_ref_seq.pdbx_seq_align_beg_ins_code 
_struct_ref_seq.seq_align_end 
_struct_ref_seq.pdbx_seq_align_end_ins_code 
_struct_ref_seq.pdbx_db_accession 
_struct_ref_seq.db_align_beg 
_struct_ref_seq.pdbx_db_align_beg_ins_code 
_struct_ref_seq.db_align_end 
_struct_ref_seq.pdbx_db_align_end_ins_code 
_struct_ref_seq.pdbx_auth_seq_align_beg 
_struct_ref_seq.pdbx_auth_seq_align_end 
1 1 3BHP A 1 ? 52 ? O31818 1 ? 52 ? 1 52 
2 1 3BHP B 1 ? 52 ? O31818 1 ? 52 ? 1 52 
3 1 3BHP C 1 ? 52 ? O31818 1 ? 52 ? 1 52 
# 
loop_
_struct_ref_seq_dif.align_id 
_struct_ref_seq_dif.pdbx_pdb_id_code 
_struct_ref_seq_dif.mon_id 
_struct_ref_seq_dif.pdbx_pdb_strand_id 
_struct_ref_seq_dif.seq_num 
_struct_ref_seq_dif.pdbx_pdb_ins_code 
_struct_ref_seq_dif.pdbx_seq_db_name 
_struct_ref_seq_dif.pdbx_seq_db_accession_code 
_struct_ref_seq_dif.db_mon_id 
_struct_ref_seq_dif.pdbx_seq_db_seq_num 
_struct_ref_seq_dif.details 
_struct_ref_seq_dif.pdbx_auth_seq_num 
_struct_ref_seq_dif.pdbx_ordinal 
1 3BHP LEU A 53 ? UNP O31818 ? ? 'expression tag' 53 1  
1 3BHP GLU A 54 ? UNP O31818 ? ? 'expression tag' 54 2  
1 3BHP HIS A 55 ? UNP O31818 ? ? 'expression tag' 55 3  
1 3BHP HIS A 56 ? UNP O31818 ? ? 'expression tag' 56 4  
1 3BHP HIS A 57 ? UNP O31818 ? ? 'expression tag' 57 5  
1 3BHP HIS A 58 ? UNP O31818 ? ? 'expression tag' 58 6  
1 3BHP HIS A 59 ? UNP O31818 ? ? 'expression tag' 59 7  
1 3BHP HIS A 60 ? UNP O31818 ? ? 'expression tag' 60 8  
2 3BHP LEU B 53 ? UNP O31818 ? ? 'expression tag' 53 9  
2 3BHP GLU B 54 ? UNP O31818 ? ? 'expression tag' 54 10 
2 3BHP HIS B 55 ? UNP O31818 ? ? 'expression tag' 55 11 
2 3BHP HIS B 56 ? UNP O31818 ? ? 'expression tag' 56 12 
2 3BHP HIS B 57 ? UNP O31818 ? ? 'expression tag' 57 13 
2 3BHP HIS B 58 ? UNP O31818 ? ? 'expression tag' 58 14 
2 3BHP HIS B 59 ? UNP O31818 ? ? 'expression tag' 59 15 
2 3BHP HIS B 60 ? UNP O31818 ? ? 'expression tag' 60 16 
3 3BHP LEU C 53 ? UNP O31818 ? ? 'expression tag' 53 17 
3 3BHP GLU C 54 ? UNP O31818 ? ? 'expression tag' 54 18 
3 3BHP HIS C 55 ? UNP O31818 ? ? 'expression tag' 55 19 
3 3BHP HIS C 56 ? UNP O31818 ? ? 'expression tag' 56 20 
3 3BHP HIS C 57 ? UNP O31818 ? ? 'expression tag' 57 21 
3 3BHP HIS C 58 ? UNP O31818 ? ? 'expression tag' 58 22 
3 3BHP HIS C 59 ? UNP O31818 ? ? 'expression tag' 59 23 
3 3BHP HIS C 60 ? UNP O31818 ? ? 'expression tag' 60 24 
# 
loop_
_pdbx_struct_assembly.id 
_pdbx_struct_assembly.details 
_pdbx_struct_assembly.method_details 
_pdbx_struct_assembly.oligomeric_details 
_pdbx_struct_assembly.oligomeric_count 
1 author_defined_assembly   ?    monomeric 1 
2 author_defined_assembly   ?    monomeric 1 
3 author_defined_assembly   ?    monomeric 1 
4 software_defined_assembly PISA trimeric  3 
# 
_pdbx_struct_assembly_prop.biol_id   4 
_pdbx_struct_assembly_prop.type      'ABSA (A^2)' 
_pdbx_struct_assembly_prop.value     4060 
_pdbx_struct_assembly_prop.details   ? 
# 
loop_
_pdbx_struct_assembly_gen.assembly_id 
_pdbx_struct_assembly_gen.oper_expression 
_pdbx_struct_assembly_gen.asym_id_list 
1 1 A,D         
2 1 B,E         
3 1 C,F         
4 1 A,B,C,D,E,F 
# 
_pdbx_struct_oper_list.id                   1 
_pdbx_struct_oper_list.type                 'identity operation' 
_pdbx_struct_oper_list.name                 1_555 
_pdbx_struct_oper_list.symmetry_operation   x,y,z 
_pdbx_struct_oper_list.matrix[1][1]         1.0000000000 
_pdbx_struct_oper_list.matrix[1][2]         0.0000000000 
_pdbx_struct_oper_list.matrix[1][3]         0.0000000000 
_pdbx_struct_oper_list.vector[1]            0.0000000000 
_pdbx_struct_oper_list.matrix[2][1]         0.0000000000 
_pdbx_struct_oper_list.matrix[2][2]         1.0000000000 
_pdbx_struct_oper_list.matrix[2][3]         0.0000000000 
_pdbx_struct_oper_list.vector[2]            0.0000000000 
_pdbx_struct_oper_list.matrix[3][1]         0.0000000000 
_pdbx_struct_oper_list.matrix[3][2]         0.0000000000 
_pdbx_struct_oper_list.matrix[3][3]         1.0000000000 
_pdbx_struct_oper_list.vector[3]            0.0000000000 
# 
_struct_biol.id        1 
_struct_biol.details   ? 
# 
loop_
_struct_conf.conf_type_id 
_struct_conf.id 
_struct_conf.pdbx_PDB_helix_id 
_struct_conf.beg_label_comp_id 
_struct_conf.beg_label_asym_id 
_struct_conf.beg_label_seq_id 
_struct_conf.pdbx_beg_PDB_ins_code 
_struct_conf.end_label_comp_id 
_struct_conf.end_label_asym_id 
_struct_conf.end_label_seq_id 
_struct_conf.pdbx_end_PDB_ins_code 
_struct_conf.beg_auth_comp_id 
_struct_conf.beg_auth_asym_id 
_struct_conf.beg_auth_seq_id 
_struct_conf.end_auth_comp_id 
_struct_conf.end_auth_asym_id 
_struct_conf.end_auth_seq_id 
_struct_conf.pdbx_PDB_helix_class 
_struct_conf.details 
_struct_conf.pdbx_PDB_helix_length 
HELX_P HELX_P1 1 SER A 3  ? ALA A 19 ? SER A 3  ALA A 19 1 ? 17 
HELX_P HELX_P2 2 THR A 23 ? LEU A 49 ? THR A 23 LEU A 49 1 ? 27 
HELX_P HELX_P3 3 SER B 3  ? ALA B 19 ? SER B 3  ALA B 19 1 ? 17 
HELX_P HELX_P4 4 THR B 23 ? GLY B 40 ? THR B 23 GLY B 40 1 ? 18 
HELX_P HELX_P5 5 PHE B 41 ? THR B 48 ? PHE B 41 THR B 48 1 ? 8  
HELX_P HELX_P6 6 SER C 3  ? ALA C 19 ? SER C 3  ALA C 19 1 ? 17 
HELX_P HELX_P7 7 THR C 23 ? GLY C 40 ? THR C 23 GLY C 40 1 ? 18 
HELX_P HELX_P8 8 PHE C 41 ? ASN C 47 ? PHE C 41 ASN C 47 1 ? 7  
# 
_struct_conf_type.id          HELX_P 
_struct_conf_type.criteria    ? 
_struct_conf_type.reference   ? 
# 
loop_
_struct_conn.id 
_struct_conn.conn_type_id 
_struct_conn.pdbx_leaving_atom_flag 
_struct_conn.pdbx_PDB_id 
_struct_conn.ptnr1_label_asym_id 
_struct_conn.ptnr1_label_comp_id 
_struct_conn.ptnr1_label_seq_id 
_struct_conn.ptnr1_label_atom_id 
_struct_conn.pdbx_ptnr1_label_alt_id 
_struct_conn.pdbx_ptnr1_PDB_ins_code 
_struct_conn.pdbx_ptnr1_standard_comp_id 
_struct_conn.ptnr1_symmetry 
_struct_conn.ptnr2_label_asym_id 
_struct_conn.ptnr2_label_comp_id 
_struct_conn.ptnr2_label_seq_id 
_struct_conn.ptnr2_label_atom_id 
_struct_conn.pdbx_ptnr2_label_alt_id 
_struct_conn.pdbx_ptnr2_PDB_ins_code 
_struct_conn.ptnr1_auth_asym_id 
_struct_conn.ptnr1_auth_comp_id 
_struct_conn.ptnr1_auth_seq_id 
_struct_conn.ptnr2_auth_asym_id 
_struct_conn.ptnr2_auth_comp_id 
_struct_conn.ptnr2_auth_seq_id 
_struct_conn.ptnr2_symmetry 
_struct_conn.pdbx_ptnr3_label_atom_id 
_struct_conn.pdbx_ptnr3_label_seq_id 
_struct_conn.pdbx_ptnr3_label_comp_id 
_struct_conn.pdbx_ptnr3_label_asym_id 
_struct_conn.pdbx_ptnr3_label_alt_id 
_struct_conn.pdbx_ptnr3_PDB_ins_code 
_struct_conn.details 
_struct_conn.pdbx_dist_value 
_struct_conn.pdbx_value_order 
_struct_conn.pdbx_role 
covale1 covale both ? A MSE 1  C ? ? ? 1_555 A ILE 2  N ? ? A MSE 1  A ILE 2  1_555 ? ? ? ? ? ? ? 1.330 ? ? 
covale2 covale both ? A SER 44 C ? ? ? 1_555 A MSE 45 N ? ? A SER 44 A MSE 45 1_555 ? ? ? ? ? ? ? 1.329 ? ? 
covale3 covale both ? A MSE 45 C ? ? ? 1_555 A LYS 46 N ? ? A MSE 45 A LYS 46 1_555 ? ? ? ? ? ? ? 1.328 ? ? 
covale4 covale both ? B MSE 1  C ? ? ? 1_555 B ILE 2  N ? ? B MSE 1  B ILE 2  1_555 ? ? ? ? ? ? ? 1.330 ? ? 
covale5 covale both ? B SER 44 C ? ? ? 1_555 B MSE 45 N ? ? B SER 44 B MSE 45 1_555 ? ? ? ? ? ? ? 1.328 ? ? 
covale6 covale both ? B MSE 45 C ? ? ? 1_555 B LYS 46 N ? ? B MSE 45 B LYS 46 1_555 ? ? ? ? ? ? ? 1.331 ? ? 
covale7 covale both ? C MSE 1  C ? ? ? 1_555 C ILE 2  N ? ? C MSE 1  C ILE 2  1_555 ? ? ? ? ? ? ? 1.328 ? ? 
covale8 covale both ? C SER 44 C ? ? ? 1_555 C MSE 45 N ? ? C SER 44 C MSE 45 1_555 ? ? ? ? ? ? ? 1.329 ? ? 
covale9 covale both ? C MSE 45 C ? ? ? 1_555 C LYS 46 N ? ? C MSE 45 C LYS 46 1_555 ? ? ? ? ? ? ? 1.329 ? ? 
# 
_struct_conn_type.id          covale 
_struct_conn_type.criteria    ? 
_struct_conn_type.reference   ? 
# 
loop_
_pdbx_modification_feature.ordinal 
_pdbx_modification_feature.label_comp_id 
_pdbx_modification_feature.label_asym_id 
_pdbx_modification_feature.label_seq_id 
_pdbx_modification_feature.label_alt_id 
_pdbx_modification_feature.modified_residue_label_comp_id 
_pdbx_modification_feature.modified_residue_label_asym_id 
_pdbx_modification_feature.modified_residue_label_seq_id 
_pdbx_modification_feature.modified_residue_label_alt_id 
_pdbx_modification_feature.auth_comp_id 
_pdbx_modification_feature.auth_asym_id 
_pdbx_modification_feature.auth_seq_id 
_pdbx_modification_feature.PDB_ins_code 
_pdbx_modification_feature.symmetry 
_pdbx_modification_feature.modified_residue_auth_comp_id 
_pdbx_modification_feature.modified_residue_auth_asym_id 
_pdbx_modification_feature.modified_residue_auth_seq_id 
_pdbx_modification_feature.modified_residue_PDB_ins_code 
_pdbx_modification_feature.modified_residue_symmetry 
_pdbx_modification_feature.comp_id_linking_atom 
_pdbx_modification_feature.modified_residue_id_linking_atom 
_pdbx_modification_feature.modified_residue_id 
_pdbx_modification_feature.ref_pcm_id 
_pdbx_modification_feature.ref_comp_id 
_pdbx_modification_feature.type 
_pdbx_modification_feature.category 
1 MSE A 1  ? . . . . MSE A 1  ? 1_555 . . . . . . . MET 1 MSE Selenomethionine 'Named protein modification' 
2 MSE A 45 ? . . . . MSE A 45 ? 1_555 . . . . . . . MET 1 MSE Selenomethionine 'Named protein modification' 
3 MSE B 1  ? . . . . MSE B 1  ? 1_555 . . . . . . . MET 1 MSE Selenomethionine 'Named protein modification' 
4 MSE B 45 ? . . . . MSE B 45 ? 1_555 . . . . . . . MET 1 MSE Selenomethionine 'Named protein modification' 
5 MSE C 1  ? . . . . MSE C 1  ? 1_555 . . . . . . . MET 1 MSE Selenomethionine 'Named protein modification' 
6 MSE C 45 ? . . . . MSE C 45 ? 1_555 . . . . . . . MET 1 MSE Selenomethionine 'Named protein modification' 
# 
_pdbx_entry_details.entry_id                   3BHP 
_pdbx_entry_details.compound_details           ? 
_pdbx_entry_details.source_details             ? 
_pdbx_entry_details.nonpolymer_details         ? 
_pdbx_entry_details.sequence_details           ? 
_pdbx_entry_details.has_ligand_of_interest     ? 
_pdbx_entry_details.has_protein_modification   Y 
# 
loop_
_pdbx_validate_torsion.id 
_pdbx_validate_torsion.PDB_model_num 
_pdbx_validate_torsion.auth_comp_id 
_pdbx_validate_torsion.auth_asym_id 
_pdbx_validate_torsion.auth_seq_id 
_pdbx_validate_torsion.PDB_ins_code 
_pdbx_validate_torsion.label_alt_id 
_pdbx_validate_torsion.phi 
_pdbx_validate_torsion.psi 
1 1 LEU C 49 ? ? -141.02 -7.03   
2 1 LYS C 50 ? ? 62.55   94.68   
3 1 SER C 51 ? ? 56.37   -145.76 
4 1 LEU C 53 ? ? 40.83   79.86   
# 
_pdbx_SG_project.id                    1 
_pdbx_SG_project.project_name          'PSI, Protein Structure Initiative' 
_pdbx_SG_project.full_name_of_center   'Northeast Structural Genomics Consortium' 
_pdbx_SG_project.initial_of_center     NESG 
# 
loop_
_pdbx_struct_mod_residue.id 
_pdbx_struct_mod_residue.label_asym_id 
_pdbx_struct_mod_residue.label_comp_id 
_pdbx_struct_mod_residue.label_seq_id 
_pdbx_struct_mod_residue.auth_asym_id 
_pdbx_struct_mod_residue.auth_comp_id 
_pdbx_struct_mod_residue.auth_seq_id 
_pdbx_struct_mod_residue.PDB_ins_code 
_pdbx_struct_mod_residue.parent_comp_id 
_pdbx_struct_mod_residue.details 
1 A MSE 1  A MSE 1  ? MET SELENOMETHIONINE 
2 A MSE 45 A MSE 45 ? MET SELENOMETHIONINE 
3 B MSE 1  B MSE 1  ? MET SELENOMETHIONINE 
4 B MSE 45 B MSE 45 ? MET SELENOMETHIONINE 
5 C MSE 1  C MSE 1  ? MET SELENOMETHIONINE 
6 C MSE 45 C MSE 45 ? MET SELENOMETHIONINE 
# 
_pdbx_struct_special_symmetry.id              1 
_pdbx_struct_special_symmetry.PDB_model_num   1 
_pdbx_struct_special_symmetry.auth_asym_id    A 
_pdbx_struct_special_symmetry.auth_comp_id    HOH 
_pdbx_struct_special_symmetry.auth_seq_id     117 
_pdbx_struct_special_symmetry.PDB_ins_code    ? 
_pdbx_struct_special_symmetry.label_asym_id   D 
_pdbx_struct_special_symmetry.label_comp_id   HOH 
_pdbx_struct_special_symmetry.label_seq_id    . 
# 
loop_
_pdbx_unobs_or_zero_occ_residues.id 
_pdbx_unobs_or_zero_occ_residues.PDB_model_num 
_pdbx_unobs_or_zero_occ_residues.polymer_flag 
_pdbx_unobs_or_zero_occ_residues.occupancy_flag 
_pdbx_unobs_or_zero_occ_residues.auth_asym_id 
_pdbx_unobs_or_zero_occ_residues.auth_comp_id 
_pdbx_unobs_or_zero_occ_residues.auth_seq_id 
_pdbx_unobs_or_zero_occ_residues.PDB_ins_code 
_pdbx_unobs_or_zero_occ_residues.label_asym_id 
_pdbx_unobs_or_zero_occ_residues.label_comp_id 
_pdbx_unobs_or_zero_occ_residues.label_seq_id 
1  1 Y 1 A LEU 53 ? A LEU 53 
2  1 Y 1 A GLU 54 ? A GLU 54 
3  1 Y 1 A HIS 55 ? A HIS 55 
4  1 Y 1 A HIS 56 ? A HIS 56 
5  1 Y 1 A HIS 57 ? A HIS 57 
6  1 Y 1 A HIS 58 ? A HIS 58 
7  1 Y 1 A HIS 59 ? A HIS 59 
8  1 Y 1 A HIS 60 ? A HIS 60 
9  1 Y 1 B LEU 49 ? B LEU 49 
10 1 Y 1 B LYS 50 ? B LYS 50 
11 1 Y 1 B SER 51 ? B SER 51 
12 1 Y 1 B VAL 52 ? B VAL 52 
13 1 Y 1 B LEU 53 ? B LEU 53 
14 1 Y 1 B GLU 54 ? B GLU 54 
15 1 Y 1 B HIS 55 ? B HIS 55 
16 1 Y 1 B HIS 56 ? B HIS 56 
17 1 Y 1 B HIS 57 ? B HIS 57 
18 1 Y 1 B HIS 58 ? B HIS 58 
19 1 Y 1 B HIS 59 ? B HIS 59 
20 1 Y 1 B HIS 60 ? B HIS 60 
21 1 Y 1 C HIS 55 ? C HIS 55 
22 1 Y 1 C HIS 56 ? C HIS 56 
23 1 Y 1 C HIS 57 ? C HIS 57 
24 1 Y 1 C HIS 58 ? C HIS 58 
25 1 Y 1 C HIS 59 ? C HIS 59 
26 1 Y 1 C HIS 60 ? C HIS 60 
# 
loop_
_chem_comp_atom.comp_id 
_chem_comp_atom.atom_id 
_chem_comp_atom.type_symbol 
_chem_comp_atom.pdbx_aromatic_flag 
_chem_comp_atom.pdbx_stereo_config 
_chem_comp_atom.pdbx_ordinal 
ALA N    N  N N 1   
ALA CA   C  N S 2   
ALA C    C  N N 3   
ALA O    O  N N 4   
ALA CB   C  N N 5   
ALA OXT  O  N N 6   
ALA H    H  N N 7   
ALA H2   H  N N 8   
ALA HA   H  N N 9   
ALA HB1  H  N N 10  
ALA HB2  H  N N 11  
ALA HB3  H  N N 12  
ALA HXT  H  N N 13  
ARG N    N  N N 14  
ARG CA   C  N S 15  
ARG C    C  N N 16  
ARG O    O  N N 17  
ARG CB   C  N N 18  
ARG CG   C  N N 19  
ARG CD   C  N N 20  
ARG NE   N  N N 21  
ARG CZ   C  N N 22  
ARG NH1  N  N N 23  
ARG NH2  N  N N 24  
ARG OXT  O  N N 25  
ARG H    H  N N 26  
ARG H2   H  N N 27  
ARG HA   H  N N 28  
ARG HB2  H  N N 29  
ARG HB3  H  N N 30  
ARG HG2  H  N N 31  
ARG HG3  H  N N 32  
ARG HD2  H  N N 33  
ARG HD3  H  N N 34  
ARG HE   H  N N 35  
ARG HH11 H  N N 36  
ARG HH12 H  N N 37  
ARG HH21 H  N N 38  
ARG HH22 H  N N 39  
ARG HXT  H  N N 40  
ASN N    N  N N 41  
ASN CA   C  N S 42  
ASN C    C  N N 43  
ASN O    O  N N 44  
ASN CB   C  N N 45  
ASN CG   C  N N 46  
ASN OD1  O  N N 47  
ASN ND2  N  N N 48  
ASN OXT  O  N N 49  
ASN H    H  N N 50  
ASN H2   H  N N 51  
ASN HA   H  N N 52  
ASN HB2  H  N N 53  
ASN HB3  H  N N 54  
ASN HD21 H  N N 55  
ASN HD22 H  N N 56  
ASN HXT  H  N N 57  
GLN N    N  N N 58  
GLN CA   C  N S 59  
GLN C    C  N N 60  
GLN O    O  N N 61  
GLN CB   C  N N 62  
GLN CG   C  N N 63  
GLN CD   C  N N 64  
GLN OE1  O  N N 65  
GLN NE2  N  N N 66  
GLN OXT  O  N N 67  
GLN H    H  N N 68  
GLN H2   H  N N 69  
GLN HA   H  N N 70  
GLN HB2  H  N N 71  
GLN HB3  H  N N 72  
GLN HG2  H  N N 73  
GLN HG3  H  N N 74  
GLN HE21 H  N N 75  
GLN HE22 H  N N 76  
GLN HXT  H  N N 77  
GLU N    N  N N 78  
GLU CA   C  N S 79  
GLU C    C  N N 80  
GLU O    O  N N 81  
GLU CB   C  N N 82  
GLU CG   C  N N 83  
GLU CD   C  N N 84  
GLU OE1  O  N N 85  
GLU OE2  O  N N 86  
GLU OXT  O  N N 87  
GLU H    H  N N 88  
GLU H2   H  N N 89  
GLU HA   H  N N 90  
GLU HB2  H  N N 91  
GLU HB3  H  N N 92  
GLU HG2  H  N N 93  
GLU HG3  H  N N 94  
GLU HE2  H  N N 95  
GLU HXT  H  N N 96  
GLY N    N  N N 97  
GLY CA   C  N N 98  
GLY C    C  N N 99  
GLY O    O  N N 100 
GLY OXT  O  N N 101 
GLY H    H  N N 102 
GLY H2   H  N N 103 
GLY HA2  H  N N 104 
GLY HA3  H  N N 105 
GLY HXT  H  N N 106 
HIS N    N  N N 107 
HIS CA   C  N S 108 
HIS C    C  N N 109 
HIS O    O  N N 110 
HIS CB   C  N N 111 
HIS CG   C  Y N 112 
HIS ND1  N  Y N 113 
HIS CD2  C  Y N 114 
HIS CE1  C  Y N 115 
HIS NE2  N  Y N 116 
HIS OXT  O  N N 117 
HIS H    H  N N 118 
HIS H2   H  N N 119 
HIS HA   H  N N 120 
HIS HB2  H  N N 121 
HIS HB3  H  N N 122 
HIS HD1  H  N N 123 
HIS HD2  H  N N 124 
HIS HE1  H  N N 125 
HIS HE2  H  N N 126 
HIS HXT  H  N N 127 
HOH O    O  N N 128 
HOH H1   H  N N 129 
HOH H2   H  N N 130 
ILE N    N  N N 131 
ILE CA   C  N S 132 
ILE C    C  N N 133 
ILE O    O  N N 134 
ILE CB   C  N S 135 
ILE CG1  C  N N 136 
ILE CG2  C  N N 137 
ILE CD1  C  N N 138 
ILE OXT  O  N N 139 
ILE H    H  N N 140 
ILE H2   H  N N 141 
ILE HA   H  N N 142 
ILE HB   H  N N 143 
ILE HG12 H  N N 144 
ILE HG13 H  N N 145 
ILE HG21 H  N N 146 
ILE HG22 H  N N 147 
ILE HG23 H  N N 148 
ILE HD11 H  N N 149 
ILE HD12 H  N N 150 
ILE HD13 H  N N 151 
ILE HXT  H  N N 152 
LEU N    N  N N 153 
LEU CA   C  N S 154 
LEU C    C  N N 155 
LEU O    O  N N 156 
LEU CB   C  N N 157 
LEU CG   C  N N 158 
LEU CD1  C  N N 159 
LEU CD2  C  N N 160 
LEU OXT  O  N N 161 
LEU H    H  N N 162 
LEU H2   H  N N 163 
LEU HA   H  N N 164 
LEU HB2  H  N N 165 
LEU HB3  H  N N 166 
LEU HG   H  N N 167 
LEU HD11 H  N N 168 
LEU HD12 H  N N 169 
LEU HD13 H  N N 170 
LEU HD21 H  N N 171 
LEU HD22 H  N N 172 
LEU HD23 H  N N 173 
LEU HXT  H  N N 174 
LYS N    N  N N 175 
LYS CA   C  N S 176 
LYS C    C  N N 177 
LYS O    O  N N 178 
LYS CB   C  N N 179 
LYS CG   C  N N 180 
LYS CD   C  N N 181 
LYS CE   C  N N 182 
LYS NZ   N  N N 183 
LYS OXT  O  N N 184 
LYS H    H  N N 185 
LYS H2   H  N N 186 
LYS HA   H  N N 187 
LYS HB2  H  N N 188 
LYS HB3  H  N N 189 
LYS HG2  H  N N 190 
LYS HG3  H  N N 191 
LYS HD2  H  N N 192 
LYS HD3  H  N N 193 
LYS HE2  H  N N 194 
LYS HE3  H  N N 195 
LYS HZ1  H  N N 196 
LYS HZ2  H  N N 197 
LYS HZ3  H  N N 198 
LYS HXT  H  N N 199 
MSE N    N  N N 200 
MSE CA   C  N S 201 
MSE C    C  N N 202 
MSE O    O  N N 203 
MSE OXT  O  N N 204 
MSE CB   C  N N 205 
MSE CG   C  N N 206 
MSE SE   SE N N 207 
MSE CE   C  N N 208 
MSE H    H  N N 209 
MSE H2   H  N N 210 
MSE HA   H  N N 211 
MSE HXT  H  N N 212 
MSE HB2  H  N N 213 
MSE HB3  H  N N 214 
MSE HG2  H  N N 215 
MSE HG3  H  N N 216 
MSE HE1  H  N N 217 
MSE HE2  H  N N 218 
MSE HE3  H  N N 219 
PHE N    N  N N 220 
PHE CA   C  N S 221 
PHE C    C  N N 222 
PHE O    O  N N 223 
PHE CB   C  N N 224 
PHE CG   C  Y N 225 
PHE CD1  C  Y N 226 
PHE CD2  C  Y N 227 
PHE CE1  C  Y N 228 
PHE CE2  C  Y N 229 
PHE CZ   C  Y N 230 
PHE OXT  O  N N 231 
PHE H    H  N N 232 
PHE H2   H  N N 233 
PHE HA   H  N N 234 
PHE HB2  H  N N 235 
PHE HB3  H  N N 236 
PHE HD1  H  N N 237 
PHE HD2  H  N N 238 
PHE HE1  H  N N 239 
PHE HE2  H  N N 240 
PHE HZ   H  N N 241 
PHE HXT  H  N N 242 
SER N    N  N N 243 
SER CA   C  N S 244 
SER C    C  N N 245 
SER O    O  N N 246 
SER CB   C  N N 247 
SER OG   O  N N 248 
SER OXT  O  N N 249 
SER H    H  N N 250 
SER H2   H  N N 251 
SER HA   H  N N 252 
SER HB2  H  N N 253 
SER HB3  H  N N 254 
SER HG   H  N N 255 
SER HXT  H  N N 256 
THR N    N  N N 257 
THR CA   C  N S 258 
THR C    C  N N 259 
THR O    O  N N 260 
THR CB   C  N R 261 
THR OG1  O  N N 262 
THR CG2  C  N N 263 
THR OXT  O  N N 264 
THR H    H  N N 265 
THR H2   H  N N 266 
THR HA   H  N N 267 
THR HB   H  N N 268 
THR HG1  H  N N 269 
THR HG21 H  N N 270 
THR HG22 H  N N 271 
THR HG23 H  N N 272 
THR HXT  H  N N 273 
TYR N    N  N N 274 
TYR CA   C  N S 275 
TYR C    C  N N 276 
TYR O    O  N N 277 
TYR CB   C  N N 278 
TYR CG   C  Y N 279 
TYR CD1  C  Y N 280 
TYR CD2  C  Y N 281 
TYR CE1  C  Y N 282 
TYR CE2  C  Y N 283 
TYR CZ   C  Y N 284 
TYR OH   O  N N 285 
TYR OXT  O  N N 286 
TYR H    H  N N 287 
TYR H2   H  N N 288 
TYR HA   H  N N 289 
TYR HB2  H  N N 290 
TYR HB3  H  N N 291 
TYR HD1  H  N N 292 
TYR HD2  H  N N 293 
TYR HE1  H  N N 294 
TYR HE2  H  N N 295 
TYR HH   H  N N 296 
TYR HXT  H  N N 297 
VAL N    N  N N 298 
VAL CA   C  N S 299 
VAL C    C  N N 300 
VAL O    O  N N 301 
VAL CB   C  N N 302 
VAL CG1  C  N N 303 
VAL CG2  C  N N 304 
VAL OXT  O  N N 305 
VAL H    H  N N 306 
VAL H2   H  N N 307 
VAL HA   H  N N 308 
VAL HB   H  N N 309 
VAL HG11 H  N N 310 
VAL HG12 H  N N 311 
VAL HG13 H  N N 312 
VAL HG21 H  N N 313 
VAL HG22 H  N N 314 
VAL HG23 H  N N 315 
VAL HXT  H  N N 316 
# 
loop_
_chem_comp_bond.comp_id 
_chem_comp_bond.atom_id_1 
_chem_comp_bond.atom_id_2 
_chem_comp_bond.value_order 
_chem_comp_bond.pdbx_aromatic_flag 
_chem_comp_bond.pdbx_stereo_config 
_chem_comp_bond.pdbx_ordinal 
ALA N   CA   sing N N 1   
ALA N   H    sing N N 2   
ALA N   H2   sing N N 3   
ALA CA  C    sing N N 4   
ALA CA  CB   sing N N 5   
ALA CA  HA   sing N N 6   
ALA C   O    doub N N 7   
ALA C   OXT  sing N N 8   
ALA CB  HB1  sing N N 9   
ALA CB  HB2  sing N N 10  
ALA CB  HB3  sing N N 11  
ALA OXT HXT  sing N N 12  
ARG N   CA   sing N N 13  
ARG N   H    sing N N 14  
ARG N   H2   sing N N 15  
ARG CA  C    sing N N 16  
ARG CA  CB   sing N N 17  
ARG CA  HA   sing N N 18  
ARG C   O    doub N N 19  
ARG C   OXT  sing N N 20  
ARG CB  CG   sing N N 21  
ARG CB  HB2  sing N N 22  
ARG CB  HB3  sing N N 23  
ARG CG  CD   sing N N 24  
ARG CG  HG2  sing N N 25  
ARG CG  HG3  sing N N 26  
ARG CD  NE   sing N N 27  
ARG CD  HD2  sing N N 28  
ARG CD  HD3  sing N N 29  
ARG NE  CZ   sing N N 30  
ARG NE  HE   sing N N 31  
ARG CZ  NH1  sing N N 32  
ARG CZ  NH2  doub N N 33  
ARG NH1 HH11 sing N N 34  
ARG NH1 HH12 sing N N 35  
ARG NH2 HH21 sing N N 36  
ARG NH2 HH22 sing N N 37  
ARG OXT HXT  sing N N 38  
ASN N   CA   sing N N 39  
ASN N   H    sing N N 40  
ASN N   H2   sing N N 41  
ASN CA  C    sing N N 42  
ASN CA  CB   sing N N 43  
ASN CA  HA   sing N N 44  
ASN C   O    doub N N 45  
ASN C   OXT  sing N N 46  
ASN CB  CG   sing N N 47  
ASN CB  HB2  sing N N 48  
ASN CB  HB3  sing N N 49  
ASN CG  OD1  doub N N 50  
ASN CG  ND2  sing N N 51  
ASN ND2 HD21 sing N N 52  
ASN ND2 HD22 sing N N 53  
ASN OXT HXT  sing N N 54  
GLN N   CA   sing N N 55  
GLN N   H    sing N N 56  
GLN N   H2   sing N N 57  
GLN CA  C    sing N N 58  
GLN CA  CB   sing N N 59  
GLN CA  HA   sing N N 60  
GLN C   O    doub N N 61  
GLN C   OXT  sing N N 62  
GLN CB  CG   sing N N 63  
GLN CB  HB2  sing N N 64  
GLN CB  HB3  sing N N 65  
GLN CG  CD   sing N N 66  
GLN CG  HG2  sing N N 67  
GLN CG  HG3  sing N N 68  
GLN CD  OE1  doub N N 69  
GLN CD  NE2  sing N N 70  
GLN NE2 HE21 sing N N 71  
GLN NE2 HE22 sing N N 72  
GLN OXT HXT  sing N N 73  
GLU N   CA   sing N N 74  
GLU N   H    sing N N 75  
GLU N   H2   sing N N 76  
GLU CA  C    sing N N 77  
GLU CA  CB   sing N N 78  
GLU CA  HA   sing N N 79  
GLU C   O    doub N N 80  
GLU C   OXT  sing N N 81  
GLU CB  CG   sing N N 82  
GLU CB  HB2  sing N N 83  
GLU CB  HB3  sing N N 84  
GLU CG  CD   sing N N 85  
GLU CG  HG2  sing N N 86  
GLU CG  HG3  sing N N 87  
GLU CD  OE1  doub N N 88  
GLU CD  OE2  sing N N 89  
GLU OE2 HE2  sing N N 90  
GLU OXT HXT  sing N N 91  
GLY N   CA   sing N N 92  
GLY N   H    sing N N 93  
GLY N   H2   sing N N 94  
GLY CA  C    sing N N 95  
GLY CA  HA2  sing N N 96  
GLY CA  HA3  sing N N 97  
GLY C   O    doub N N 98  
GLY C   OXT  sing N N 99  
GLY OXT HXT  sing N N 100 
HIS N   CA   sing N N 101 
HIS N   H    sing N N 102 
HIS N   H2   sing N N 103 
HIS CA  C    sing N N 104 
HIS CA  CB   sing N N 105 
HIS CA  HA   sing N N 106 
HIS C   O    doub N N 107 
HIS C   OXT  sing N N 108 
HIS CB  CG   sing N N 109 
HIS CB  HB2  sing N N 110 
HIS CB  HB3  sing N N 111 
HIS CG  ND1  sing Y N 112 
HIS CG  CD2  doub Y N 113 
HIS ND1 CE1  doub Y N 114 
HIS ND1 HD1  sing N N 115 
HIS CD2 NE2  sing Y N 116 
HIS CD2 HD2  sing N N 117 
HIS CE1 NE2  sing Y N 118 
HIS CE1 HE1  sing N N 119 
HIS NE2 HE2  sing N N 120 
HIS OXT HXT  sing N N 121 
HOH O   H1   sing N N 122 
HOH O   H2   sing N N 123 
ILE N   CA   sing N N 124 
ILE N   H    sing N N 125 
ILE N   H2   sing N N 126 
ILE CA  C    sing N N 127 
ILE CA  CB   sing N N 128 
ILE CA  HA   sing N N 129 
ILE C   O    doub N N 130 
ILE C   OXT  sing N N 131 
ILE CB  CG1  sing N N 132 
ILE CB  CG2  sing N N 133 
ILE CB  HB   sing N N 134 
ILE CG1 CD1  sing N N 135 
ILE CG1 HG12 sing N N 136 
ILE CG1 HG13 sing N N 137 
ILE CG2 HG21 sing N N 138 
ILE CG2 HG22 sing N N 139 
ILE CG2 HG23 sing N N 140 
ILE CD1 HD11 sing N N 141 
ILE CD1 HD12 sing N N 142 
ILE CD1 HD13 sing N N 143 
ILE OXT HXT  sing N N 144 
LEU N   CA   sing N N 145 
LEU N   H    sing N N 146 
LEU N   H2   sing N N 147 
LEU CA  C    sing N N 148 
LEU CA  CB   sing N N 149 
LEU CA  HA   sing N N 150 
LEU C   O    doub N N 151 
LEU C   OXT  sing N N 152 
LEU CB  CG   sing N N 153 
LEU CB  HB2  sing N N 154 
LEU CB  HB3  sing N N 155 
LEU CG  CD1  sing N N 156 
LEU CG  CD2  sing N N 157 
LEU CG  HG   sing N N 158 
LEU CD1 HD11 sing N N 159 
LEU CD1 HD12 sing N N 160 
LEU CD1 HD13 sing N N 161 
LEU CD2 HD21 sing N N 162 
LEU CD2 HD22 sing N N 163 
LEU CD2 HD23 sing N N 164 
LEU OXT HXT  sing N N 165 
LYS N   CA   sing N N 166 
LYS N   H    sing N N 167 
LYS N   H2   sing N N 168 
LYS CA  C    sing N N 169 
LYS CA  CB   sing N N 170 
LYS CA  HA   sing N N 171 
LYS C   O    doub N N 172 
LYS C   OXT  sing N N 173 
LYS CB  CG   sing N N 174 
LYS CB  HB2  sing N N 175 
LYS CB  HB3  sing N N 176 
LYS CG  CD   sing N N 177 
LYS CG  HG2  sing N N 178 
LYS CG  HG3  sing N N 179 
LYS CD  CE   sing N N 180 
LYS CD  HD2  sing N N 181 
LYS CD  HD3  sing N N 182 
LYS CE  NZ   sing N N 183 
LYS CE  HE2  sing N N 184 
LYS CE  HE3  sing N N 185 
LYS NZ  HZ1  sing N N 186 
LYS NZ  HZ2  sing N N 187 
LYS NZ  HZ3  sing N N 188 
LYS OXT HXT  sing N N 189 
MSE N   CA   sing N N 190 
MSE N   H    sing N N 191 
MSE N   H2   sing N N 192 
MSE CA  C    sing N N 193 
MSE CA  CB   sing N N 194 
MSE CA  HA   sing N N 195 
MSE C   O    doub N N 196 
MSE C   OXT  sing N N 197 
MSE OXT HXT  sing N N 198 
MSE CB  CG   sing N N 199 
MSE CB  HB2  sing N N 200 
MSE CB  HB3  sing N N 201 
MSE CG  SE   sing N N 202 
MSE CG  HG2  sing N N 203 
MSE CG  HG3  sing N N 204 
MSE SE  CE   sing N N 205 
MSE CE  HE1  sing N N 206 
MSE CE  HE2  sing N N 207 
MSE CE  HE3  sing N N 208 
PHE N   CA   sing N N 209 
PHE N   H    sing N N 210 
PHE N   H2   sing N N 211 
PHE CA  C    sing N N 212 
PHE CA  CB   sing N N 213 
PHE CA  HA   sing N N 214 
PHE C   O    doub N N 215 
PHE C   OXT  sing N N 216 
PHE CB  CG   sing N N 217 
PHE CB  HB2  sing N N 218 
PHE CB  HB3  sing N N 219 
PHE CG  CD1  doub Y N 220 
PHE CG  CD2  sing Y N 221 
PHE CD1 CE1  sing Y N 222 
PHE CD1 HD1  sing N N 223 
PHE CD2 CE2  doub Y N 224 
PHE CD2 HD2  sing N N 225 
PHE CE1 CZ   doub Y N 226 
PHE CE1 HE1  sing N N 227 
PHE CE2 CZ   sing Y N 228 
PHE CE2 HE2  sing N N 229 
PHE CZ  HZ   sing N N 230 
PHE OXT HXT  sing N N 231 
SER N   CA   sing N N 232 
SER N   H    sing N N 233 
SER N   H2   sing N N 234 
SER CA  C    sing N N 235 
SER CA  CB   sing N N 236 
SER CA  HA   sing N N 237 
SER C   O    doub N N 238 
SER C   OXT  sing N N 239 
SER CB  OG   sing N N 240 
SER CB  HB2  sing N N 241 
SER CB  HB3  sing N N 242 
SER OG  HG   sing N N 243 
SER OXT HXT  sing N N 244 
THR N   CA   sing N N 245 
THR N   H    sing N N 246 
THR N   H2   sing N N 247 
THR CA  C    sing N N 248 
THR CA  CB   sing N N 249 
THR CA  HA   sing N N 250 
THR C   O    doub N N 251 
THR C   OXT  sing N N 252 
THR CB  OG1  sing N N 253 
THR CB  CG2  sing N N 254 
THR CB  HB   sing N N 255 
THR OG1 HG1  sing N N 256 
THR CG2 HG21 sing N N 257 
THR CG2 HG22 sing N N 258 
THR CG2 HG23 sing N N 259 
THR OXT HXT  sing N N 260 
TYR N   CA   sing N N 261 
TYR N   H    sing N N 262 
TYR N   H2   sing N N 263 
TYR CA  C    sing N N 264 
TYR CA  CB   sing N N 265 
TYR CA  HA   sing N N 266 
TYR C   O    doub N N 267 
TYR C   OXT  sing N N 268 
TYR CB  CG   sing N N 269 
TYR CB  HB2  sing N N 270 
TYR CB  HB3  sing N N 271 
TYR CG  CD1  doub Y N 272 
TYR CG  CD2  sing Y N 273 
TYR CD1 CE1  sing Y N 274 
TYR CD1 HD1  sing N N 275 
TYR CD2 CE2  doub Y N 276 
TYR CD2 HD2  sing N N 277 
TYR CE1 CZ   doub Y N 278 
TYR CE1 HE1  sing N N 279 
TYR CE2 CZ   sing Y N 280 
TYR CE2 HE2  sing N N 281 
TYR CZ  OH   sing N N 282 
TYR OH  HH   sing N N 283 
TYR OXT HXT  sing N N 284 
VAL N   CA   sing N N 285 
VAL N   H    sing N N 286 
VAL N   H2   sing N N 287 
VAL CA  C    sing N N 288 
VAL CA  CB   sing N N 289 
VAL CA  HA   sing N N 290 
VAL C   O    doub N N 291 
VAL C   OXT  sing N N 292 
VAL CB  CG1  sing N N 293 
VAL CB  CG2  sing N N 294 
VAL CB  HB   sing N N 295 
VAL CG1 HG11 sing N N 296 
VAL CG1 HG12 sing N N 297 
VAL CG1 HG13 sing N N 298 
VAL CG2 HG21 sing N N 299 
VAL CG2 HG22 sing N N 300 
VAL CG2 HG23 sing N N 301 
VAL OXT HXT  sing N N 302 
# 
_atom_sites.entry_id                    3BHP 
_atom_sites.fract_transf_matrix[1][1]   0.00616172 
_atom_sites.fract_transf_matrix[1][2]   0.01474886 
_atom_sites.fract_transf_matrix[1][3]   0.00195125 
_atom_sites.fract_transf_matrix[2][1]   0.02340118 
_atom_sites.fract_transf_matrix[2][2]   -0.01037866 
_atom_sites.fract_transf_matrix[2][3]   0.00455193 
_atom_sites.fract_transf_matrix[3][1]   0.00383331 
_atom_sites.fract_transf_matrix[3][2]   0.00390383 
_atom_sites.fract_transf_matrix[3][3]   -0.01080585 
_atom_sites.fract_transf_vector[1]      0.572772 
_atom_sites.fract_transf_vector[2]      0.526159 
_atom_sites.fract_transf_vector[3]      0.297689 
# 
loop_
_atom_type.symbol 
C  
N  
O  
SE 
# 
loop_
_atom_site.group_PDB 
_atom_site.id 
_atom_site.type_symbol 
_atom_site.label_atom_id 
_atom_site.label_alt_id 
_atom_site.label_comp_id 
_atom_site.label_asym_id 
_atom_site.label_entity_id 
_atom_site.label_seq_id 
_atom_site.pdbx_PDB_ins_code 
_atom_site.Cartn_x 
_atom_site.Cartn_y 
_atom_site.Cartn_z 
_atom_site.occupancy 
_atom_site.B_iso_or_equiv 
_atom_site.pdbx_formal_charge 
_atom_site.auth_seq_id 
_atom_site.auth_comp_id 
_atom_site.auth_asym_id 
_atom_site.auth_atom_id 
_atom_site.pdbx_PDB_model_num 
HETATM 1    N  N   . MSE A 1 1  ? 6.700   -2.769  8.447   1.00 40.71 ? 1   MSE A N   1 
HETATM 2    C  CA  . MSE A 1 1  ? 6.508   -2.505  6.989   1.00 40.39 ? 1   MSE A CA  1 
HETATM 3    C  C   . MSE A 1 1  ? 7.793   -2.867  6.245   1.00 37.72 ? 1   MSE A C   1 
HETATM 4    O  O   . MSE A 1 1  ? 8.891   -2.588  6.723   1.00 38.25 ? 1   MSE A O   1 
HETATM 5    C  CB  . MSE A 1 1  ? 6.164   -1.028  6.770   1.00 44.93 ? 1   MSE A CB  1 
HETATM 6    C  CG  . MSE A 1 1  ? 5.290   -0.754  5.552   1.00 49.92 ? 1   MSE A CG  1 
HETATM 7    SE SE  . MSE A 1 1  ? 4.642   1.074   5.508   1.00 58.49 ? 1   MSE A SE  1 
HETATM 8    C  CE  . MSE A 1 1  ? 5.360   1.634   3.804   1.00 56.75 ? 1   MSE A CE  1 
ATOM   9    N  N   . ILE A 1 2  ? 7.653   -3.488  5.077   1.00 34.14 ? 2   ILE A N   1 
ATOM   10   C  CA  . ILE A 1 2  ? 8.814   -3.895  4.288   1.00 29.36 ? 2   ILE A CA  1 
ATOM   11   C  C   . ILE A 1 2  ? 9.528   -2.736  3.581   1.00 26.17 ? 2   ILE A C   1 
ATOM   12   O  O   . ILE A 1 2  ? 8.996   -1.631  3.493   1.00 27.27 ? 2   ILE A O   1 
ATOM   13   C  CB  . ILE A 1 2  ? 8.419   -4.979  3.260   1.00 30.21 ? 2   ILE A CB  1 
ATOM   14   C  CG1 . ILE A 1 2  ? 7.204   -4.528  2.449   1.00 29.57 ? 2   ILE A CG1 1 
ATOM   15   C  CG2 . ILE A 1 2  ? 8.104   -6.284  3.987   1.00 29.12 ? 2   ILE A CG2 1 
ATOM   16   C  CD1 . ILE A 1 2  ? 6.798   -5.533  1.382   1.00 30.00 ? 2   ILE A CD1 1 
ATOM   17   N  N   . SER A 1 3  ? 10.735  -3.004  3.085   1.00 23.68 ? 3   SER A N   1 
ATOM   18   C  CA  . SER A 1 3  ? 11.570  -2.004  2.415   1.00 21.03 ? 3   SER A CA  1 
ATOM   19   C  C   . SER A 1 3  ? 10.893  -1.244  1.275   1.00 19.02 ? 3   SER A C   1 
ATOM   20   O  O   . SER A 1 3  ? 9.930   -1.723  0.671   1.00 16.48 ? 3   SER A O   1 
ATOM   21   C  CB  . SER A 1 3  ? 12.836  -2.661  1.871   1.00 22.35 ? 3   SER A CB  1 
ATOM   22   O  OG  . SER A 1 3  ? 12.554  -3.411  0.699   1.00 20.68 ? 3   SER A OG  1 
ATOM   23   N  N   . ASN A 1 4  ? 11.416  -0.056  0.989   1.00 16.99 ? 4   ASN A N   1 
ATOM   24   C  CA  . ASN A 1 4  ? 10.886  0.783   -0.079  1.00 17.67 ? 4   ASN A CA  1 
ATOM   25   C  C   . ASN A 1 4  ? 11.120  0.128   -1.437  1.00 16.43 ? 4   ASN A C   1 
ATOM   26   O  O   . ASN A 1 4  ? 10.300  0.250   -2.345  1.00 15.05 ? 4   ASN A O   1 
ATOM   27   C  CB  . ASN A 1 4  ? 11.542  2.169   -0.054  1.00 16.59 ? 4   ASN A CB  1 
ATOM   28   C  CG  . ASN A 1 4  ? 11.213  2.946   1.202   1.00 18.91 ? 4   ASN A CG  1 
ATOM   29   O  OD1 . ASN A 1 4  ? 10.063  2.981   1.633   1.00 19.75 ? 4   ASN A OD1 1 
ATOM   30   N  ND2 . ASN A 1 4  ? 12.220  3.587   1.789   1.00 19.94 ? 4   ASN A ND2 1 
ATOM   31   N  N   . ALA A 1 5  ? 12.249  -0.560  -1.574  1.00 15.30 ? 5   ALA A N   1 
ATOM   32   C  CA  . ALA A 1 5  ? 12.566  -1.241  -2.822  1.00 16.01 ? 5   ALA A CA  1 
ATOM   33   C  C   . ALA A 1 5  ? 11.515  -2.312  -3.135  1.00 14.87 ? 5   ALA A C   1 
ATOM   34   O  O   . ALA A 1 5  ? 11.099  -2.464  -4.281  1.00 14.82 ? 5   ALA A O   1 
ATOM   35   C  CB  . ALA A 1 5  ? 13.950  -1.875  -2.737  1.00 18.14 ? 5   ALA A CB  1 
ATOM   36   N  N   . LYS A 1 6  ? 11.087  -3.039  -2.107  1.00 12.87 ? 6   LYS A N   1 
ATOM   37   C  CA  . LYS A 1 6  ? 10.095  -4.095  -2.261  1.00 11.90 ? 6   LYS A CA  1 
ATOM   38   C  C   . LYS A 1 6  ? 8.693   -3.563  -2.537  1.00 11.46 ? 6   LYS A C   1 
ATOM   39   O  O   . LYS A 1 6  ? 7.894   -4.226  -3.202  1.00 10.69 ? 6   LYS A O   1 
ATOM   40   C  CB  . LYS A 1 6  ? 10.078  -4.984  -1.019  1.00 14.18 ? 6   LYS A CB  1 
ATOM   41   C  CG  . LYS A 1 6  ? 11.269  -5.937  -0.922  1.00 17.45 ? 6   LYS A CG  1 
ATOM   42   C  CD  . LYS A 1 6  ? 11.170  -6.785  0.338   1.00 21.50 ? 6   LYS A CD  1 
ATOM   43   C  CE  . LYS A 1 6  ? 12.329  -7.771  0.465   1.00 23.78 ? 6   LYS A CE  1 
ATOM   44   N  NZ  . LYS A 1 6  ? 12.298  -8.800  -0.599  1.00 24.75 ? 6   LYS A NZ  1 
ATOM   45   N  N   . ILE A 1 7  ? 8.385   -2.382  -2.014  1.00 9.06  ? 7   ILE A N   1 
ATOM   46   C  CA  . ILE A 1 7  ? 7.079   -1.784  -2.263  1.00 10.54 ? 7   ILE A CA  1 
ATOM   47   C  C   . ILE A 1 7  ? 7.053   -1.427  -3.741  1.00 8.92  ? 7   ILE A C   1 
ATOM   48   O  O   . ILE A 1 7  ? 6.038   -1.594  -4.420  1.00 9.26  ? 7   ILE A O   1 
ATOM   49   C  CB  . ILE A 1 7  ? 6.872   -0.499  -1.422  1.00 13.44 ? 7   ILE A CB  1 
ATOM   50   C  CG1 . ILE A 1 7  ? 6.725   -0.870  0.054   1.00 14.60 ? 7   ILE A CG1 1 
ATOM   51   C  CG2 . ILE A 1 7  ? 5.631   0.266   -1.897  1.00 9.60  ? 7   ILE A CG2 1 
ATOM   52   C  CD1 . ILE A 1 7  ? 6.663   0.334   0.962   1.00 16.60 ? 7   ILE A CD1 1 
ATOM   53   N  N   . ALA A 1 8  ? 8.191   -0.948  -4.235  1.00 8.69  ? 8   ALA A N   1 
ATOM   54   C  CA  . ALA A 1 8  ? 8.312   -0.576  -5.639  1.00 8.47  ? 8   ALA A CA  1 
ATOM   55   C  C   . ALA A 1 8  ? 8.151   -1.801  -6.544  1.00 7.36  ? 8   ALA A C   1 
ATOM   56   O  O   . ALA A 1 8  ? 7.570   -1.705  -7.626  1.00 7.91  ? 8   ALA A O   1 
ATOM   57   C  CB  . ALA A 1 8  ? 9.668   0.084   -5.891  1.00 7.34  ? 8   ALA A CB  1 
ATOM   58   N  N   . ARG A 1 9  ? 8.669   -2.945  -6.107  1.00 6.74  ? 9   ARG A N   1 
ATOM   59   C  CA  . ARG A 1 9  ? 8.566   -4.173  -6.900  1.00 6.45  ? 9   ARG A CA  1 
ATOM   60   C  C   . ARG A 1 9  ? 7.125   -4.668  -6.920  1.00 5.07  ? 9   ARG A C   1 
ATOM   61   O  O   . ARG A 1 9  ? 6.630   -5.119  -7.950  1.00 3.36  ? 9   ARG A O   1 
ATOM   62   C  CB  . ARG A 1 9  ? 9.489   -5.263  -6.341  1.00 7.61  ? 9   ARG A CB  1 
ATOM   63   C  CG  . ARG A 1 9  ? 9.487   -6.570  -7.162  1.00 8.93  ? 9   ARG A CG  1 
ATOM   64   C  CD  . ARG A 1 9  ? 9.895   -6.356  -8.636  1.00 11.78 ? 9   ARG A CD  1 
ATOM   65   N  NE  . ARG A 1 9  ? 10.063  -7.629  -9.346  1.00 9.57  ? 9   ARG A NE  1 
ATOM   66   C  CZ  . ARG A 1 9  ? 10.179  -7.756  -10.664 1.00 13.56 ? 9   ARG A CZ  1 
ATOM   67   N  NH1 . ARG A 1 9  ? 10.144  -6.685  -11.452 1.00 12.86 ? 9   ARG A NH1 1 
ATOM   68   N  NH2 . ARG A 1 9  ? 10.330  -8.961  -11.202 1.00 10.79 ? 9   ARG A NH2 1 
ATOM   69   N  N   . ILE A 1 10 ? 6.459   -4.587  -5.772  1.00 4.78  ? 10  ILE A N   1 
ATOM   70   C  CA  . ILE A 1 10 ? 5.064   -4.987  -5.667  1.00 8.96  ? 10  ILE A CA  1 
ATOM   71   C  C   . ILE A 1 10 ? 4.249   -4.166  -6.674  1.00 9.01  ? 10  ILE A C   1 
ATOM   72   O  O   . ILE A 1 10 ? 3.413   -4.699  -7.404  1.00 7.76  ? 10  ILE A O   1 
ATOM   73   C  CB  . ILE A 1 10 ? 4.528   -4.726  -4.237  1.00 10.67 ? 10  ILE A CB  1 
ATOM   74   C  CG1 . ILE A 1 10 ? 5.120   -5.759  -3.280  1.00 10.02 ? 10  ILE A CG1 1 
ATOM   75   C  CG2 . ILE A 1 10 ? 3.000   -4.755  -4.212  1.00 13.08 ? 10  ILE A CG2 1 
ATOM   76   C  CD1 . ILE A 1 10 ? 4.732   -5.546  -1.839  1.00 14.12 ? 10  ILE A CD1 1 
ATOM   77   N  N   . ASN A 1 11 ? 4.511   -2.864  -6.720  1.00 8.82  ? 11  ASN A N   1 
ATOM   78   C  CA  . ASN A 1 11 ? 3.787   -1.994  -7.642  1.00 7.09  ? 11  ASN A CA  1 
ATOM   79   C  C   . ASN A 1 11 ? 4.088   -2.352  -9.096  1.00 4.82  ? 11  ASN A C   1 
ATOM   80   O  O   . ASN A 1 11 ? 3.185   -2.360  -9.926  1.00 5.68  ? 11  ASN A O   1 
ATOM   81   C  CB  . ASN A 1 11 ? 4.128   -0.521  -7.378  1.00 6.69  ? 11  ASN A CB  1 
ATOM   82   C  CG  . ASN A 1 11 ? 3.619   -0.041  -6.037  1.00 8.90  ? 11  ASN A CG  1 
ATOM   83   O  OD1 . ASN A 1 11 ? 2.607   -0.534  -5.535  1.00 10.68 ? 11  ASN A OD1 1 
ATOM   84   N  ND2 . ASN A 1 11 ? 4.307   0.936   -5.452  1.00 8.45  ? 11  ASN A ND2 1 
ATOM   85   N  N   . GLU A 1 12 ? 5.346   -2.658  -9.406  1.00 6.35  ? 12  GLU A N   1 
ATOM   86   C  CA  . GLU A 1 12 ? 5.708   -3.021  -10.779 1.00 7.81  ? 12  GLU A CA  1 
ATOM   87   C  C   . GLU A 1 12 ? 4.993   -4.284  -11.237 1.00 6.87  ? 12  GLU A C   1 
ATOM   88   O  O   . GLU A 1 12 ? 4.490   -4.345  -12.350 1.00 5.39  ? 12  GLU A O   1 
ATOM   89   C  CB  . GLU A 1 12 ? 7.214   -3.257  -10.927 1.00 11.09 ? 12  GLU A CB  1 
ATOM   90   C  CG  . GLU A 1 12 ? 8.083   -2.058  -10.646 1.00 14.81 ? 12  GLU A CG  1 
ATOM   91   C  CD  . GLU A 1 12 ? 9.549   -2.316  -10.962 1.00 18.47 ? 12  GLU A CD  1 
ATOM   92   O  OE1 . GLU A 1 12 ? 9.982   -3.495  -10.945 1.00 17.34 ? 12  GLU A OE1 1 
ATOM   93   O  OE2 . GLU A 1 12 ? 10.268  -1.328  -11.216 1.00 18.96 ? 12  GLU A OE2 1 
ATOM   94   N  N   . LEU A 1 13 ? 4.972   -5.299  -10.378 1.00 7.83  ? 13  LEU A N   1 
ATOM   95   C  CA  . LEU A 1 13 ? 4.325   -6.562  -10.707 1.00 6.95  ? 13  LEU A CA  1 
ATOM   96   C  C   . LEU A 1 13 ? 2.808   -6.427  -10.730 1.00 6.62  ? 13  LEU A C   1 
ATOM   97   O  O   . LEU A 1 13 ? 2.129   -7.101  -11.508 1.00 5.55  ? 13  LEU A O   1 
ATOM   98   C  CB  . LEU A 1 13 ? 4.757   -7.642  -9.712  1.00 6.49  ? 13  LEU A CB  1 
ATOM   99   C  CG  . LEU A 1 13 ? 6.263   -7.946  -9.791  1.00 6.43  ? 13  LEU A CG  1 
ATOM   100  C  CD1 . LEU A 1 13 ? 6.623   -9.117  -8.874  1.00 11.27 ? 13  LEU A CD1 1 
ATOM   101  C  CD2 . LEU A 1 13 ? 6.636   -8.279  -11.221 1.00 6.83  ? 13  LEU A CD2 1 
ATOM   102  N  N   . ALA A 1 14 ? 2.274   -5.561  -9.876  1.00 5.18  ? 14  ALA A N   1 
ATOM   103  C  CA  . ALA A 1 14 ? 0.839   -5.342  -9.849  1.00 5.86  ? 14  ALA A CA  1 
ATOM   104  C  C   . ALA A 1 14 ? 0.438   -4.773  -11.203 1.00 7.37  ? 14  ALA A C   1 
ATOM   105  O  O   . ALA A 1 14 ? -0.599  -5.136  -11.755 1.00 9.09  ? 14  ALA A O   1 
ATOM   106  C  CB  . ALA A 1 14 ? 0.470   -4.366  -8.729  1.00 6.48  ? 14  ALA A CB  1 
ATOM   107  N  N   . ALA A 1 15 ? 1.272   -3.890  -11.739 1.00 8.05  ? 15  ALA A N   1 
ATOM   108  C  CA  . ALA A 1 15 ? 1.009   -3.272  -13.039 1.00 10.41 ? 15  ALA A CA  1 
ATOM   109  C  C   . ALA A 1 15 ? 1.074   -4.323  -14.148 1.00 10.50 ? 15  ALA A C   1 
ATOM   110  O  O   . ALA A 1 15 ? 0.265   -4.309  -15.069 1.00 10.94 ? 15  ALA A O   1 
ATOM   111  C  CB  . ALA A 1 15 ? 2.018   -2.163  -13.314 1.00 8.42  ? 15  ALA A CB  1 
ATOM   112  N  N   . LYS A 1 16 ? 2.035   -5.237  -14.061 1.00 10.50 ? 16  LYS A N   1 
ATOM   113  C  CA  . LYS A 1 16 ? 2.144   -6.279  -15.075 1.00 7.97  ? 16  LYS A CA  1 
ATOM   114  C  C   . LYS A 1 16 ? 0.923   -7.186  -15.018 1.00 7.43  ? 16  LYS A C   1 
ATOM   115  O  O   . LYS A 1 16 ? 0.433   -7.638  -16.050 1.00 8.94  ? 16  LYS A O   1 
ATOM   116  C  CB  . LYS A 1 16 ? 3.414   -7.108  -14.874 1.00 7.46  ? 16  LYS A CB  1 
ATOM   117  C  CG  . LYS A 1 16 ? 4.700   -6.322  -15.084 1.00 12.33 ? 16  LYS A CG  1 
ATOM   118  C  CD  . LYS A 1 16 ? 5.891   -7.259  -15.193 1.00 14.67 ? 16  LYS A CD  1 
ATOM   119  C  CE  . LYS A 1 16 ? 7.193   -6.499  -15.423 1.00 15.92 ? 16  LYS A CE  1 
ATOM   120  N  NZ  . LYS A 1 16 ? 8.319   -7.445  -15.680 1.00 20.93 ? 16  LYS A NZ  1 
ATOM   121  N  N   . ALA A 1 17 ? 0.433   -7.449  -13.810 1.00 6.89  ? 17  ALA A N   1 
ATOM   122  C  CA  . ALA A 1 17 ? -0.743  -8.298  -13.626 1.00 10.89 ? 17  ALA A CA  1 
ATOM   123  C  C   . ALA A 1 17 ? -1.975  -7.693  -14.300 1.00 13.77 ? 17  ALA A C   1 
ATOM   124  O  O   . ALA A 1 17 ? -2.706  -8.375  -15.025 1.00 13.90 ? 17  ALA A O   1 
ATOM   125  C  CB  . ALA A 1 17 ? -1.010  -8.505  -12.131 1.00 11.22 ? 17  ALA A CB  1 
ATOM   126  N  N   . LYS A 1 18 ? -2.210  -6.409  -14.049 1.00 13.74 ? 18  LYS A N   1 
ATOM   127  C  CA  . LYS A 1 18 ? -3.352  -5.724  -14.645 1.00 14.92 ? 18  LYS A CA  1 
ATOM   128  C  C   . LYS A 1 18 ? -3.237  -5.683  -16.172 1.00 15.21 ? 18  LYS A C   1 
ATOM   129  O  O   . LYS A 1 18 ? -4.237  -5.759  -16.879 1.00 14.71 ? 18  LYS A O   1 
ATOM   130  C  CB  . LYS A 1 18 ? -3.451  -4.301  -14.086 1.00 15.57 ? 18  LYS A CB  1 
ATOM   131  C  CG  . LYS A 1 18 ? -4.592  -3.488  -14.649 1.00 17.22 ? 18  LYS A CG  1 
ATOM   132  C  CD  . LYS A 1 18 ? -4.672  -2.135  -13.960 1.00 20.05 ? 18  LYS A CD  1 
ATOM   133  C  CE  . LYS A 1 18 ? -5.696  -1.244  -14.619 1.00 19.29 ? 18  LYS A CE  1 
ATOM   134  N  NZ  . LYS A 1 18 ? -5.228  -0.817  -15.962 1.00 20.87 ? 18  LYS A NZ  1 
ATOM   135  N  N   . ALA A 1 19 ? -2.013  -5.571  -16.673 1.00 16.10 ? 19  ALA A N   1 
ATOM   136  C  CA  . ALA A 1 19 ? -1.783  -5.523  -18.114 1.00 15.78 ? 19  ALA A CA  1 
ATOM   137  C  C   . ALA A 1 19 ? -1.824  -6.913  -18.757 1.00 16.69 ? 19  ALA A C   1 
ATOM   138  O  O   . ALA A 1 19 ? -1.799  -7.035  -19.977 1.00 18.86 ? 19  ALA A O   1 
ATOM   139  C  CB  . ALA A 1 19 ? -0.450  -4.852  -18.399 1.00 14.45 ? 19  ALA A CB  1 
ATOM   140  N  N   . GLY A 1 20 ? -1.889  -7.957  -17.933 1.00 16.20 ? 20  GLY A N   1 
ATOM   141  C  CA  . GLY A 1 20 ? -1.936  -9.314  -18.455 1.00 16.63 ? 20  GLY A CA  1 
ATOM   142  C  C   . GLY A 1 20 ? -0.627  -9.804  -19.060 1.00 16.74 ? 20  GLY A C   1 
ATOM   143  O  O   . GLY A 1 20 ? -0.624  -10.674 -19.932 1.00 17.27 ? 20  GLY A O   1 
ATOM   144  N  N   . VAL A 1 21 ? 0.492   -9.256  -18.601 1.00 14.45 ? 21  VAL A N   1 
ATOM   145  C  CA  . VAL A 1 21 ? 1.788   -9.666  -19.125 1.00 14.75 ? 21  VAL A CA  1 
ATOM   146  C  C   . VAL A 1 21 ? 2.670   -10.342 -18.079 1.00 15.17 ? 21  VAL A C   1 
ATOM   147  O  O   . VAL A 1 21 ? 3.776   -10.790 -18.383 1.00 16.66 ? 21  VAL A O   1 
ATOM   148  C  CB  . VAL A 1 21 ? 2.562   -8.464  -19.704 1.00 16.32 ? 21  VAL A CB  1 
ATOM   149  C  CG1 . VAL A 1 21 ? 1.792   -7.860  -20.861 1.00 18.51 ? 21  VAL A CG1 1 
ATOM   150  C  CG2 . VAL A 1 21 ? 2.793   -7.422  -18.621 1.00 17.08 ? 21  VAL A CG2 1 
ATOM   151  N  N   . ILE A 1 22 ? 2.186   -10.424 -16.848 1.00 12.30 ? 22  ILE A N   1 
ATOM   152  C  CA  . ILE A 1 22 ? 2.975   -11.028 -15.785 1.00 11.82 ? 22  ILE A CA  1 
ATOM   153  C  C   . ILE A 1 22 ? 3.255   -12.515 -16.041 1.00 11.64 ? 22  ILE A C   1 
ATOM   154  O  O   . ILE A 1 22 ? 2.364   -13.265 -16.437 1.00 9.88  ? 22  ILE A O   1 
ATOM   155  C  CB  . ILE A 1 22 ? 2.275   -10.836 -14.425 1.00 11.91 ? 22  ILE A CB  1 
ATOM   156  C  CG1 . ILE A 1 22 ? 3.285   -11.049 -13.296 1.00 11.45 ? 22  ILE A CG1 1 
ATOM   157  C  CG2 . ILE A 1 22 ? 1.095   -11.780 -14.299 1.00 13.63 ? 22  ILE A CG2 1 
ATOM   158  C  CD1 . ILE A 1 22 ? 2.797   -10.536 -11.960 1.00 11.23 ? 22  ILE A CD1 1 
ATOM   159  N  N   . THR A 1 23 ? 4.501   -12.932 -15.825 1.00 11.39 ? 23  THR A N   1 
ATOM   160  C  CA  . THR A 1 23 ? 4.885   -14.329 -16.043 1.00 13.95 ? 23  THR A CA  1 
ATOM   161  C  C   . THR A 1 23 ? 4.599   -15.151 -14.789 1.00 16.37 ? 23  THR A C   1 
ATOM   162  O  O   . THR A 1 23 ? 4.316   -14.591 -13.729 1.00 14.29 ? 23  THR A O   1 
ATOM   163  C  CB  . THR A 1 23 ? 6.388   -14.467 -16.357 1.00 13.62 ? 23  THR A CB  1 
ATOM   164  O  OG1 . THR A 1 23 ? 7.151   -14.207 -15.173 1.00 14.55 ? 23  THR A OG1 1 
ATOM   165  C  CG2 . THR A 1 23 ? 6.805   -13.483 -17.440 1.00 14.14 ? 23  THR A CG2 1 
ATOM   166  N  N   . GLU A 1 24 ? 4.679   -16.476 -14.907 1.00 15.23 ? 24  GLU A N   1 
ATOM   167  C  CA  . GLU A 1 24 ? 4.441   -17.348 -13.754 1.00 17.64 ? 24  GLU A CA  1 
ATOM   168  C  C   . GLU A 1 24 ? 5.497   -17.140 -12.675 1.00 16.54 ? 24  GLU A C   1 
ATOM   169  O  O   . GLU A 1 24 ? 5.194   -17.227 -11.484 1.00 16.19 ? 24  GLU A O   1 
ATOM   170  C  CB  . GLU A 1 24 ? 4.441   -18.820 -14.175 1.00 20.64 ? 24  GLU A CB  1 
ATOM   171  C  CG  . GLU A 1 24 ? 3.232   -19.239 -14.985 1.00 23.84 ? 24  GLU A CG  1 
ATOM   172  C  CD  . GLU A 1 24 ? 1.938   -19.109 -14.210 1.00 28.20 ? 24  GLU A CD  1 
ATOM   173  O  OE1 . GLU A 1 24 ? 1.886   -19.573 -13.050 1.00 29.67 ? 24  GLU A OE1 1 
ATOM   174  O  OE2 . GLU A 1 24 ? 0.966   -18.549 -14.763 1.00 30.15 ? 24  GLU A OE2 1 
ATOM   175  N  N   . GLU A 1 25 ? 6.735   -16.869 -13.086 1.00 15.81 ? 25  GLU A N   1 
ATOM   176  C  CA  . GLU A 1 25 ? 7.810   -16.643 -12.124 1.00 17.07 ? 25  GLU A CA  1 
ATOM   177  C  C   . GLU A 1 25 ? 7.551   -15.347 -11.365 1.00 14.21 ? 25  GLU A C   1 
ATOM   178  O  O   . GLU A 1 25 ? 7.823   -15.251 -10.171 1.00 13.84 ? 25  GLU A O   1 
ATOM   179  C  CB  . GLU A 1 25 ? 9.164   -16.557 -12.828 1.00 22.15 ? 25  GLU A CB  1 
ATOM   180  C  CG  . GLU A 1 25 ? 9.545   -17.801 -13.616 1.00 30.33 ? 25  GLU A CG  1 
ATOM   181  C  CD  . GLU A 1 25 ? 9.521   -19.056 -12.766 1.00 34.69 ? 25  GLU A CD  1 
ATOM   182  O  OE1 . GLU A 1 25 ? 10.227  -19.087 -11.734 1.00 37.93 ? 25  GLU A OE1 1 
ATOM   183  O  OE2 . GLU A 1 25 ? 8.801   -20.011 -13.133 1.00 36.63 ? 25  GLU A OE2 1 
ATOM   184  N  N   . GLU A 1 26 ? 7.015   -14.351 -12.065 1.00 12.83 ? 26  GLU A N   1 
ATOM   185  C  CA  . GLU A 1 26 ? 6.720   -13.067 -11.443 1.00 10.44 ? 26  GLU A CA  1 
ATOM   186  C  C   . GLU A 1 26 ? 5.521   -13.187 -10.508 1.00 10.78 ? 26  GLU A C   1 
ATOM   187  O  O   . GLU A 1 26 ? 5.487   -12.531 -9.476  1.00 10.37 ? 26  GLU A O   1 
ATOM   188  C  CB  . GLU A 1 26 ? 6.482   -11.990 -12.514 1.00 9.75  ? 26  GLU A CB  1 
ATOM   189  C  CG  . GLU A 1 26 ? 7.730   -11.685 -13.346 1.00 12.78 ? 26  GLU A CG  1 
ATOM   190  C  CD  . GLU A 1 26 ? 7.469   -10.701 -14.480 1.00 13.83 ? 26  GLU A CD  1 
ATOM   191  O  OE1 . GLU A 1 26 ? 6.413   -10.799 -15.131 1.00 13.52 ? 26  GLU A OE1 1 
ATOM   192  O  OE2 . GLU A 1 26 ? 8.328   -9.835  -14.726 1.00 16.35 ? 26  GLU A OE2 1 
ATOM   193  N  N   . LYS A 1 27 ? 4.553   -14.034 -10.858 1.00 10.59 ? 27  LYS A N   1 
ATOM   194  C  CA  . LYS A 1 27 ? 3.374   -14.242 -10.015 1.00 12.00 ? 27  LYS A CA  1 
ATOM   195  C  C   . LYS A 1 27 ? 3.802   -14.834 -8.678  1.00 12.98 ? 27  LYS A C   1 
ATOM   196  O  O   . LYS A 1 27 ? 3.301   -14.447 -7.624  1.00 15.03 ? 27  LYS A O   1 
ATOM   197  C  CB  . LYS A 1 27 ? 2.386   -15.209 -10.675 1.00 14.25 ? 27  LYS A CB  1 
ATOM   198  C  CG  . LYS A 1 27 ? 1.635   -14.654 -11.871 1.00 15.91 ? 27  LYS A CG  1 
ATOM   199  C  CD  . LYS A 1 27 ? 0.701   -15.721 -12.439 1.00 22.26 ? 27  LYS A CD  1 
ATOM   200  C  CE  . LYS A 1 27 ? -0.037  -15.239 -13.672 1.00 25.25 ? 27  LYS A CE  1 
ATOM   201  N  NZ  . LYS A 1 27 ? -0.933  -16.307 -14.220 1.00 27.05 ? 27  LYS A NZ  1 
ATOM   202  N  N   . ALA A 1 28 ? 4.724   -15.790 -8.735  1.00 13.99 ? 28  ALA A N   1 
ATOM   203  C  CA  . ALA A 1 28 ? 5.241   -16.434 -7.531  1.00 13.15 ? 28  ALA A CA  1 
ATOM   204  C  C   . ALA A 1 28 ? 6.000   -15.389 -6.725  1.00 11.30 ? 28  ALA A C   1 
ATOM   205  O  O   . ALA A 1 28 ? 5.885   -15.326 -5.503  1.00 10.98 ? 28  ALA A O   1 
ATOM   206  C  CB  . ALA A 1 28 ? 6.165   -17.580 -7.908  1.00 10.83 ? 28  ALA A CB  1 
ATOM   207  N  N   . GLU A 1 29 ? 6.782   -14.573 -7.421  1.00 10.90 ? 29  GLU A N   1 
ATOM   208  C  CA  . GLU A 1 29 ? 7.543   -13.525 -6.758  1.00 12.15 ? 29  GLU A CA  1 
ATOM   209  C  C   . GLU A 1 29 ? 6.571   -12.577 -6.058  1.00 11.17 ? 29  GLU A C   1 
ATOM   210  O  O   . GLU A 1 29 ? 6.784   -12.200 -4.905  1.00 12.64 ? 29  GLU A O   1 
ATOM   211  C  CB  . GLU A 1 29 ? 8.378   -12.729 -7.766  1.00 14.64 ? 29  GLU A CB  1 
ATOM   212  C  CG  . GLU A 1 29 ? 9.422   -11.824 -7.110  1.00 16.64 ? 29  GLU A CG  1 
ATOM   213  C  CD  . GLU A 1 29 ? 10.019  -10.801 -8.067  1.00 16.97 ? 29  GLU A CD  1 
ATOM   214  O  OE1 . GLU A 1 29 ? 10.052  -11.057 -9.288  1.00 19.05 ? 29  GLU A OE1 1 
ATOM   215  O  OE2 . GLU A 1 29 ? 10.473  -9.741  -7.594  1.00 18.62 ? 29  GLU A OE2 1 
ATOM   216  N  N   . GLN A 1 30 ? 5.505   -12.193 -6.757  1.00 12.46 ? 30  GLN A N   1 
ATOM   217  C  CA  . GLN A 1 30 ? 4.514   -11.276 -6.189  1.00 12.87 ? 30  GLN A CA  1 
ATOM   218  C  C   . GLN A 1 30 ? 3.852   -11.873 -4.954  1.00 13.58 ? 30  GLN A C   1 
ATOM   219  O  O   . GLN A 1 30 ? 3.609   -11.169 -3.979  1.00 12.95 ? 30  GLN A O   1 
ATOM   220  C  CB  . GLN A 1 30 ? 3.431   -10.934 -7.219  1.00 15.47 ? 30  GLN A CB  1 
ATOM   221  C  CG  . GLN A 1 30 ? 2.380   -9.936  -6.704  1.00 15.17 ? 30  GLN A CG  1 
ATOM   222  C  CD  . GLN A 1 30 ? 2.930   -8.527  -6.553  1.00 17.98 ? 30  GLN A CD  1 
ATOM   223  O  OE1 . GLN A 1 30 ? 4.100   -8.342  -6.226  1.00 21.27 ? 30  GLN A OE1 1 
ATOM   224  N  NE2 . GLN A 1 30 ? 2.079   -7.525  -6.776  1.00 19.50 ? 30  GLN A NE2 1 
ATOM   225  N  N   . GLN A 1 31 ? 3.546   -13.168 -5.000  1.00 14.92 ? 31  GLN A N   1 
ATOM   226  C  CA  . GLN A 1 31 ? 2.913   -13.822 -3.857  1.00 17.77 ? 31  GLN A CA  1 
ATOM   227  C  C   . GLN A 1 31 ? 3.815   -13.771 -2.637  1.00 17.20 ? 31  GLN A C   1 
ATOM   228  O  O   . GLN A 1 31 ? 3.357   -13.484 -1.529  1.00 18.41 ? 31  GLN A O   1 
ATOM   229  C  CB  . GLN A 1 31 ? 2.561   -15.274 -4.187  1.00 22.11 ? 31  GLN A CB  1 
ATOM   230  C  CG  . GLN A 1 31 ? 1.293   -15.410 -5.009  1.00 28.44 ? 31  GLN A CG  1 
ATOM   231  C  CD  . GLN A 1 31 ? 0.105   -14.731 -4.346  1.00 32.36 ? 31  GLN A CD  1 
ATOM   232  O  OE1 . GLN A 1 31 ? -0.303  -15.104 -3.245  1.00 36.53 ? 31  GLN A OE1 1 
ATOM   233  N  NE2 . GLN A 1 31 ? -0.453  -13.725 -5.016  1.00 35.45 ? 31  GLN A NE2 1 
ATOM   234  N  N   . LYS A 1 32 ? 5.099   -14.048 -2.842  1.00 16.89 ? 32  LYS A N   1 
ATOM   235  C  CA  . LYS A 1 32 ? 6.060   -14.008 -1.750  1.00 18.70 ? 32  LYS A CA  1 
ATOM   236  C  C   . LYS A 1 32 ? 6.133   -12.598 -1.175  1.00 18.42 ? 32  LYS A C   1 
ATOM   237  O  O   . LYS A 1 32 ? 6.169   -12.422 0.040   1.00 15.60 ? 32  LYS A O   1 
ATOM   238  C  CB  . LYS A 1 32 ? 7.449   -14.436 -2.230  1.00 22.45 ? 32  LYS A CB  1 
ATOM   239  C  CG  . LYS A 1 32 ? 7.637   -15.935 -2.371  1.00 27.07 ? 32  LYS A CG  1 
ATOM   240  C  CD  . LYS A 1 32 ? 9.091   -16.280 -2.691  1.00 32.69 ? 32  LYS A CD  1 
ATOM   241  C  CE  . LYS A 1 32 ? 10.041  -15.834 -1.578  1.00 34.91 ? 32  LYS A CE  1 
ATOM   242  N  NZ  . LYS A 1 32 ? 11.478  -16.051 -1.937  1.00 37.38 ? 32  LYS A NZ  1 
ATOM   243  N  N   . LEU A 1 33 ? 6.151   -11.592 -2.048  1.00 15.67 ? 33  LEU A N   1 
ATOM   244  C  CA  . LEU A 1 33 ? 6.213   -10.204 -1.587  1.00 15.79 ? 33  LEU A CA  1 
ATOM   245  C  C   . LEU A 1 33 ? 4.943   -9.786  -0.849  1.00 14.95 ? 33  LEU A C   1 
ATOM   246  O  O   . LEU A 1 33 ? 5.011   -9.049  0.137   1.00 16.06 ? 33  LEU A O   1 
ATOM   247  C  CB  . LEU A 1 33 ? 6.453   -9.253  -2.763  1.00 14.89 ? 33  LEU A CB  1 
ATOM   248  C  CG  . LEU A 1 33 ? 7.810   -9.358  -3.466  1.00 17.23 ? 33  LEU A CG  1 
ATOM   249  C  CD1 . LEU A 1 33 ? 7.797   -8.468  -4.699  1.00 15.80 ? 33  LEU A CD1 1 
ATOM   250  C  CD2 . LEU A 1 33 ? 8.934   -8.947  -2.520  1.00 16.95 ? 33  LEU A CD2 1 
ATOM   251  N  N   . ARG A 1 34 ? 3.792   -10.248 -1.334  1.00 15.90 ? 34  ARG A N   1 
ATOM   252  C  CA  . ARG A 1 34 ? 2.515   -9.923  -0.711  1.00 19.45 ? 34  ARG A CA  1 
ATOM   253  C  C   . ARG A 1 34 ? 2.451   -10.523 0.692   1.00 19.53 ? 34  ARG A C   1 
ATOM   254  O  O   . ARG A 1 34 ? 1.806   -9.971  1.579   1.00 17.64 ? 34  ARG A O   1 
ATOM   255  C  CB  . ARG A 1 34 ? 1.349   -10.444 -1.560  1.00 21.59 ? 34  ARG A CB  1 
ATOM   256  C  CG  . ARG A 1 34 ? 1.074   -9.621  -2.825  1.00 24.80 ? 34  ARG A CG  1 
ATOM   257  C  CD  . ARG A 1 34 ? 0.028   -10.281 -3.726  1.00 23.21 ? 34  ARG A CD  1 
ATOM   258  N  NE  . ARG A 1 34 ? -1.302  -10.301 -3.125  1.00 25.28 ? 34  ARG A NE  1 
ATOM   259  C  CZ  . ARG A 1 34 ? -2.225  -9.356  -3.293  1.00 26.05 ? 34  ARG A CZ  1 
ATOM   260  N  NH1 . ARG A 1 34 ? -1.977  -8.300  -4.053  1.00 23.75 ? 34  ARG A NH1 1 
ATOM   261  N  NH2 . ARG A 1 34 ? -3.400  -9.462  -2.686  1.00 27.03 ? 34  ARG A NH2 1 
ATOM   262  N  N   . GLN A 1 35 ? 3.120   -11.655 0.888   1.00 20.92 ? 35  GLN A N   1 
ATOM   263  C  CA  . GLN A 1 35 ? 3.142   -12.291 2.199   1.00 21.78 ? 35  GLN A CA  1 
ATOM   264  C  C   . GLN A 1 35 ? 4.089   -11.508 3.096   1.00 20.79 ? 35  GLN A C   1 
ATOM   265  O  O   . GLN A 1 35 ? 3.809   -11.310 4.274   1.00 21.07 ? 35  GLN A O   1 
ATOM   266  C  CB  . GLN A 1 35 ? 3.590   -13.752 2.086   1.00 24.43 ? 35  GLN A CB  1 
ATOM   267  C  CG  . GLN A 1 35 ? 2.527   -14.664 1.491   1.00 30.03 ? 35  GLN A CG  1 
ATOM   268  C  CD  . GLN A 1 35 ? 1.239   -14.654 2.300   1.00 33.60 ? 35  GLN A CD  1 
ATOM   269  O  OE1 . GLN A 1 35 ? 1.239   -14.966 3.493   1.00 35.93 ? 35  GLN A OE1 1 
ATOM   270  N  NE2 . GLN A 1 35 ? 0.132   -14.299 1.653   1.00 34.49 ? 35  GLN A NE2 1 
ATOM   271  N  N   . GLU A 1 36 ? 5.206   -11.052 2.534   1.00 18.22 ? 36  GLU A N   1 
ATOM   272  C  CA  . GLU A 1 36 ? 6.164   -10.265 3.301   1.00 19.36 ? 36  GLU A CA  1 
ATOM   273  C  C   . GLU A 1 36 ? 5.523   -8.934  3.694   1.00 18.94 ? 36  GLU A C   1 
ATOM   274  O  O   . GLU A 1 36 ? 5.771   -8.410  4.782   1.00 17.25 ? 36  GLU A O   1 
ATOM   275  C  CB  . GLU A 1 36 ? 7.428   -9.991  2.480   1.00 21.66 ? 36  GLU A CB  1 
ATOM   276  C  CG  . GLU A 1 36 ? 8.363   -11.176 2.337   1.00 26.05 ? 36  GLU A CG  1 
ATOM   277  C  CD  . GLU A 1 36 ? 9.542   -10.870 1.431   1.00 28.65 ? 36  GLU A CD  1 
ATOM   278  O  OE1 . GLU A 1 36 ? 10.160  -9.796  1.603   1.00 29.74 ? 36  GLU A OE1 1 
ATOM   279  O  OE2 . GLU A 1 36 ? 9.854   -11.702 0.552   1.00 32.22 ? 36  GLU A OE2 1 
ATOM   280  N  N   . TYR A 1 37 ? 4.698   -8.391  2.806   1.00 17.65 ? 37  TYR A N   1 
ATOM   281  C  CA  . TYR A 1 37 ? 4.027   -7.123  3.079   1.00 19.76 ? 37  TYR A CA  1 
ATOM   282  C  C   . TYR A 1 37 ? 3.022   -7.262  4.229   1.00 20.03 ? 37  TYR A C   1 
ATOM   283  O  O   . TYR A 1 37 ? 2.995   -6.437  5.138   1.00 18.71 ? 37  TYR A O   1 
ATOM   284  C  CB  . TYR A 1 37 ? 3.307   -6.619  1.825   1.00 19.98 ? 37  TYR A CB  1 
ATOM   285  C  CG  . TYR A 1 37 ? 2.755   -5.219  1.975   1.00 21.68 ? 37  TYR A CG  1 
ATOM   286  C  CD1 . TYR A 1 37 ? 1.519   -4.993  2.573   1.00 22.67 ? 37  TYR A CD1 1 
ATOM   287  C  CD2 . TYR A 1 37 ? 3.496   -4.115  1.566   1.00 21.42 ? 37  TYR A CD2 1 
ATOM   288  C  CE1 . TYR A 1 37 ? 1.034   -3.692  2.764   1.00 25.41 ? 37  TYR A CE1 1 
ATOM   289  C  CE2 . TYR A 1 37 ? 3.024   -2.814  1.752   1.00 24.77 ? 37  TYR A CE2 1 
ATOM   290  C  CZ  . TYR A 1 37 ? 1.791   -2.610  2.354   1.00 26.67 ? 37  TYR A CZ  1 
ATOM   291  O  OH  . TYR A 1 37 ? 1.325   -1.329  2.551   1.00 30.17 ? 37  TYR A OH  1 
ATOM   292  N  N   . LEU A 1 38 ? 2.200   -8.307  4.174   1.00 19.97 ? 38  LEU A N   1 
ATOM   293  C  CA  . LEU A 1 38 ? 1.195   -8.554  5.202   1.00 23.04 ? 38  LEU A CA  1 
ATOM   294  C  C   . LEU A 1 38 ? 1.837   -8.820  6.559   1.00 22.62 ? 38  LEU A C   1 
ATOM   295  O  O   . LEU A 1 38 ? 1.291   -8.445  7.594   1.00 24.17 ? 38  LEU A O   1 
ATOM   296  C  CB  . LEU A 1 38 ? 0.310   -9.734  4.795   1.00 23.82 ? 38  LEU A CB  1 
ATOM   297  C  CG  . LEU A 1 38 ? -0.600  -9.482  3.587   1.00 25.93 ? 38  LEU A CG  1 
ATOM   298  C  CD1 . LEU A 1 38 ? -1.212  -10.786 3.105   1.00 27.82 ? 38  LEU A CD1 1 
ATOM   299  C  CD2 . LEU A 1 38 ? -1.688  -8.492  3.968   1.00 27.42 ? 38  LEU A CD2 1 
ATOM   300  N  N   . LYS A 1 39 ? 3.000   -9.462  6.544   1.00 23.12 ? 39  LYS A N   1 
ATOM   301  C  CA  . LYS A 1 39 ? 3.730   -9.771  7.768   1.00 23.89 ? 39  LYS A CA  1 
ATOM   302  C  C   . LYS A 1 39 ? 4.239   -8.477  8.396   1.00 23.91 ? 39  LYS A C   1 
ATOM   303  O  O   . LYS A 1 39 ? 4.115   -8.264  9.605   1.00 22.24 ? 39  LYS A O   1 
ATOM   304  C  CB  . LYS A 1 39 ? 4.908   -10.699 7.455   1.00 27.86 ? 39  LYS A CB  1 
ATOM   305  C  CG  . LYS A 1 39 ? 5.728   -11.124 8.669   1.00 29.78 ? 39  LYS A CG  1 
ATOM   306  C  CD  . LYS A 1 39 ? 6.873   -12.035 8.245   1.00 33.97 ? 39  LYS A CD  1 
ATOM   307  C  CE  . LYS A 1 39 ? 7.723   -12.468 9.430   1.00 36.75 ? 39  LYS A CE  1 
ATOM   308  N  NZ  . LYS A 1 39 ? 8.821   -13.375 9.002   1.00 38.02 ? 39  LYS A NZ  1 
ATOM   309  N  N   . GLY A 1 40 ? 4.816   -7.615  7.565   1.00 21.96 ? 40  GLY A N   1 
ATOM   310  C  CA  . GLY A 1 40 ? 5.326   -6.347  8.054   1.00 20.55 ? 40  GLY A CA  1 
ATOM   311  C  C   . GLY A 1 40 ? 4.188   -5.446  8.482   1.00 21.44 ? 40  GLY A C   1 
ATOM   312  O  O   . GLY A 1 40 ? 4.368   -4.537  9.293   1.00 21.35 ? 40  GLY A O   1 
ATOM   313  N  N   . PHE A 1 41 ? 3.003   -5.700  7.936   1.00 21.43 ? 41  PHE A N   1 
ATOM   314  C  CA  . PHE A 1 41 ? 1.839   -4.897  8.274   1.00 24.36 ? 41  PHE A CA  1 
ATOM   315  C  C   . PHE A 1 41 ? 1.237   -5.303  9.621   1.00 25.55 ? 41  PHE A C   1 
ATOM   316  O  O   . PHE A 1 41 ? 0.865   -4.441  10.421  1.00 24.20 ? 41  PHE A O   1 
ATOM   317  C  CB  . PHE A 1 41 ? 0.781   -5.005  7.178   1.00 25.39 ? 41  PHE A CB  1 
ATOM   318  C  CG  . PHE A 1 41 ? -0.395  -4.093  7.388   1.00 28.20 ? 41  PHE A CG  1 
ATOM   319  C  CD1 . PHE A 1 41 ? -1.556  -4.555  7.993   1.00 28.56 ? 41  PHE A CD1 1 
ATOM   320  C  CD2 . PHE A 1 41 ? -0.329  -2.757  7.001   1.00 29.88 ? 41  PHE A CD2 1 
ATOM   321  C  CE1 . PHE A 1 41 ? -2.637  -3.702  8.217   1.00 29.61 ? 41  PHE A CE1 1 
ATOM   322  C  CE2 . PHE A 1 41 ? -1.401  -1.894  7.219   1.00 30.14 ? 41  PHE A CE2 1 
ATOM   323  C  CZ  . PHE A 1 41 ? -2.559  -2.369  7.827   1.00 31.89 ? 41  PHE A CZ  1 
ATOM   324  N  N   . ARG A 1 42 ? 1.132   -6.608  9.862   1.00 25.28 ? 42  ARG A N   1 
ATOM   325  C  CA  . ARG A 1 42 ? 0.584   -7.104  11.124  1.00 26.78 ? 42  ARG A CA  1 
ATOM   326  C  C   . ARG A 1 42 ? 1.486   -6.645  12.264  1.00 26.41 ? 42  ARG A C   1 
ATOM   327  O  O   . ARG A 1 42 ? 1.017   -6.287  13.345  1.00 26.91 ? 42  ARG A O   1 
ATOM   328  C  CB  . ARG A 1 42 ? 0.497   -8.637  11.119  1.00 25.03 ? 42  ARG A CB  1 
ATOM   329  C  CG  . ARG A 1 42 ? -0.478  -9.216  10.101  1.00 28.18 ? 42  ARG A CG  1 
ATOM   330  C  CD  . ARG A 1 42 ? -0.824  -10.677 10.413  1.00 28.90 ? 42  ARG A CD  1 
ATOM   331  N  NE  . ARG A 1 42 ? 0.320   -11.575 10.282  1.00 30.10 ? 42  ARG A NE  1 
ATOM   332  C  CZ  . ARG A 1 42 ? 0.798   -12.031 9.127   1.00 33.32 ? 42  ARG A CZ  1 
ATOM   333  N  NH1 . ARG A 1 42 ? 0.232   -11.683 7.979   1.00 33.85 ? 42  ARG A NH1 1 
ATOM   334  N  NH2 . ARG A 1 42 ? 1.850   -12.838 9.119   1.00 33.48 ? 42  ARG A NH2 1 
ATOM   335  N  N   . SER A 1 43 ? 2.787   -6.658  12.007  1.00 26.83 ? 43  SER A N   1 
ATOM   336  C  CA  . SER A 1 43 ? 3.771   -6.238  12.990  1.00 28.12 ? 43  SER A CA  1 
ATOM   337  C  C   . SER A 1 43 ? 3.571   -4.763  13.322  1.00 30.09 ? 43  SER A C   1 
ATOM   338  O  O   . SER A 1 43 ? 3.614   -4.366  14.487  1.00 28.84 ? 43  SER A O   1 
ATOM   339  C  CB  . SER A 1 43 ? 5.179   -6.466  12.442  1.00 27.98 ? 43  SER A CB  1 
ATOM   340  O  OG  . SER A 1 43 ? 6.159   -6.014  13.356  1.00 30.88 ? 43  SER A OG  1 
ATOM   341  N  N   . SER A 1 44 ? 3.349   -3.953  12.290  1.00 30.10 ? 44  SER A N   1 
ATOM   342  C  CA  . SER A 1 44 ? 3.135   -2.522  12.471  1.00 30.60 ? 44  SER A CA  1 
ATOM   343  C  C   . SER A 1 44 ? 1.815   -2.244  13.184  1.00 32.12 ? 44  SER A C   1 
ATOM   344  O  O   . SER A 1 44 ? 1.711   -1.295  13.960  1.00 31.39 ? 44  SER A O   1 
ATOM   345  C  CB  . SER A 1 44 ? 3.158   -1.805  11.117  1.00 28.95 ? 44  SER A CB  1 
ATOM   346  O  OG  . SER A 1 44 ? 4.454   -1.853  10.544  1.00 24.64 ? 44  SER A OG  1 
HETATM 347  N  N   . MSE A 1 45 ? 0.808   -3.068  12.916  1.00 34.91 ? 45  MSE A N   1 
HETATM 348  C  CA  . MSE A 1 45 ? -0.493  -2.898  13.550  1.00 38.62 ? 45  MSE A CA  1 
HETATM 349  C  C   . MSE A 1 45 ? -0.406  -3.186  15.041  1.00 41.80 ? 45  MSE A C   1 
HETATM 350  O  O   . MSE A 1 45 ? -1.232  -2.721  15.827  1.00 42.02 ? 45  MSE A O   1 
HETATM 351  C  CB  . MSE A 1 45 ? -1.526  -3.830  12.915  1.00 38.92 ? 45  MSE A CB  1 
HETATM 352  C  CG  . MSE A 1 45 ? -2.006  -3.375  11.550  1.00 39.59 ? 45  MSE A CG  1 
HETATM 353  SE SE  . MSE A 1 45 ? -2.778  -1.607  11.622  1.00 43.05 ? 45  MSE A SE  1 
HETATM 354  C  CE  . MSE A 1 45 ? -1.245  -0.584  11.027  1.00 40.31 ? 45  MSE A CE  1 
ATOM   355  N  N   . LYS A 1 46 ? 0.604   -3.958  15.424  1.00 44.86 ? 46  LYS A N   1 
ATOM   356  C  CA  . LYS A 1 46 ? 0.799   -4.311  16.818  1.00 49.39 ? 46  LYS A CA  1 
ATOM   357  C  C   . LYS A 1 46 ? 1.094   -3.059  17.642  1.00 51.93 ? 46  LYS A C   1 
ATOM   358  O  O   . LYS A 1 46 ? 0.643   -2.939  18.780  1.00 52.48 ? 46  LYS A O   1 
ATOM   359  C  CB  . LYS A 1 46 ? 1.942   -5.324  16.942  1.00 49.95 ? 46  LYS A CB  1 
ATOM   360  C  CG  . LYS A 1 46 ? 2.043   -6.009  18.296  1.00 51.11 ? 46  LYS A CG  1 
ATOM   361  C  CD  . LYS A 1 46 ? 2.801   -7.325  18.186  1.00 51.23 ? 46  LYS A CD  1 
ATOM   362  C  CE  . LYS A 1 46 ? 2.056   -8.316  17.300  1.00 51.85 ? 46  LYS A CE  1 
ATOM   363  N  NZ  . LYS A 1 46 ? 2.764   -9.623  17.191  1.00 52.64 ? 46  LYS A NZ  1 
ATOM   364  N  N   . ASN A 1 47 ? 1.834   -2.121  17.059  1.00 54.33 ? 47  ASN A N   1 
ATOM   365  C  CA  . ASN A 1 47 ? 2.171   -0.887  17.760  1.00 57.79 ? 47  ASN A CA  1 
ATOM   366  C  C   . ASN A 1 47 ? 1.218   0.268   17.463  1.00 58.85 ? 47  ASN A C   1 
ATOM   367  O  O   . ASN A 1 47 ? 1.322   1.332   18.073  1.00 59.93 ? 47  ASN A O   1 
ATOM   368  C  CB  . ASN A 1 47 ? 3.613   -0.465  17.453  1.00 59.28 ? 47  ASN A CB  1 
ATOM   369  C  CG  . ASN A 1 47 ? 3.963   -0.606  15.989  1.00 61.12 ? 47  ASN A CG  1 
ATOM   370  O  OD1 . ASN A 1 47 ? 4.013   -1.714  15.457  1.00 62.37 ? 47  ASN A OD1 1 
ATOM   371  N  ND2 . ASN A 1 47 ? 4.208   0.520   15.328  1.00 62.96 ? 47  ASN A ND2 1 
ATOM   372  N  N   . THR A 1 48 ? 0.297   0.064   16.529  1.00 60.29 ? 48  THR A N   1 
ATOM   373  C  CA  . THR A 1 48 ? -0.677  1.099   16.198  1.00 61.26 ? 48  THR A CA  1 
ATOM   374  C  C   . THR A 1 48 ? -1.900  0.859   17.068  1.00 62.14 ? 48  THR A C   1 
ATOM   375  O  O   . THR A 1 48 ? -2.689  1.767   17.327  1.00 62.04 ? 48  THR A O   1 
ATOM   376  C  CB  . THR A 1 48 ? -1.109  1.030   14.722  1.00 61.64 ? 48  THR A CB  1 
ATOM   377  O  OG1 . THR A 1 48 ? -1.725  -0.237  14.461  1.00 61.64 ? 48  THR A OG1 1 
ATOM   378  C  CG2 . THR A 1 48 ? 0.091   1.210   13.808  1.00 62.01 ? 48  THR A CG2 1 
ATOM   379  N  N   . LEU A 1 49 ? -2.040  -0.383  17.517  1.00 62.83 ? 49  LEU A N   1 
ATOM   380  C  CA  . LEU A 1 49 ? -3.149  -0.792  18.365  1.00 64.15 ? 49  LEU A CA  1 
ATOM   381  C  C   . LEU A 1 49 ? -3.031  -0.070  19.704  1.00 65.54 ? 49  LEU A C   1 
ATOM   382  O  O   . LEU A 1 49 ? -4.033  0.286   20.325  1.00 65.45 ? 49  LEU A O   1 
ATOM   383  C  CB  . LEU A 1 49 ? -3.099  -2.308  18.573  1.00 62.99 ? 49  LEU A CB  1 
ATOM   384  C  CG  . LEU A 1 49 ? -4.402  -3.060  18.854  1.00 62.68 ? 49  LEU A CG  1 
ATOM   385  C  CD1 . LEU A 1 49 ? -4.116  -4.552  18.869  1.00 62.09 ? 49  LEU A CD1 1 
ATOM   386  C  CD2 . LEU A 1 49 ? -5.004  -2.612  20.172  1.00 62.75 ? 49  LEU A CD2 1 
ATOM   387  N  N   . LYS A 1 50 ? -1.791  0.150   20.134  1.00 66.96 ? 50  LYS A N   1 
ATOM   388  C  CA  . LYS A 1 50 ? -1.508  0.831   21.392  1.00 68.38 ? 50  LYS A CA  1 
ATOM   389  C  C   . LYS A 1 50 ? -1.788  2.330   21.307  1.00 69.17 ? 50  LYS A C   1 
ATOM   390  O  O   . LYS A 1 50 ? -0.882  3.148   21.462  1.00 69.32 ? 50  LYS A O   1 
ATOM   391  C  CB  . LYS A 1 50 ? -0.047  0.607   21.792  1.00 68.51 ? 50  LYS A CB  1 
ATOM   392  C  CG  . LYS A 1 50 ? 0.300   -0.837  22.115  1.00 68.87 ? 50  LYS A CG  1 
ATOM   393  C  CD  . LYS A 1 50 ? 1.777   -0.982  22.439  1.00 69.27 ? 50  LYS A CD  1 
ATOM   394  C  CE  . LYS A 1 50 ? 2.106   -2.381  22.934  1.00 69.96 ? 50  LYS A CE  1 
ATOM   395  N  NZ  . LYS A 1 50 ? 1.424   -2.694  24.223  1.00 68.97 ? 50  LYS A NZ  1 
ATOM   396  N  N   . SER A 1 51 ? -3.045  2.685   21.067  1.00 70.55 ? 51  SER A N   1 
ATOM   397  C  CA  . SER A 1 51 ? -3.434  4.086   20.965  1.00 71.74 ? 51  SER A CA  1 
ATOM   398  C  C   . SER A 1 51 ? -4.943  4.238   21.124  1.00 73.14 ? 51  SER A C   1 
ATOM   399  O  O   . SER A 1 51 ? -5.701  3.294   20.893  1.00 72.93 ? 51  SER A O   1 
ATOM   400  C  CB  . SER A 1 51 ? -2.996  4.661   19.615  1.00 71.55 ? 51  SER A CB  1 
ATOM   401  O  OG  . SER A 1 51 ? -3.363  6.026   19.499  1.00 70.91 ? 51  SER A OG  1 
ATOM   402  N  N   . VAL A 1 52 ? -5.368  5.433   21.523  1.00 74.58 ? 52  VAL A N   1 
ATOM   403  C  CA  . VAL A 1 52 ? -6.783  5.724   21.721  1.00 75.49 ? 52  VAL A CA  1 
ATOM   404  C  C   . VAL A 1 52 ? -7.414  6.312   20.460  1.00 76.02 ? 52  VAL A C   1 
ATOM   405  O  O   . VAL A 1 52 ? -7.225  5.796   19.357  1.00 76.55 ? 52  VAL A O   1 
ATOM   406  C  CB  . VAL A 1 52 ? -6.987  6.720   22.885  1.00 75.54 ? 52  VAL A CB  1 
ATOM   407  C  CG1 . VAL A 1 52 ? -6.251  8.017   22.591  1.00 75.55 ? 52  VAL A CG1 1 
ATOM   408  C  CG2 . VAL A 1 52 ? -8.470  6.983   23.095  1.00 75.62 ? 52  VAL A CG2 1 
HETATM 409  N  N   . MSE B 1 1  ? -7.025  7.088   6.796   1.00 31.87 ? 1   MSE B N   1 
HETATM 410  C  CA  . MSE B 1 1  ? -6.164  6.595   5.685   1.00 30.85 ? 1   MSE B CA  1 
HETATM 411  C  C   . MSE B 1 1  ? -5.563  7.782   4.943   1.00 26.47 ? 1   MSE B C   1 
HETATM 412  O  O   . MSE B 1 1  ? -6.241  8.781   4.719   1.00 24.30 ? 1   MSE B O   1 
HETATM 413  C  CB  . MSE B 1 1  ? -6.994  5.742   4.729   1.00 35.84 ? 1   MSE B CB  1 
HETATM 414  C  CG  . MSE B 1 1  ? -7.604  4.522   5.393   1.00 43.69 ? 1   MSE B CG  1 
HETATM 415  SE SE  . MSE B 1 1  ? -6.261  3.225   5.912   1.00 54.55 ? 1   MSE B SE  1 
HETATM 416  C  CE  . MSE B 1 1  ? -6.286  2.190   4.269   1.00 49.12 ? 1   MSE B CE  1 
ATOM   417  N  N   . ILE B 1 2  ? -4.289  7.676   4.575   1.00 23.51 ? 2   ILE B N   1 
ATOM   418  C  CA  . ILE B 1 2  ? -3.611  8.763   3.875   1.00 20.79 ? 2   ILE B CA  1 
ATOM   419  C  C   . ILE B 1 2  ? -4.247  9.117   2.534   1.00 16.88 ? 2   ILE B C   1 
ATOM   420  O  O   . ILE B 1 2  ? -4.902  8.294   1.899   1.00 16.55 ? 2   ILE B O   1 
ATOM   421  C  CB  . ILE B 1 2  ? -2.124  8.445   3.639   1.00 20.16 ? 2   ILE B CB  1 
ATOM   422  C  CG1 . ILE B 1 2  ? -1.980  7.123   2.897   1.00 18.91 ? 2   ILE B CG1 1 
ATOM   423  C  CG2 . ILE B 1 2  ? -1.386  8.410   4.963   1.00 22.76 ? 2   ILE B CG2 1 
ATOM   424  C  CD1 . ILE B 1 2  ? -0.561  6.828   2.483   1.00 23.41 ? 2   ILE B CD1 1 
ATOM   425  N  N   . SER B 1 3  ? -4.036  10.358  2.111   1.00 15.78 ? 3   SER B N   1 
ATOM   426  C  CA  . SER B 1 3  ? -4.586  10.866  0.861   1.00 12.87 ? 3   SER B CA  1 
ATOM   427  C  C   . SER B 1 3  ? -4.029  10.137  -0.358  1.00 12.99 ? 3   SER B C   1 
ATOM   428  O  O   . SER B 1 3  ? -2.964  9.514   -0.292  1.00 11.15 ? 3   SER B O   1 
ATOM   429  C  CB  . SER B 1 3  ? -4.265  12.351  0.731   1.00 13.67 ? 3   SER B CB  1 
ATOM   430  O  OG  . SER B 1 3  ? -2.861  12.522  0.598   1.00 11.75 ? 3   SER B OG  1 
ATOM   431  N  N   . ASN B 1 4  ? -4.754  10.226  -1.469  1.00 11.23 ? 4   ASN B N   1 
ATOM   432  C  CA  . ASN B 1 4  ? -4.326  9.594   -2.705  1.00 14.56 ? 4   ASN B CA  1 
ATOM   433  C  C   . ASN B 1 4  ? -3.011  10.224  -3.150  1.00 12.39 ? 4   ASN B C   1 
ATOM   434  O  O   . ASN B 1 4  ? -2.124  9.531   -3.643  1.00 10.17 ? 4   ASN B O   1 
ATOM   435  C  CB  . ASN B 1 4  ? -5.392  9.761   -3.799  1.00 15.78 ? 4   ASN B CB  1 
ATOM   436  C  CG  . ASN B 1 4  ? -6.672  9.010   -3.487  1.00 19.23 ? 4   ASN B CG  1 
ATOM   437  O  OD1 . ASN B 1 4  ? -6.640  7.830   -3.133  1.00 18.24 ? 4   ASN B OD1 1 
ATOM   438  N  ND2 . ASN B 1 4  ? -7.811  9.687   -3.629  1.00 19.97 ? 4   ASN B ND2 1 
ATOM   439  N  N   . ALA B 1 5  ? -2.887  11.538  -2.965  1.00 11.68 ? 5   ALA B N   1 
ATOM   440  C  CA  . ALA B 1 5  ? -1.670  12.259  -3.341  1.00 12.96 ? 5   ALA B CA  1 
ATOM   441  C  C   . ALA B 1 5  ? -0.443  11.756  -2.576  1.00 10.20 ? 5   ALA B C   1 
ATOM   442  O  O   . ALA B 1 5  ? 0.658   11.700  -3.132  1.00 8.62  ? 5   ALA B O   1 
ATOM   443  C  CB  . ALA B 1 5  ? -1.851  13.767  -3.109  1.00 12.13 ? 5   ALA B CB  1 
ATOM   444  N  N   . LYS B 1 6  ? -0.617  11.410  -1.302  1.00 7.70  ? 6   LYS B N   1 
ATOM   445  C  CA  . LYS B 1 6  ? 0.507   10.906  -0.522  1.00 7.37  ? 6   LYS B CA  1 
ATOM   446  C  C   . LYS B 1 6  ? 0.840   9.472   -0.918  1.00 5.73  ? 6   LYS B C   1 
ATOM   447  O  O   . LYS B 1 6  ? 1.992   9.066   -0.850  1.00 7.04  ? 6   LYS B O   1 
ATOM   448  C  CB  . LYS B 1 6  ? 0.230   11.000  0.981   1.00 9.03  ? 6   LYS B CB  1 
ATOM   449  C  CG  . LYS B 1 6  ? 0.382   12.415  1.539   1.00 12.88 ? 6   LYS B CG  1 
ATOM   450  C  CD  . LYS B 1 6  ? 0.131   12.450  3.042   1.00 17.77 ? 6   LYS B CD  1 
ATOM   451  C  CE  . LYS B 1 6  ? 0.125   13.879  3.578   1.00 21.59 ? 6   LYS B CE  1 
ATOM   452  N  NZ  . LYS B 1 6  ? 1.392   14.594  3.278   1.00 24.97 ? 6   LYS B NZ  1 
ATOM   453  N  N   . ILE B 1 7  ? -0.165  8.711   -1.339  1.00 4.86  ? 7   ILE B N   1 
ATOM   454  C  CA  . ILE B 1 7  ? 0.077   7.342   -1.777  1.00 5.37  ? 7   ILE B CA  1 
ATOM   455  C  C   . ILE B 1 7  ? 0.971   7.422   -3.014  1.00 6.88  ? 7   ILE B C   1 
ATOM   456  O  O   . ILE B 1 7  ? 1.931   6.662   -3.157  1.00 6.03  ? 7   ILE B O   1 
ATOM   457  C  CB  . ILE B 1 7  ? -1.252  6.608   -2.120  1.00 8.35  ? 7   ILE B CB  1 
ATOM   458  C  CG1 . ILE B 1 7  ? -2.005  6.301   -0.819  1.00 8.45  ? 7   ILE B CG1 1 
ATOM   459  C  CG2 . ILE B 1 7  ? -0.966  5.304   -2.890  1.00 6.71  ? 7   ILE B CG2 1 
ATOM   460  C  CD1 . ILE B 1 7  ? -3.404  5.777   -1.019  1.00 11.17 ? 7   ILE B CD1 1 
ATOM   461  N  N   . ALA B 1 8  ? 0.668   8.377   -3.890  1.00 6.39  ? 8   ALA B N   1 
ATOM   462  C  CA  . ALA B 1 8  ? 1.440   8.576   -5.110  1.00 7.35  ? 8   ALA B CA  1 
ATOM   463  C  C   . ALA B 1 8  ? 2.894   8.922   -4.780  1.00 7.28  ? 8   ALA B C   1 
ATOM   464  O  O   . ALA B 1 8  ? 3.821   8.377   -5.382  1.00 7.63  ? 8   ALA B O   1 
ATOM   465  C  CB  . ALA B 1 8  ? 0.806   9.690   -5.958  1.00 7.02  ? 8   ALA B CB  1 
ATOM   466  N  N   . ARG B 1 9  ? 3.095   9.813   -3.813  1.00 7.76  ? 9   ARG B N   1 
ATOM   467  C  CA  . ARG B 1 9  ? 4.443   10.214  -3.422  1.00 7.50  ? 9   ARG B CA  1 
ATOM   468  C  C   . ARG B 1 9  ? 5.206   9.027   -2.855  1.00 8.55  ? 9   ARG B C   1 
ATOM   469  O  O   . ARG B 1 9  ? 6.390   8.860   -3.117  1.00 7.15  ? 9   ARG B O   1 
ATOM   470  C  CB  . ARG B 1 9  ? 4.405   11.342  -2.389  1.00 8.77  ? 9   ARG B CB  1 
ATOM   471  C  CG  . ARG B 1 9  ? 5.788   11.872  -2.013  1.00 5.15  ? 9   ARG B CG  1 
ATOM   472  C  CD  . ARG B 1 9  ? 6.565   12.346  -3.239  1.00 3.47  ? 9   ARG B CD  1 
ATOM   473  N  NE  . ARG B 1 9  ? 7.791   13.039  -2.859  1.00 7.39  ? 9   ARG B NE  1 
ATOM   474  C  CZ  . ARG B 1 9  ? 8.754   13.382  -3.709  1.00 9.08  ? 9   ARG B CZ  1 
ATOM   475  N  NH1 . ARG B 1 9  ? 8.637   13.091  -4.999  1.00 10.72 ? 9   ARG B NH1 1 
ATOM   476  N  NH2 . ARG B 1 9  ? 9.829   14.023  -3.266  1.00 8.82  ? 9   ARG B NH2 1 
ATOM   477  N  N   . ILE B 1 10 ? 4.526   8.209   -2.064  1.00 9.11  ? 10  ILE B N   1 
ATOM   478  C  CA  . ILE B 1 10 ? 5.154   7.024   -1.505  1.00 9.02  ? 10  ILE B CA  1 
ATOM   479  C  C   . ILE B 1 10 ? 5.639   6.121   -2.642  1.00 7.83  ? 10  ILE B C   1 
ATOM   480  O  O   . ILE B 1 10 ? 6.754   5.601   -2.603  1.00 9.68  ? 10  ILE B O   1 
ATOM   481  C  CB  . ILE B 1 10 ? 4.159   6.248   -0.621  1.00 8.32  ? 10  ILE B CB  1 
ATOM   482  C  CG1 . ILE B 1 10 ? 4.033   6.944   0.732   1.00 8.27  ? 10  ILE B CG1 1 
ATOM   483  C  CG2 . ILE B 1 10 ? 4.613   4.802   -0.437  1.00 10.75 ? 10  ILE B CG2 1 
ATOM   484  C  CD1 . ILE B 1 10 ? 2.890   6.440   1.560   1.00 11.55 ? 10  ILE B CD1 1 
ATOM   485  N  N   . ASN B 1 11 ? 4.802   5.948   -3.659  1.00 5.92  ? 11  ASN B N   1 
ATOM   486  C  CA  . ASN B 1 11 ? 5.164   5.102   -4.789  1.00 7.42  ? 11  ASN B CA  1 
ATOM   487  C  C   . ASN B 1 11 ? 6.327   5.713   -5.570  1.00 7.77  ? 11  ASN B C   1 
ATOM   488  O  O   . ASN B 1 11 ? 7.232   4.998   -6.010  1.00 8.37  ? 11  ASN B O   1 
ATOM   489  C  CB  . ASN B 1 11 ? 3.950   4.874   -5.705  1.00 8.46  ? 11  ASN B CB  1 
ATOM   490  C  CG  . ASN B 1 11 ? 2.837   4.099   -5.013  1.00 9.75  ? 11  ASN B CG  1 
ATOM   491  O  OD1 . ASN B 1 11 ? 3.082   3.378   -4.045  1.00 10.49 ? 11  ASN B OD1 1 
ATOM   492  N  ND2 . ASN B 1 11 ? 1.613   4.236   -5.513  1.00 10.61 ? 11  ASN B ND2 1 
ATOM   493  N  N   . GLU B 1 12 ? 6.304   7.032   -5.721  1.00 7.13  ? 12  GLU B N   1 
ATOM   494  C  CA  . GLU B 1 12 ? 7.371   7.748   -6.423  1.00 8.65  ? 12  GLU B CA  1 
ATOM   495  C  C   . GLU B 1 12 ? 8.722   7.542   -5.741  1.00 8.18  ? 12  GLU B C   1 
ATOM   496  O  O   . GLU B 1 12 ? 9.718   7.213   -6.387  1.00 7.64  ? 12  GLU B O   1 
ATOM   497  C  CB  . GLU B 1 12 ? 7.070   9.253   -6.460  1.00 10.04 ? 12  GLU B CB  1 
ATOM   498  C  CG  . GLU B 1 12 ? 6.246   9.712   -7.655  1.00 13.78 ? 12  GLU B CG  1 
ATOM   499  C  CD  . GLU B 1 12 ? 5.825   11.177  -7.559  1.00 13.56 ? 12  GLU B CD  1 
ATOM   500  O  OE1 . GLU B 1 12 ? 6.512   11.955  -6.869  1.00 10.48 ? 12  GLU B OE1 1 
ATOM   501  O  OE2 . GLU B 1 12 ? 4.808   11.551  -8.185  1.00 18.49 ? 12  GLU B OE2 1 
ATOM   502  N  N   . LEU B 1 13 ? 8.751   7.761   -4.431  1.00 7.35  ? 13  LEU B N   1 
ATOM   503  C  CA  . LEU B 1 13 ? 9.977   7.610   -3.665  1.00 9.71  ? 13  LEU B CA  1 
ATOM   504  C  C   . LEU B 1 13 ? 10.422  6.152   -3.597  1.00 8.09  ? 13  LEU B C   1 
ATOM   505  O  O   . LEU B 1 13 ? 11.622  5.867   -3.569  1.00 9.05  ? 13  LEU B O   1 
ATOM   506  C  CB  . LEU B 1 13 ? 9.795   8.190   -2.255  1.00 9.74  ? 13  LEU B CB  1 
ATOM   507  C  CG  . LEU B 1 13 ? 9.605   9.713   -2.223  1.00 10.62 ? 13  LEU B CG  1 
ATOM   508  C  CD1 . LEU B 1 13 ? 9.417   10.174  -0.781  1.00 11.86 ? 13  LEU B CD1 1 
ATOM   509  C  CD2 . LEU B 1 13 ? 10.816  10.412  -2.858  1.00 7.97  ? 13  LEU B CD2 1 
ATOM   510  N  N   . ALA B 1 14 ? 9.461   5.233   -3.576  1.00 9.18  ? 14  ALA B N   1 
ATOM   511  C  CA  . ALA B 1 14 ? 9.774   3.806   -3.543  1.00 7.31  ? 14  ALA B CA  1 
ATOM   512  C  C   . ALA B 1 14 ? 10.514  3.457   -4.827  1.00 8.98  ? 14  ALA B C   1 
ATOM   513  O  O   . ALA B 1 14 ? 11.474  2.689   -4.811  1.00 11.02 ? 14  ALA B O   1 
ATOM   514  C  CB  . ALA B 1 14 ? 8.498   2.991   -3.442  1.00 9.07  ? 14  ALA B CB  1 
ATOM   515  N  N   . ALA B 1 15 ? 10.066  4.036   -5.937  1.00 8.92  ? 15  ALA B N   1 
ATOM   516  C  CA  . ALA B 1 15 ? 10.684  3.799   -7.242  1.00 10.03 ? 15  ALA B CA  1 
ATOM   517  C  C   . ALA B 1 15 ? 12.120  4.314   -7.258  1.00 10.01 ? 15  ALA B C   1 
ATOM   518  O  O   . ALA B 1 15 ? 13.017  3.665   -7.795  1.00 10.35 ? 15  ALA B O   1 
ATOM   519  C  CB  . ALA B 1 15 ? 9.873   4.477   -8.337  1.00 9.80  ? 15  ALA B CB  1 
ATOM   520  N  N   . LYS B 1 16 ? 12.335  5.485   -6.669  1.00 12.13 ? 16  LYS B N   1 
ATOM   521  C  CA  . LYS B 1 16 ? 13.675  6.069   -6.600  1.00 11.13 ? 16  LYS B CA  1 
ATOM   522  C  C   . LYS B 1 16 ? 14.583  5.215   -5.725  1.00 13.50 ? 16  LYS B C   1 
ATOM   523  O  O   . LYS B 1 16 ? 15.788  5.112   -5.976  1.00 15.16 ? 16  LYS B O   1 
ATOM   524  C  CB  . LYS B 1 16 ? 13.609  7.496   -6.045  1.00 10.33 ? 16  LYS B CB  1 
ATOM   525  C  CG  . LYS B 1 16 ? 13.030  8.500   -7.028  1.00 10.49 ? 16  LYS B CG  1 
ATOM   526  C  CD  . LYS B 1 16 ? 13.218  9.930   -6.548  1.00 12.27 ? 16  LYS B CD  1 
ATOM   527  C  CE  . LYS B 1 16 ? 12.871  10.922  -7.655  1.00 16.03 ? 16  LYS B CE  1 
ATOM   528  N  NZ  . LYS B 1 16 ? 13.056  12.329  -7.213  1.00 17.91 ? 16  LYS B NZ  1 
ATOM   529  N  N   . ALA B 1 17 ? 14.007  4.613   -4.689  1.00 12.09 ? 17  ALA B N   1 
ATOM   530  C  CA  . ALA B 1 17 ? 14.773  3.757   -3.793  1.00 11.20 ? 17  ALA B CA  1 
ATOM   531  C  C   . ALA B 1 17 ? 15.221  2.499   -4.539  1.00 14.35 ? 17  ALA B C   1 
ATOM   532  O  O   . ALA B 1 17 ? 16.385  2.097   -4.468  1.00 14.33 ? 17  ALA B O   1 
ATOM   533  C  CB  . ALA B 1 17 ? 13.926  3.376   -2.576  1.00 13.41 ? 17  ALA B CB  1 
ATOM   534  N  N   . LYS B 1 18 ? 14.295  1.878   -5.259  1.00 13.96 ? 18  LYS B N   1 
ATOM   535  C  CA  . LYS B 1 18 ? 14.613  0.670   -6.009  1.00 16.36 ? 18  LYS B CA  1 
ATOM   536  C  C   . LYS B 1 18 ? 15.617  0.955   -7.126  1.00 17.17 ? 18  LYS B C   1 
ATOM   537  O  O   . LYS B 1 18 ? 16.448  0.108   -7.456  1.00 16.67 ? 18  LYS B O   1 
ATOM   538  C  CB  . LYS B 1 18 ? 13.334  0.071   -6.596  1.00 15.24 ? 18  LYS B CB  1 
ATOM   539  C  CG  . LYS B 1 18 ? 13.540  -1.218  -7.371  1.00 19.88 ? 18  LYS B CG  1 
ATOM   540  C  CD  . LYS B 1 18 ? 12.203  -1.841  -7.745  1.00 18.54 ? 18  LYS B CD  1 
ATOM   541  C  CE  . LYS B 1 18 ? 12.391  -3.064  -8.625  1.00 21.84 ? 18  LYS B CE  1 
ATOM   542  N  NZ  . LYS B 1 18 ? 12.960  -2.698  -9.947  1.00 22.75 ? 18  LYS B NZ  1 
ATOM   543  N  N   . ALA B 1 19 ? 15.543  2.152   -7.702  1.00 14.58 ? 19  ALA B N   1 
ATOM   544  C  CA  . ALA B 1 19 ? 16.451  2.533   -8.778  1.00 16.01 ? 19  ALA B CA  1 
ATOM   545  C  C   . ALA B 1 19 ? 17.805  2.986   -8.236  1.00 15.84 ? 19  ALA B C   1 
ATOM   546  O  O   . ALA B 1 19 ? 18.716  3.288   -9.005  1.00 16.09 ? 19  ALA B O   1 
ATOM   547  C  CB  . ALA B 1 19 ? 15.830  3.637   -9.622  1.00 12.77 ? 19  ALA B CB  1 
ATOM   548  N  N   . GLY B 1 20 ? 17.914  3.041   -6.912  1.00 14.91 ? 20  GLY B N   1 
ATOM   549  C  CA  . GLY B 1 20 ? 19.152  3.436   -6.265  1.00 16.62 ? 20  GLY B CA  1 
ATOM   550  C  C   . GLY B 1 20 ? 19.544  4.892   -6.394  1.00 17.67 ? 20  GLY B C   1 
ATOM   551  O  O   . GLY B 1 20 ? 20.724  5.227   -6.297  1.00 17.06 ? 20  GLY B O   1 
ATOM   552  N  N   . VAL B 1 21 ? 18.567  5.768   -6.593  1.00 18.05 ? 21  VAL B N   1 
ATOM   553  C  CA  . VAL B 1 21 ? 18.855  7.189   -6.748  1.00 20.35 ? 21  VAL B CA  1 
ATOM   554  C  C   . VAL B 1 21 ? 18.214  8.074   -5.675  1.00 20.18 ? 21  VAL B C   1 
ATOM   555  O  O   . VAL B 1 21 ? 18.309  9.299   -5.737  1.00 23.14 ? 21  VAL B O   1 
ATOM   556  C  CB  . VAL B 1 21 ? 18.397  7.684   -8.136  1.00 19.93 ? 21  VAL B CB  1 
ATOM   557  C  CG1 . VAL B 1 21 ? 18.893  9.092   -8.390  1.00 24.34 ? 21  VAL B CG1 1 
ATOM   558  C  CG2 . VAL B 1 21 ? 18.917  6.749   -9.211  1.00 23.99 ? 21  VAL B CG2 1 
ATOM   559  N  N   . ILE B 1 22 ? 17.573  7.467   -4.686  1.00 20.32 ? 22  ILE B N   1 
ATOM   560  C  CA  . ILE B 1 22 ? 16.920  8.252   -3.642  1.00 19.08 ? 22  ILE B CA  1 
ATOM   561  C  C   . ILE B 1 22 ? 17.937  8.992   -2.766  1.00 20.54 ? 22  ILE B C   1 
ATOM   562  O  O   . ILE B 1 22 ? 18.972  8.436   -2.397  1.00 20.42 ? 22  ILE B O   1 
ATOM   563  C  CB  . ILE B 1 22 ? 16.010  7.355   -2.762  1.00 18.99 ? 22  ILE B CB  1 
ATOM   564  C  CG1 . ILE B 1 22 ? 15.121  8.228   -1.880  1.00 16.80 ? 22  ILE B CG1 1 
ATOM   565  C  CG2 . ILE B 1 22 ? 16.848  6.426   -1.899  1.00 15.60 ? 22  ILE B CG2 1 
ATOM   566  C  CD1 . ILE B 1 22 ? 14.041  7.450   -1.159  1.00 19.56 ? 22  ILE B CD1 1 
ATOM   567  N  N   . THR B 1 23 ? 17.644  10.248  -2.445  1.00 19.89 ? 23  THR B N   1 
ATOM   568  C  CA  . THR B 1 23 ? 18.548  11.047  -1.619  1.00 21.69 ? 23  THR B CA  1 
ATOM   569  C  C   . THR B 1 23 ? 18.255  10.870  -0.128  1.00 22.05 ? 23  THR B C   1 
ATOM   570  O  O   . THR B 1 23 ? 17.239  10.283  0.253   1.00 18.76 ? 23  THR B O   1 
ATOM   571  C  CB  . THR B 1 23 ? 18.441  12.549  -1.962  1.00 21.03 ? 23  THR B CB  1 
ATOM   572  O  OG1 . THR B 1 23 ? 17.150  13.041  -1.575  1.00 23.09 ? 23  THR B OG1 1 
ATOM   573  C  CG2 . THR B 1 23 ? 18.626  12.768  -3.459  1.00 21.38 ? 23  THR B CG2 1 
ATOM   574  N  N   . GLU B 1 24 ? 19.149  11.375  0.716   1.00 21.42 ? 24  GLU B N   1 
ATOM   575  C  CA  . GLU B 1 24 ? 18.953  11.275  2.159   1.00 21.84 ? 24  GLU B CA  1 
ATOM   576  C  C   . GLU B 1 24 ? 17.696  12.032  2.572   1.00 19.23 ? 24  GLU B C   1 
ATOM   577  O  O   . GLU B 1 24 ? 16.914  11.548  3.393   1.00 20.28 ? 24  GLU B O   1 
ATOM   578  C  CB  . GLU B 1 24 ? 20.162  11.836  2.914   1.00 23.74 ? 24  GLU B CB  1 
ATOM   579  C  CG  . GLU B 1 24 ? 21.358  10.903  2.970   1.00 26.36 ? 24  GLU B CG  1 
ATOM   580  C  CD  . GLU B 1 24 ? 21.033  9.586   3.648   1.00 29.82 ? 24  GLU B CD  1 
ATOM   581  O  OE1 . GLU B 1 24 ? 20.408  9.615   4.730   1.00 33.03 ? 24  GLU B OE1 1 
ATOM   582  O  OE2 . GLU B 1 24 ? 21.401  8.524   3.103   1.00 30.37 ? 24  GLU B OE2 1 
ATOM   583  N  N   . GLU B 1 25 ? 17.495  13.216  2.002   1.00 18.11 ? 25  GLU B N   1 
ATOM   584  C  CA  . GLU B 1 25 ? 16.313  14.004  2.330   1.00 19.61 ? 25  GLU B CA  1 
ATOM   585  C  C   . GLU B 1 25 ? 15.047  13.273  1.886   1.00 18.45 ? 25  GLU B C   1 
ATOM   586  O  O   . GLU B 1 25 ? 14.069  13.206  2.630   1.00 19.43 ? 25  GLU B O   1 
ATOM   587  C  CB  . GLU B 1 25 ? 16.377  15.384  1.676   1.00 22.25 ? 25  GLU B CB  1 
ATOM   588  C  CG  . GLU B 1 25 ? 17.536  16.239  2.173   1.00 28.75 ? 25  GLU B CG  1 
ATOM   589  C  CD  . GLU B 1 25 ? 17.336  17.715  1.896   1.00 33.05 ? 25  GLU B CD  1 
ATOM   590  O  OE1 . GLU B 1 25 ? 17.129  18.086  0.718   1.00 35.51 ? 25  GLU B OE1 1 
ATOM   591  O  OE2 . GLU B 1 25 ? 17.387  18.507  2.862   1.00 36.48 ? 25  GLU B OE2 1 
ATOM   592  N  N   . GLU B 1 26 ? 15.063  12.727  0.674   1.00 16.70 ? 26  GLU B N   1 
ATOM   593  C  CA  . GLU B 1 26 ? 13.903  11.987  0.183   1.00 16.23 ? 26  GLU B CA  1 
ATOM   594  C  C   . GLU B 1 26 ? 13.659  10.781  1.092   1.00 14.42 ? 26  GLU B C   1 
ATOM   595  O  O   . GLU B 1 26 ? 12.516  10.420  1.350   1.00 14.84 ? 26  GLU B O   1 
ATOM   596  C  CB  . GLU B 1 26 ? 14.121  11.544  -1.271  1.00 14.14 ? 26  GLU B CB  1 
ATOM   597  C  CG  . GLU B 1 26 ? 14.201  12.719  -2.250  1.00 16.76 ? 26  GLU B CG  1 
ATOM   598  C  CD  . GLU B 1 26 ? 14.604  12.306  -3.660  1.00 18.58 ? 26  GLU B CD  1 
ATOM   599  O  OE1 . GLU B 1 26 ? 15.503  11.450  -3.792  1.00 17.99 ? 26  GLU B OE1 1 
ATOM   600  O  OE2 . GLU B 1 26 ? 14.036  12.849  -4.637  1.00 17.42 ? 26  GLU B OE2 1 
ATOM   601  N  N   . LYS B 1 27 ? 14.732  10.161  1.582   1.00 16.43 ? 27  LYS B N   1 
ATOM   602  C  CA  . LYS B 1 27 ? 14.592  9.014   2.481   1.00 15.57 ? 27  LYS B CA  1 
ATOM   603  C  C   . LYS B 1 27 ? 13.853  9.450   3.737   1.00 15.65 ? 27  LYS B C   1 
ATOM   604  O  O   . LYS B 1 27 ? 12.924  8.784   4.188   1.00 18.26 ? 27  LYS B O   1 
ATOM   605  C  CB  . LYS B 1 27 ? 15.959  8.454   2.872   1.00 18.13 ? 27  LYS B CB  1 
ATOM   606  C  CG  . LYS B 1 27 ? 16.679  7.704   1.770   1.00 22.62 ? 27  LYS B CG  1 
ATOM   607  C  CD  . LYS B 1 27 ? 17.978  7.105   2.294   1.00 26.95 ? 27  LYS B CD  1 
ATOM   608  C  CE  . LYS B 1 27 ? 18.817  6.506   1.178   1.00 28.32 ? 27  LYS B CE  1 
ATOM   609  N  NZ  . LYS B 1 27 ? 20.050  5.867   1.713   1.00 30.84 ? 27  LYS B NZ  1 
ATOM   610  N  N   . ALA B 1 28 ? 14.274  10.575  4.301   1.00 16.67 ? 28  ALA B N   1 
ATOM   611  C  CA  . ALA B 1 28 ? 13.638  11.102  5.503   1.00 16.27 ? 28  ALA B CA  1 
ATOM   612  C  C   . ALA B 1 28 ? 12.176  11.404  5.193   1.00 14.77 ? 28  ALA B C   1 
ATOM   613  O  O   . ALA B 1 28 ? 11.297  11.165  6.021   1.00 14.57 ? 28  ALA B O   1 
ATOM   614  C  CB  . ALA B 1 28 ? 14.348  12.364  5.969   1.00 16.23 ? 28  ALA B CB  1 
ATOM   615  N  N   . GLU B 1 29 ? 11.924  11.924  3.996   1.00 14.27 ? 29  GLU B N   1 
ATOM   616  C  CA  . GLU B 1 29 ? 10.564  12.246  3.574   1.00 15.23 ? 29  GLU B CA  1 
ATOM   617  C  C   . GLU B 1 29 ? 9.722   10.968  3.511   1.00 13.45 ? 29  GLU B C   1 
ATOM   618  O  O   . GLU B 1 29 ? 8.589   10.950  3.975   1.00 15.71 ? 29  GLU B O   1 
ATOM   619  C  CB  . GLU B 1 29 ? 10.570  12.929  2.197   1.00 15.80 ? 29  GLU B CB  1 
ATOM   620  C  CG  . GLU B 1 29 ? 9.192   13.431  1.755   1.00 14.64 ? 29  GLU B CG  1 
ATOM   621  C  CD  . GLU B 1 29 ? 9.168   13.940  0.322   1.00 17.12 ? 29  GLU B CD  1 
ATOM   622  O  OE1 . GLU B 1 29 ? 10.248  14.133  -0.270  1.00 17.68 ? 29  GLU B OE1 1 
ATOM   623  O  OE2 . GLU B 1 29 ? 8.064   14.160  -0.216  1.00 14.56 ? 29  GLU B OE2 1 
ATOM   624  N  N   . GLN B 1 30 ? 10.285  9.905   2.943   1.00 14.56 ? 30  GLN B N   1 
ATOM   625  C  CA  . GLN B 1 30 ? 9.585   8.622   2.825   1.00 14.82 ? 30  GLN B CA  1 
ATOM   626  C  C   . GLN B 1 30 ? 9.257   8.029   4.204   1.00 16.12 ? 30  GLN B C   1 
ATOM   627  O  O   . GLN B 1 30 ? 8.190   7.451   4.398   1.00 13.71 ? 30  GLN B O   1 
ATOM   628  C  CB  . GLN B 1 30 ? 10.433  7.625   2.027   1.00 15.57 ? 30  GLN B CB  1 
ATOM   629  C  CG  . GLN B 1 30 ? 9.763   6.267   1.798   1.00 15.52 ? 30  GLN B CG  1 
ATOM   630  C  CD  . GLN B 1 30 ? 8.670   6.317   0.744   1.00 16.93 ? 30  GLN B CD  1 
ATOM   631  O  OE1 . GLN B 1 30 ? 7.949   7.305   0.627   1.00 21.46 ? 30  GLN B OE1 1 
ATOM   632  N  NE2 . GLN B 1 30 ? 8.532   5.237   -0.020  1.00 18.58 ? 30  GLN B NE2 1 
ATOM   633  N  N   . GLN B 1 31 ? 10.186  8.167   5.149   1.00 17.11 ? 31  GLN B N   1 
ATOM   634  C  CA  . GLN B 1 31 ? 9.988   7.666   6.512   1.00 18.38 ? 31  GLN B CA  1 
ATOM   635  C  C   . GLN B 1 31 ? 8.758   8.342   7.113   1.00 16.77 ? 31  GLN B C   1 
ATOM   636  O  O   . GLN B 1 31 ? 7.921   7.698   7.751   1.00 17.47 ? 31  GLN B O   1 
ATOM   637  C  CB  . GLN B 1 31 ? 11.204  7.999   7.379   1.00 23.49 ? 31  GLN B CB  1 
ATOM   638  C  CG  . GLN B 1 31 ? 12.495  7.318   6.962   1.00 29.20 ? 31  GLN B CG  1 
ATOM   639  C  CD  . GLN B 1 31 ? 12.643  5.941   7.568   1.00 32.46 ? 31  GLN B CD  1 
ATOM   640  O  OE1 . GLN B 1 31 ? 11.826  5.050   7.324   1.00 36.40 ? 31  GLN B OE1 1 
ATOM   641  N  NE2 . GLN B 1 31 ? 13.688  5.759   8.371   1.00 33.80 ? 31  GLN B NE2 1 
ATOM   642  N  N   . LYS B 1 32 ? 8.672   9.653   6.908   1.00 15.84 ? 32  LYS B N   1 
ATOM   643  C  CA  . LYS B 1 32 ? 7.558   10.450  7.406   1.00 16.88 ? 32  LYS B CA  1 
ATOM   644  C  C   . LYS B 1 32 ? 6.248   9.988   6.790   1.00 14.62 ? 32  LYS B C   1 
ATOM   645  O  O   . LYS B 1 32 ? 5.252   9.828   7.487   1.00 15.29 ? 32  LYS B O   1 
ATOM   646  C  CB  . LYS B 1 32 ? 7.776   11.928  7.075   1.00 20.96 ? 32  LYS B CB  1 
ATOM   647  C  CG  . LYS B 1 32 ? 8.917   12.593  7.832   1.00 26.12 ? 32  LYS B CG  1 
ATOM   648  C  CD  . LYS B 1 32 ? 8.555   12.848  9.286   1.00 29.92 ? 32  LYS B CD  1 
ATOM   649  C  CE  . LYS B 1 32 ? 9.691   13.542  10.027  1.00 31.01 ? 32  LYS B CE  1 
ATOM   650  N  NZ  . LYS B 1 32 ? 9.354   13.754  11.464  1.00 35.09 ? 32  LYS B NZ  1 
ATOM   651  N  N   . LEU B 1 33 ? 6.251   9.777   5.476   1.00 13.80 ? 33  LEU B N   1 
ATOM   652  C  CA  . LEU B 1 33 ? 5.048   9.333   4.784   1.00 12.79 ? 33  LEU B CA  1 
ATOM   653  C  C   . LEU B 1 33 ? 4.646   7.921   5.203   1.00 12.37 ? 33  LEU B C   1 
ATOM   654  O  O   . LEU B 1 33 ? 3.458   7.631   5.342   1.00 12.47 ? 33  LEU B O   1 
ATOM   655  C  CB  . LEU B 1 33 ? 5.261   9.387   3.266   1.00 13.17 ? 33  LEU B CB  1 
ATOM   656  C  CG  . LEU B 1 33 ? 5.486   10.785  2.678   1.00 14.22 ? 33  LEU B CG  1 
ATOM   657  C  CD1 . LEU B 1 33 ? 5.880   10.677  1.201   1.00 12.52 ? 33  LEU B CD1 1 
ATOM   658  C  CD2 . LEU B 1 33 ? 4.222   11.615  2.844   1.00 14.00 ? 33  LEU B CD2 1 
ATOM   659  N  N   . ARG B 1 34 ? 5.629   7.047   5.395   1.00 12.18 ? 34  ARG B N   1 
ATOM   660  C  CA  . ARG B 1 34 ? 5.352   5.671   5.798   1.00 15.33 ? 34  ARG B CA  1 
ATOM   661  C  C   . ARG B 1 34 ? 4.657   5.652   7.154   1.00 14.81 ? 34  ARG B C   1 
ATOM   662  O  O   . ARG B 1 34 ? 3.740   4.869   7.374   1.00 15.89 ? 34  ARG B O   1 
ATOM   663  C  CB  . ARG B 1 34 ? 6.643   4.849   5.866   1.00 16.47 ? 34  ARG B CB  1 
ATOM   664  C  CG  . ARG B 1 34 ? 7.242   4.499   4.506   1.00 22.86 ? 34  ARG B CG  1 
ATOM   665  C  CD  . ARG B 1 34 ? 8.674   3.980   4.645   1.00 25.43 ? 34  ARG B CD  1 
ATOM   666  N  NE  . ARG B 1 34 ? 8.761   2.801   5.505   1.00 28.60 ? 34  ARG B NE  1 
ATOM   667  C  CZ  . ARG B 1 34 ? 8.821   1.546   5.068   1.00 29.12 ? 34  ARG B CZ  1 
ATOM   668  N  NH1 . ARG B 1 34 ? 8.805   1.282   3.764   1.00 23.95 ? 34  ARG B NH1 1 
ATOM   669  N  NH2 . ARG B 1 34 ? 8.898   0.550   5.942   1.00 30.05 ? 34  ARG B NH2 1 
ATOM   670  N  N   . GLN B 1 35 ? 5.089   6.518   8.061   1.00 16.62 ? 35  GLN B N   1 
ATOM   671  C  CA  . GLN B 1 35 ? 4.471   6.578   9.379   1.00 19.45 ? 35  GLN B CA  1 
ATOM   672  C  C   . GLN B 1 35 ? 3.051   7.121   9.268   1.00 17.52 ? 35  GLN B C   1 
ATOM   673  O  O   . GLN B 1 35 ? 2.153   6.681   9.985   1.00 17.91 ? 35  GLN B O   1 
ATOM   674  C  CB  . GLN B 1 35 ? 5.310   7.438   10.326  1.00 20.86 ? 35  GLN B CB  1 
ATOM   675  C  CG  . GLN B 1 35 ? 6.602   6.754   10.752  1.00 27.46 ? 35  GLN B CG  1 
ATOM   676  C  CD  . GLN B 1 35 ? 6.360   5.356   11.305  1.00 31.82 ? 35  GLN B CD  1 
ATOM   677  O  OE1 . GLN B 1 35 ? 5.630   5.178   12.284  1.00 33.78 ? 35  GLN B OE1 1 
ATOM   678  N  NE2 . GLN B 1 35 ? 6.972   4.355   10.677  1.00 34.87 ? 35  GLN B NE2 1 
ATOM   679  N  N   . GLU B 1 36 ? 2.847   8.073   8.364   1.00 16.92 ? 36  GLU B N   1 
ATOM   680  C  CA  . GLU B 1 36 ? 1.517   8.636   8.154   1.00 16.94 ? 36  GLU B CA  1 
ATOM   681  C  C   . GLU B 1 36 ? 0.619   7.536   7.588   1.00 17.31 ? 36  GLU B C   1 
ATOM   682  O  O   . GLU B 1 36 ? -0.574  7.459   7.898   1.00 15.70 ? 36  GLU B O   1 
ATOM   683  C  CB  . GLU B 1 36 ? 1.575   9.811   7.167   1.00 19.82 ? 36  GLU B CB  1 
ATOM   684  C  CG  . GLU B 1 36 ? 2.049   11.132  7.768   1.00 22.48 ? 36  GLU B CG  1 
ATOM   685  C  CD  . GLU B 1 36 ? 2.220   12.227  6.720   1.00 25.80 ? 36  GLU B CD  1 
ATOM   686  O  OE1 . GLU B 1 36 ? 1.284   12.440  5.923   1.00 27.78 ? 36  GLU B OE1 1 
ATOM   687  O  OE2 . GLU B 1 36 ? 3.288   12.880  6.696   1.00 27.79 ? 36  GLU B OE2 1 
ATOM   688  N  N   . TYR B 1 37 ? 1.205   6.681   6.755   1.00 16.07 ? 37  TYR B N   1 
ATOM   689  C  CA  . TYR B 1 37 ? 0.458   5.587   6.149   1.00 16.46 ? 37  TYR B CA  1 
ATOM   690  C  C   . TYR B 1 37 ? -0.120  4.670   7.232   1.00 15.17 ? 37  TYR B C   1 
ATOM   691  O  O   . TYR B 1 37 ? -1.323  4.391   7.252   1.00 13.82 ? 37  TYR B O   1 
ATOM   692  C  CB  . TYR B 1 37 ? 1.378   4.795   5.215   1.00 14.91 ? 37  TYR B CB  1 
ATOM   693  C  CG  . TYR B 1 37 ? 0.770   3.521   4.668   1.00 17.29 ? 37  TYR B CG  1 
ATOM   694  C  CD1 . TYR B 1 37 ? 1.065   2.293   5.238   1.00 20.47 ? 37  TYR B CD1 1 
ATOM   695  C  CD2 . TYR B 1 37 ? -0.091  3.546   3.579   1.00 19.68 ? 37  TYR B CD2 1 
ATOM   696  C  CE1 . TYR B 1 37 ? 0.520   1.108   4.736   1.00 21.95 ? 37  TYR B CE1 1 
ATOM   697  C  CE2 . TYR B 1 37 ? -0.646  2.366   3.064   1.00 21.61 ? 37  TYR B CE2 1 
ATOM   698  C  CZ  . TYR B 1 37 ? -0.333  1.150   3.649   1.00 21.05 ? 37  TYR B CZ  1 
ATOM   699  O  OH  . TYR B 1 37 ? -0.850  -0.022  3.145   1.00 22.25 ? 37  TYR B OH  1 
ATOM   700  N  N   . LEU B 1 38 ? 0.747   4.218   8.131   1.00 16.63 ? 38  LEU B N   1 
ATOM   701  C  CA  . LEU B 1 38 ? 0.343   3.334   9.223   1.00 19.28 ? 38  LEU B CA  1 
ATOM   702  C  C   . LEU B 1 38 ? -0.664  4.003   10.152  1.00 19.94 ? 38  LEU B C   1 
ATOM   703  O  O   . LEU B 1 38 ? -1.708  3.432   10.449  1.00 22.14 ? 38  LEU B O   1 
ATOM   704  C  CB  . LEU B 1 38 ? 1.572   2.890   10.015  1.00 19.61 ? 38  LEU B CB  1 
ATOM   705  C  CG  . LEU B 1 38 ? 2.567   2.045   9.220   1.00 20.05 ? 38  LEU B CG  1 
ATOM   706  C  CD1 . LEU B 1 38 ? 3.798   1.779   10.067  1.00 21.26 ? 38  LEU B CD1 1 
ATOM   707  C  CD2 . LEU B 1 38 ? 1.900   0.740   8.788   1.00 19.81 ? 38  LEU B CD2 1 
ATOM   708  N  N   . LYS B 1 39 ? -0.357  5.218   10.596  1.00 21.27 ? 39  LYS B N   1 
ATOM   709  C  CA  . LYS B 1 39 ? -1.264  5.946   11.479  1.00 23.26 ? 39  LYS B CA  1 
ATOM   710  C  C   . LYS B 1 39 ? -2.639  6.081   10.822  1.00 22.64 ? 39  LYS B C   1 
ATOM   711  O  O   . LYS B 1 39 ? -3.654  6.269   11.501  1.00 22.20 ? 39  LYS B O   1 
ATOM   712  C  CB  . LYS B 1 39 ? -0.696  7.334   11.802  1.00 26.61 ? 39  LYS B CB  1 
ATOM   713  C  CG  . LYS B 1 39 ? -1.590  8.163   12.712  1.00 29.96 ? 39  LYS B CG  1 
ATOM   714  C  CD  . LYS B 1 39 ? -0.899  9.432   13.184  1.00 34.52 ? 39  LYS B CD  1 
ATOM   715  C  CE  . LYS B 1 39 ? -1.777  10.196  14.170  1.00 35.06 ? 39  LYS B CE  1 
ATOM   716  N  NZ  . LYS B 1 39 ? -1.105  11.416  14.702  1.00 37.53 ? 39  LYS B NZ  1 
ATOM   717  N  N   . GLY B 1 40 ? -2.668  5.977   9.496   1.00 18.72 ? 40  GLY B N   1 
ATOM   718  C  CA  . GLY B 1 40 ? -3.919  6.076   8.765   1.00 20.25 ? 40  GLY B CA  1 
ATOM   719  C  C   . GLY B 1 40 ? -4.866  4.911   9.006   1.00 20.10 ? 40  GLY B C   1 
ATOM   720  O  O   . GLY B 1 40 ? -6.048  4.985   8.666   1.00 20.23 ? 40  GLY B O   1 
ATOM   721  N  N   . PHE B 1 41 ? -4.347  3.837   9.592   1.00 21.62 ? 41  PHE B N   1 
ATOM   722  C  CA  . PHE B 1 41 ? -5.133  2.641   9.890   1.00 23.69 ? 41  PHE B CA  1 
ATOM   723  C  C   . PHE B 1 41 ? -5.634  2.640   11.339  1.00 27.27 ? 41  PHE B C   1 
ATOM   724  O  O   . PHE B 1 41 ? -6.195  1.649   11.805  1.00 25.80 ? 41  PHE B O   1 
ATOM   725  C  CB  . PHE B 1 41 ? -4.281  1.388   9.676   1.00 24.11 ? 41  PHE B CB  1 
ATOM   726  C  CG  . PHE B 1 41 ? -3.974  1.095   8.233   1.00 25.13 ? 41  PHE B CG  1 
ATOM   727  C  CD1 . PHE B 1 41 ? -4.834  0.320   7.471   1.00 25.41 ? 41  PHE B CD1 1 
ATOM   728  C  CD2 . PHE B 1 41 ? -2.820  1.591   7.640   1.00 23.82 ? 41  PHE B CD2 1 
ATOM   729  C  CE1 . PHE B 1 41 ? -4.556  0.043   6.132   1.00 26.14 ? 41  PHE B CE1 1 
ATOM   730  C  CE2 . PHE B 1 41 ? -2.530  1.323   6.301   1.00 25.91 ? 41  PHE B CE2 1 
ATOM   731  C  CZ  . PHE B 1 41 ? -3.400  0.545   5.549   1.00 26.20 ? 41  PHE B CZ  1 
ATOM   732  N  N   . ARG B 1 42 ? -5.424  3.747   12.043  1.00 29.32 ? 42  ARG B N   1 
ATOM   733  C  CA  . ARG B 1 42 ? -5.826  3.862   13.441  1.00 34.19 ? 42  ARG B CA  1 
ATOM   734  C  C   . ARG B 1 42 ? -7.324  3.655   13.662  1.00 36.25 ? 42  ARG B C   1 
ATOM   735  O  O   . ARG B 1 42 ? -7.726  2.817   14.468  1.00 35.64 ? 42  ARG B O   1 
ATOM   736  C  CB  . ARG B 1 42 ? -5.400  5.228   13.993  1.00 36.76 ? 42  ARG B CB  1 
ATOM   737  C  CG  . ARG B 1 42 ? -5.598  5.397   15.493  1.00 42.70 ? 42  ARG B CG  1 
ATOM   738  C  CD  . ARG B 1 42 ? -5.093  6.755   15.967  1.00 45.84 ? 42  ARG B CD  1 
ATOM   739  N  NE  . ARG B 1 42 ? -5.346  6.971   17.390  1.00 50.69 ? 42  ARG B NE  1 
ATOM   740  C  CZ  . ARG B 1 42 ? -5.059  8.094   18.041  1.00 52.28 ? 42  ARG B CZ  1 
ATOM   741  N  NH1 . ARG B 1 42 ? -4.506  9.116   17.400  1.00 54.55 ? 42  ARG B NH1 1 
ATOM   742  N  NH2 . ARG B 1 42 ? -5.326  8.196   19.336  1.00 53.20 ? 42  ARG B NH2 1 
ATOM   743  N  N   . SER B 1 43 ? -8.146  4.417   12.948  1.00 38.42 ? 43  SER B N   1 
ATOM   744  C  CA  . SER B 1 43 ? -9.595  4.311   13.078  1.00 40.42 ? 43  SER B CA  1 
ATOM   745  C  C   . SER B 1 43 ? -10.122 2.938   12.678  1.00 41.81 ? 43  SER B C   1 
ATOM   746  O  O   . SER B 1 43 ? -11.127 2.476   13.214  1.00 41.03 ? 43  SER B O   1 
ATOM   747  C  CB  . SER B 1 43 ? -10.285 5.389   12.242  1.00 40.43 ? 43  SER B CB  1 
ATOM   748  O  OG  . SER B 1 43 ? -10.063 6.672   12.797  1.00 41.28 ? 43  SER B OG  1 
ATOM   749  N  N   . SER B 1 44 ? -9.451  2.291   11.730  1.00 42.86 ? 44  SER B N   1 
ATOM   750  C  CA  . SER B 1 44 ? -9.869  0.966   11.285  1.00 45.08 ? 44  SER B CA  1 
ATOM   751  C  C   . SER B 1 44 ? -9.550  -0.060  12.364  1.00 46.36 ? 44  SER B C   1 
ATOM   752  O  O   . SER B 1 44 ? -10.291 -1.022  12.562  1.00 45.95 ? 44  SER B O   1 
ATOM   753  C  CB  . SER B 1 44 ? -9.155  0.584   9.986   1.00 44.95 ? 44  SER B CB  1 
ATOM   754  O  OG  . SER B 1 44 ? -9.529  1.448   8.928   1.00 46.99 ? 44  SER B OG  1 
HETATM 755  N  N   . MSE B 1 45 ? -8.440  0.154   13.060  1.00 48.54 ? 45  MSE B N   1 
HETATM 756  C  CA  . MSE B 1 45 ? -8.025  -0.751  14.118  1.00 51.99 ? 45  MSE B CA  1 
HETATM 757  C  C   . MSE B 1 45 ? -9.046  -0.728  15.251  1.00 52.47 ? 45  MSE B C   1 
HETATM 758  O  O   . MSE B 1 45 ? -9.406  -1.773  15.787  1.00 51.85 ? 45  MSE B O   1 
HETATM 759  C  CB  . MSE B 1 45 ? -6.646  -0.347  14.646  1.00 54.91 ? 45  MSE B CB  1 
HETATM 760  C  CG  . MSE B 1 45 ? -6.055  -1.309  15.665  1.00 60.31 ? 45  MSE B CG  1 
HETATM 761  SE SE  . MSE B 1 45 ? -5.700  -3.072  14.949  1.00 69.03 ? 45  MSE B SE  1 
HETATM 762  C  CE  . MSE B 1 45 ? -7.262  -3.986  15.615  1.00 64.20 ? 45  MSE B CE  1 
ATOM   763  N  N   . LYS B 1 46 ? -9.520  0.464   15.606  1.00 53.65 ? 46  LYS B N   1 
ATOM   764  C  CA  . LYS B 1 46 ? -10.496 0.590   16.681  1.00 55.55 ? 46  LYS B CA  1 
ATOM   765  C  C   . LYS B 1 46 ? -11.869 0.061   16.273  1.00 55.88 ? 46  LYS B C   1 
ATOM   766  O  O   . LYS B 1 46 ? -12.613 -0.445  17.111  1.00 56.13 ? 46  LYS B O   1 
ATOM   767  C  CB  . LYS B 1 46 ? -10.610 2.048   17.155  1.00 56.30 ? 46  LYS B CB  1 
ATOM   768  C  CG  . LYS B 1 46 ? -11.104 3.029   16.112  1.00 57.56 ? 46  LYS B CG  1 
ATOM   769  C  CD  . LYS B 1 46 ? -11.441 4.393   16.719  1.00 58.74 ? 46  LYS B CD  1 
ATOM   770  C  CE  . LYS B 1 46 ? -10.216 5.128   17.259  1.00 59.45 ? 46  LYS B CE  1 
ATOM   771  N  NZ  . LYS B 1 46 ? -9.646  4.513   18.490  1.00 59.40 ? 46  LYS B NZ  1 
ATOM   772  N  N   . ASN B 1 47 ? -12.211 0.176   14.993  1.00 56.51 ? 47  ASN B N   1 
ATOM   773  C  CA  . ASN B 1 47 ? -13.496 -0.329  14.525  1.00 56.98 ? 47  ASN B CA  1 
ATOM   774  C  C   . ASN B 1 47 ? -13.486 -1.851  14.604  1.00 56.58 ? 47  ASN B C   1 
ATOM   775  O  O   . ASN B 1 47 ? -14.535 -2.489  14.677  1.00 56.93 ? 47  ASN B O   1 
ATOM   776  C  CB  . ASN B 1 47 ? -13.769 0.106   13.082  1.00 58.44 ? 47  ASN B CB  1 
ATOM   777  C  CG  . ASN B 1 47 ? -14.036 1.595   12.959  1.00 60.02 ? 47  ASN B CG  1 
ATOM   778  O  OD1 . ASN B 1 47 ? -14.801 2.167   13.735  1.00 61.03 ? 47  ASN B OD1 1 
ATOM   779  N  ND2 . ASN B 1 47 ? -13.413 2.229   11.971  1.00 60.68 ? 47  ASN B ND2 1 
ATOM   780  N  N   . THR B 1 48 ? -12.287 -2.424  14.595  1.00 55.66 ? 48  THR B N   1 
ATOM   781  C  CA  . THR B 1 48 ? -12.122 -3.871  14.667  1.00 55.37 ? 48  THR B CA  1 
ATOM   782  C  C   . THR B 1 48 ? -11.951 -4.320  16.115  1.00 54.62 ? 48  THR B C   1 
ATOM   783  O  O   . THR B 1 48 ? -11.593 -3.526  16.985  1.00 53.32 ? 48  THR B O   1 
ATOM   784  C  CB  . THR B 1 48 ? -10.889 -4.328  13.856  1.00 55.58 ? 48  THR B CB  1 
ATOM   785  O  OG1 . THR B 1 48 ? -11.016 -3.884  12.500  1.00 56.23 ? 48  THR B OG1 1 
ATOM   786  C  CG2 . THR B 1 48 ? -10.770 -5.845  13.875  1.00 55.67 ? 48  THR B CG2 1 
HETATM 787  N  N   . MSE C 1 1  ? -6.157  -9.446  1.311   1.00 36.45 ? 1   MSE C N   1 
HETATM 788  C  CA  . MSE C 1 1  ? -5.645  -8.196  0.686   1.00 35.66 ? 1   MSE C CA  1 
HETATM 789  C  C   . MSE C 1 1  ? -6.246  -8.028  -0.709  1.00 32.45 ? 1   MSE C C   1 
HETATM 790  O  O   . MSE C 1 1  ? -6.542  -9.008  -1.395  1.00 30.64 ? 1   MSE C O   1 
HETATM 791  C  CB  . MSE C 1 1  ? -4.115  -8.243  0.612   1.00 40.67 ? 1   MSE C CB  1 
HETATM 792  C  CG  . MSE C 1 1  ? -3.457  -6.994  0.042   1.00 46.22 ? 1   MSE C CG  1 
HETATM 793  SE SE  . MSE C 1 1  ? -1.519  -7.087  0.137   1.00 56.80 ? 1   MSE C SE  1 
HETATM 794  C  CE  . MSE C 1 1  ? -1.134  -5.204  0.299   1.00 51.81 ? 1   MSE C CE  1 
ATOM   795  N  N   . ILE C 1 2  ? -6.436  -6.778  -1.115  1.00 29.77 ? 2   ILE C N   1 
ATOM   796  C  CA  . ILE C 1 2  ? -7.018  -6.457  -2.414  1.00 26.28 ? 2   ILE C CA  1 
ATOM   797  C  C   . ILE C 1 2  ? -6.199  -7.097  -3.547  1.00 23.74 ? 2   ILE C C   1 
ATOM   798  O  O   . ILE C 1 2  ? -5.003  -7.346  -3.391  1.00 22.09 ? 2   ILE C O   1 
ATOM   799  C  CB  . ILE C 1 2  ? -7.106  -4.915  -2.570  1.00 28.56 ? 2   ILE C CB  1 
ATOM   800  C  CG1 . ILE C 1 2  ? -8.076  -4.545  -3.689  1.00 27.77 ? 2   ILE C CG1 1 
ATOM   801  C  CG2 . ILE C 1 2  ? -5.727  -4.336  -2.820  1.00 29.21 ? 2   ILE C CG2 1 
ATOM   802  C  CD1 . ILE C 1 2  ? -8.373  -3.060  -3.739  1.00 29.51 ? 2   ILE C CD1 1 
ATOM   803  N  N   . SER C 1 3  ? -6.840  -7.373  -4.682  1.00 20.97 ? 3   SER C N   1 
ATOM   804  C  CA  . SER C 1 3  ? -6.156  -8.014  -5.814  1.00 18.21 ? 3   SER C CA  1 
ATOM   805  C  C   . SER C 1 3  ? -5.027  -7.170  -6.397  1.00 16.83 ? 3   SER C C   1 
ATOM   806  O  O   . SER C 1 3  ? -4.994  -5.956  -6.215  1.00 14.47 ? 3   SER C O   1 
ATOM   807  C  CB  . SER C 1 3  ? -7.153  -8.330  -6.932  1.00 18.46 ? 3   SER C CB  1 
ATOM   808  O  OG  . SER C 1 3  ? -7.486  -7.153  -7.659  1.00 17.29 ? 3   SER C OG  1 
ATOM   809  N  N   . ASN C 1 4  ? -4.114  -7.819  -7.117  1.00 15.53 ? 4   ASN C N   1 
ATOM   810  C  CA  . ASN C 1 4  ? -2.999  -7.110  -7.735  1.00 15.96 ? 4   ASN C CA  1 
ATOM   811  C  C   . ASN C 1 4  ? -3.483  -6.091  -8.750  1.00 14.50 ? 4   ASN C C   1 
ATOM   812  O  O   . ASN C 1 4  ? -2.993  -4.964  -8.776  1.00 11.31 ? 4   ASN C O   1 
ATOM   813  C  CB  . ASN C 1 4  ? -2.044  -8.082  -8.430  1.00 16.86 ? 4   ASN C CB  1 
ATOM   814  C  CG  . ASN C 1 4  ? -1.234  -8.898  -7.449  1.00 18.09 ? 4   ASN C CG  1 
ATOM   815  O  OD1 . ASN C 1 4  ? -0.664  -8.358  -6.505  1.00 21.33 ? 4   ASN C OD1 1 
ATOM   816  N  ND2 . ASN C 1 4  ? -1.171  -10.204 -7.673  1.00 19.00 ? 4   ASN C ND2 1 
ATOM   817  N  N   . ALA C 1 5  ? -4.441  -6.486  -9.587  1.00 14.64 ? 5   ALA C N   1 
ATOM   818  C  CA  . ALA C 1 5  ? -4.963  -5.575  -10.598 1.00 14.50 ? 5   ALA C CA  1 
ATOM   819  C  C   . ALA C 1 5  ? -5.591  -4.343  -9.950  1.00 13.21 ? 5   ALA C C   1 
ATOM   820  O  O   . ALA C 1 5  ? -5.538  -3.249  -10.506 1.00 13.37 ? 5   ALA C O   1 
ATOM   821  C  CB  . ALA C 1 5  ? -5.989  -6.287  -11.485 1.00 14.41 ? 5   ALA C CB  1 
ATOM   822  N  N   . LYS C 1 6  ? -6.184  -4.519  -8.775  1.00 14.79 ? 6   LYS C N   1 
ATOM   823  C  CA  . LYS C 1 6  ? -6.809  -3.398  -8.086  1.00 13.45 ? 6   LYS C CA  1 
ATOM   824  C  C   . LYS C 1 6  ? -5.758  -2.502  -7.443  1.00 13.60 ? 6   LYS C C   1 
ATOM   825  O  O   . LYS C 1 6  ? -5.948  -1.294  -7.332  1.00 13.50 ? 6   LYS C O   1 
ATOM   826  C  CB  . LYS C 1 6  ? -7.813  -3.901  -7.047  1.00 14.75 ? 6   LYS C CB  1 
ATOM   827  C  CG  . LYS C 1 6  ? -9.121  -4.394  -7.677  1.00 18.28 ? 6   LYS C CG  1 
ATOM   828  C  CD  . LYS C 1 6  ? -10.093 -4.913  -6.630  1.00 19.50 ? 6   LYS C CD  1 
ATOM   829  C  CE  . LYS C 1 6  ? -11.383 -5.423  -7.265  1.00 22.43 ? 6   LYS C CE  1 
ATOM   830  N  NZ  . LYS C 1 6  ? -12.140 -4.332  -7.936  1.00 19.32 ? 6   LYS C NZ  1 
ATOM   831  N  N   . ILE C 1 7  ? -4.643  -3.096  -7.033  1.00 11.39 ? 7   ILE C N   1 
ATOM   832  C  CA  . ILE C 1 7  ? -3.561  -2.324  -6.446  1.00 10.26 ? 7   ILE C CA  1 
ATOM   833  C  C   . ILE C 1 7  ? -3.014  -1.431  -7.558  1.00 9.23  ? 7   ILE C C   1 
ATOM   834  O  O   . ILE C 1 7  ? -2.733  -0.248  -7.348  1.00 9.99  ? 7   ILE C O   1 
ATOM   835  C  CB  . ILE C 1 7  ? -2.428  -3.243  -5.931  1.00 12.49 ? 7   ILE C CB  1 
ATOM   836  C  CG1 . ILE C 1 7  ? -2.894  -3.987  -4.677  1.00 14.91 ? 7   ILE C CG1 1 
ATOM   837  C  CG2 . ILE C 1 7  ? -1.177  -2.425  -5.650  1.00 11.67 ? 7   ILE C CG2 1 
ATOM   838  C  CD1 . ILE C 1 7  ? -1.921  -5.038  -4.186  1.00 17.57 ? 7   ILE C CD1 1 
ATOM   839  N  N   . ALA C 1 8  ? -2.875  -2.011  -8.745  1.00 8.33  ? 8   ALA C N   1 
ATOM   840  C  CA  . ALA C 1 8  ? -2.370  -1.287  -9.906  1.00 8.13  ? 8   ALA C CA  1 
ATOM   841  C  C   . ALA C 1 8  ? -3.254  -0.079  -10.208 1.00 8.21  ? 8   ALA C C   1 
ATOM   842  O  O   . ALA C 1 8  ? -2.756  1.024   -10.403 1.00 9.97  ? 8   ALA C O   1 
ATOM   843  C  CB  . ALA C 1 8  ? -2.320  -2.213  -11.121 1.00 7.06  ? 8   ALA C CB  1 
ATOM   844  N  N   . ARG C 1 9  ? -4.566  -0.291  -10.237 1.00 8.54  ? 9   ARG C N   1 
ATOM   845  C  CA  . ARG C 1 9  ? -5.511  0.792   -10.518 1.00 10.09 ? 9   ARG C CA  1 
ATOM   846  C  C   . ARG C 1 9  ? -5.412  1.919   -9.484  1.00 9.94  ? 9   ARG C C   1 
ATOM   847  O  O   . ARG C 1 9  ? -5.389  3.101   -9.846  1.00 10.07 ? 9   ARG C O   1 
ATOM   848  C  CB  . ARG C 1 9  ? -6.941  0.239   -10.569 1.00 11.92 ? 9   ARG C CB  1 
ATOM   849  C  CG  . ARG C 1 9  ? -8.002  1.252   -11.041 1.00 13.50 ? 9   ARG C CG  1 
ATOM   850  C  CD  . ARG C 1 9  ? -7.638  1.877   -12.384 1.00 14.30 ? 9   ARG C CD  1 
ATOM   851  N  NE  . ARG C 1 9  ? -8.703  2.756   -12.871 1.00 15.73 ? 9   ARG C NE  1 
ATOM   852  C  CZ  . ARG C 1 9  ? -8.566  3.640   -13.855 1.00 17.26 ? 9   ARG C CZ  1 
ATOM   853  N  NH1 . ARG C 1 9  ? -7.404  3.781   -14.478 1.00 19.56 ? 9   ARG C NH1 1 
ATOM   854  N  NH2 . ARG C 1 9  ? -9.600  4.384   -14.221 1.00 19.99 ? 9   ARG C NH2 1 
ATOM   855  N  N   . ILE C 1 10 ? -5.353  1.553   -8.204  1.00 8.86  ? 10  ILE C N   1 
ATOM   856  C  CA  . ILE C 1 10 ? -5.236  2.535   -7.129  1.00 9.08  ? 10  ILE C CA  1 
ATOM   857  C  C   . ILE C 1 10 ? -4.005  3.406   -7.356  1.00 7.41  ? 10  ILE C C   1 
ATOM   858  O  O   . ILE C 1 10 ? -4.050  4.619   -7.168  1.00 8.79  ? 10  ILE C O   1 
ATOM   859  C  CB  . ILE C 1 10 ? -5.115  1.845   -5.742  1.00 10.45 ? 10  ILE C CB  1 
ATOM   860  C  CG1 . ILE C 1 10 ? -6.440  1.179   -5.383  1.00 12.32 ? 10  ILE C CG1 1 
ATOM   861  C  CG2 . ILE C 1 10 ? -4.706  2.863   -4.667  1.00 12.77 ? 10  ILE C CG2 1 
ATOM   862  C  CD1 . ILE C 1 10 ? -6.358  0.282   -4.160  1.00 17.04 ? 10  ILE C CD1 1 
ATOM   863  N  N   . ASN C 1 11 ? -2.903  2.794   -7.771  1.00 6.46  ? 11  ASN C N   1 
ATOM   864  C  CA  . ASN C 1 11 ? -1.688  3.562   -8.014  1.00 7.15  ? 11  ASN C CA  1 
ATOM   865  C  C   . ASN C 1 11 ? -1.833  4.490   -9.226  1.00 7.52  ? 11  ASN C C   1 
ATOM   866  O  O   . ASN C 1 11 ? -1.329  5.613   -9.209  1.00 9.81  ? 11  ASN C O   1 
ATOM   867  C  CB  . ASN C 1 11 ? -0.484  2.628   -8.194  1.00 6.14  ? 11  ASN C CB  1 
ATOM   868  C  CG  . ASN C 1 11 ? -0.176  1.826   -6.929  1.00 7.43  ? 11  ASN C CG  1 
ATOM   869  O  OD1 . ASN C 1 11 ? -0.516  2.240   -5.817  1.00 7.91  ? 11  ASN C OD1 1 
ATOM   870  N  ND2 . ASN C 1 11 ? 0.478   0.684   -7.097  1.00 10.19 ? 11  ASN C ND2 1 
ATOM   871  N  N   . GLU C 1 12 ? -2.517  4.031   -10.272 1.00 10.18 ? 12  GLU C N   1 
ATOM   872  C  CA  . GLU C 1 12 ? -2.718  4.870   -11.460 1.00 12.23 ? 12  GLU C CA  1 
ATOM   873  C  C   . GLU C 1 12 ? -3.529  6.111   -11.099 1.00 9.76  ? 12  GLU C C   1 
ATOM   874  O  O   . GLU C 1 12 ? -3.186  7.229   -11.481 1.00 11.47 ? 12  GLU C O   1 
ATOM   875  C  CB  . GLU C 1 12 ? -3.474  4.108   -12.553 1.00 12.50 ? 12  GLU C CB  1 
ATOM   876  C  CG  . GLU C 1 12 ? -2.769  2.883   -13.085 1.00 17.77 ? 12  GLU C CG  1 
ATOM   877  C  CD  . GLU C 1 12 ? -3.488  2.279   -14.280 1.00 20.60 ? 12  GLU C CD  1 
ATOM   878  O  OE1 . GLU C 1 12 ? -4.717  2.484   -14.415 1.00 19.45 ? 12  GLU C OE1 1 
ATOM   879  O  OE2 . GLU C 1 12 ? -2.824  1.586   -15.076 1.00 25.63 ? 12  GLU C OE2 1 
ATOM   880  N  N   . LEU C 1 13 ? -4.624  5.899   -10.382 1.00 10.58 ? 13  LEU C N   1 
ATOM   881  C  CA  . LEU C 1 13 ? -5.496  6.989   -9.978  1.00 11.16 ? 13  LEU C CA  1 
ATOM   882  C  C   . LEU C 1 13 ? -4.823  7.919   -8.981  1.00 12.00 ? 13  LEU C C   1 
ATOM   883  O  O   . LEU C 1 13 ? -5.044  9.127   -9.016  1.00 12.65 ? 13  LEU C O   1 
ATOM   884  C  CB  . LEU C 1 13 ? -6.787  6.435   -9.386  1.00 12.33 ? 13  LEU C CB  1 
ATOM   885  C  CG  . LEU C 1 13 ? -7.620  5.610   -10.375 1.00 15.64 ? 13  LEU C CG  1 
ATOM   886  C  CD1 . LEU C 1 13 ? -8.857  5.079   -9.676  1.00 18.13 ? 13  LEU C CD1 1 
ATOM   887  C  CD2 . LEU C 1 13 ? -8.001  6.470   -11.581 1.00 16.44 ? 13  LEU C CD2 1 
ATOM   888  N  N   . ALA C 1 14 ? -4.001  7.360   -8.095  1.00 10.64 ? 14  ALA C N   1 
ATOM   889  C  CA  . ALA C 1 14 ? -3.303  8.177   -7.111  1.00 10.66 ? 14  ALA C CA  1 
ATOM   890  C  C   . ALA C 1 14 ? -2.361  9.118   -7.854  1.00 9.79  ? 14  ALA C C   1 
ATOM   891  O  O   . ALA C 1 14 ? -2.262  10.295  -7.517  1.00 9.74  ? 14  ALA C O   1 
ATOM   892  C  CB  . ALA C 1 14 ? -2.527  7.305   -6.145  1.00 8.09  ? 14  ALA C CB  1 
ATOM   893  N  N   . ALA C 1 15 ? -1.684  8.603   -8.875  1.00 11.77 ? 15  ALA C N   1 
ATOM   894  C  CA  . ALA C 1 15 ? -0.763  9.426   -9.657  1.00 12.89 ? 15  ALA C CA  1 
ATOM   895  C  C   . ALA C 1 15 ? -1.503  10.585  -10.329 1.00 13.59 ? 15  ALA C C   1 
ATOM   896  O  O   . ALA C 1 15 ? -0.980  11.695  -10.415 1.00 16.13 ? 15  ALA C O   1 
ATOM   897  C  CB  . ALA C 1 15 ? -0.055  8.577   -10.712 1.00 13.32 ? 15  ALA C CB  1 
ATOM   898  N  N   . LYS C 1 16 ? -2.715  10.322  -10.809 1.00 12.60 ? 16  LYS C N   1 
ATOM   899  C  CA  . LYS C 1 16 ? -3.515  11.355  -11.467 1.00 12.48 ? 16  LYS C CA  1 
ATOM   900  C  C   . LYS C 1 16 ? -4.002  12.412  -10.483 1.00 11.04 ? 16  LYS C C   1 
ATOM   901  O  O   . LYS C 1 16 ? -4.041  13.599  -10.811 1.00 10.84 ? 16  LYS C O   1 
ATOM   902  C  CB  . LYS C 1 16 ? -4.706  10.718  -12.184 1.00 13.83 ? 16  LYS C CB  1 
ATOM   903  C  CG  . LYS C 1 16 ? -4.271  9.887   -13.385 1.00 16.41 ? 16  LYS C CG  1 
ATOM   904  C  CD  . LYS C 1 16 ? -5.435  9.339   -14.171 1.00 18.95 ? 16  LYS C CD  1 
ATOM   905  C  CE  . LYS C 1 16 ? -4.922  8.603   -15.412 1.00 25.26 ? 16  LYS C CE  1 
ATOM   906  N  NZ  . LYS C 1 16 ? -6.029  8.125   -16.287 1.00 26.90 ? 16  LYS C NZ  1 
ATOM   907  N  N   . ALA C 1 17 ? -4.378  11.973  -9.286  1.00 8.14  ? 17  ALA C N   1 
ATOM   908  C  CA  . ALA C 1 17 ? -4.847  12.881  -8.251  1.00 9.97  ? 17  ALA C CA  1 
ATOM   909  C  C   . ALA C 1 17 ? -3.722  13.834  -7.869  1.00 10.25 ? 17  ALA C C   1 
ATOM   910  O  O   . ALA C 1 17 ? -3.937  15.036  -7.717  1.00 9.55  ? 17  ALA C O   1 
ATOM   911  C  CB  . ALA C 1 17 ? -5.306  12.089  -7.020  1.00 8.88  ? 17  ALA C CB  1 
ATOM   912  N  N   . LYS C 1 18 ? -2.522  13.286  -7.701  1.00 8.72  ? 18  LYS C N   1 
ATOM   913  C  CA  . LYS C 1 18 ? -1.368  14.098  -7.338  1.00 12.08 ? 18  LYS C CA  1 
ATOM   914  C  C   . LYS C 1 18 ? -0.994  15.054  -8.470  1.00 12.74 ? 18  LYS C C   1 
ATOM   915  O  O   . LYS C 1 18 ? -0.512  16.159  -8.222  1.00 14.49 ? 18  LYS C O   1 
ATOM   916  C  CB  . LYS C 1 18 ? -0.165  13.208  -7.022  1.00 11.16 ? 18  LYS C CB  1 
ATOM   917  C  CG  . LYS C 1 18 ? 1.071   13.989  -6.611  1.00 12.77 ? 18  LYS C CG  1 
ATOM   918  C  CD  . LYS C 1 18 ? 2.251   13.060  -6.390  1.00 15.48 ? 18  LYS C CD  1 
ATOM   919  C  CE  . LYS C 1 18 ? 3.444   13.810  -5.831  1.00 17.32 ? 18  LYS C CE  1 
ATOM   920  N  NZ  . LYS C 1 18 ? 3.945   14.825  -6.793  1.00 19.87 ? 18  LYS C NZ  1 
ATOM   921  N  N   . ALA C 1 19 ? -1.214  14.619  -9.707  1.00 14.66 ? 19  ALA C N   1 
ATOM   922  C  CA  . ALA C 1 19 ? -0.890  15.435  -10.874 1.00 15.70 ? 19  ALA C CA  1 
ATOM   923  C  C   . ALA C 1 19 ? -1.948  16.502  -11.127 1.00 15.76 ? 19  ALA C C   1 
ATOM   924  O  O   . ALA C 1 19 ? -1.752  17.392  -11.948 1.00 16.39 ? 19  ALA C O   1 
ATOM   925  C  CB  . ALA C 1 19 ? -0.741  14.551  -12.106 1.00 15.21 ? 19  ALA C CB  1 
ATOM   926  N  N   . GLY C 1 20 ? -3.072  16.398  -10.426 1.00 15.37 ? 20  GLY C N   1 
ATOM   927  C  CA  . GLY C 1 20 ? -4.138  17.371  -10.591 1.00 19.49 ? 20  GLY C CA  1 
ATOM   928  C  C   . GLY C 1 20 ? -4.870  17.256  -11.916 1.00 20.24 ? 20  GLY C C   1 
ATOM   929  O  O   . GLY C 1 20 ? -5.508  18.208  -12.370 1.00 18.99 ? 20  GLY C O   1 
ATOM   930  N  N   . VAL C 1 21 ? -4.791  16.086  -12.539 1.00 18.76 ? 21  VAL C N   1 
ATOM   931  C  CA  . VAL C 1 21 ? -5.456  15.876  -13.817 1.00 18.16 ? 21  VAL C CA  1 
ATOM   932  C  C   . VAL C 1 21 ? -6.496  14.760  -13.761 1.00 19.24 ? 21  VAL C C   1 
ATOM   933  O  O   . VAL C 1 21 ? -7.063  14.379  -14.787 1.00 17.95 ? 21  VAL C O   1 
ATOM   934  C  CB  . VAL C 1 21 ? -4.433  15.560  -14.929 1.00 18.05 ? 21  VAL C CB  1 
ATOM   935  C  CG1 . VAL C 1 21 ? -3.479  16.731  -15.107 1.00 18.43 ? 21  VAL C CG1 1 
ATOM   936  C  CG2 . VAL C 1 21 ? -3.659  14.299  -14.590 1.00 18.42 ? 21  VAL C CG2 1 
ATOM   937  N  N   . ILE C 1 22 ? -6.755  14.237  -12.564 1.00 17.77 ? 22  ILE C N   1 
ATOM   938  C  CA  . ILE C 1 22 ? -7.738  13.170  -12.418 1.00 19.92 ? 22  ILE C CA  1 
ATOM   939  C  C   . ILE C 1 22 ? -9.132  13.692  -12.775 1.00 21.87 ? 22  ILE C C   1 
ATOM   940  O  O   . ILE C 1 22 ? -9.507  14.791  -12.369 1.00 23.01 ? 22  ILE C O   1 
ATOM   941  C  CB  . ILE C 1 22 ? -7.749  12.600  -10.972 1.00 18.41 ? 22  ILE C CB  1 
ATOM   942  C  CG1 . ILE C 1 22 ? -8.651  11.364  -10.911 1.00 18.32 ? 22  ILE C CG1 1 
ATOM   943  C  CG2 . ILE C 1 22 ? -8.222  13.658  -9.991  1.00 16.83 ? 22  ILE C CG2 1 
ATOM   944  C  CD1 . ILE C 1 22 ? -8.673  10.666  -9.557  1.00 17.75 ? 22  ILE C CD1 1 
ATOM   945  N  N   . THR C 1 23 ? -9.887  12.916  -13.547 1.00 22.01 ? 23  THR C N   1 
ATOM   946  C  CA  . THR C 1 23 ? -11.235 13.325  -13.941 1.00 23.30 ? 23  THR C CA  1 
ATOM   947  C  C   . THR C 1 23 ? -12.201 13.014  -12.805 1.00 22.53 ? 23  THR C C   1 
ATOM   948  O  O   . THR C 1 23 ? -11.869 12.257  -11.900 1.00 21.28 ? 23  THR C O   1 
ATOM   949  C  CB  . THR C 1 23 ? -11.705 12.586  -15.208 1.00 23.11 ? 23  THR C CB  1 
ATOM   950  O  OG1 . THR C 1 23 ? -11.710 11.175  -14.961 1.00 21.55 ? 23  THR C OG1 1 
ATOM   951  C  CG2 . THR C 1 23 ? -10.779 12.896  -16.383 1.00 24.44 ? 23  THR C CG2 1 
ATOM   952  N  N   . GLU C 1 24 ? -13.397 13.589  -12.860 1.00 23.90 ? 24  GLU C N   1 
ATOM   953  C  CA  . GLU C 1 24 ? -14.386 13.382  -11.808 1.00 25.18 ? 24  GLU C CA  1 
ATOM   954  C  C   . GLU C 1 24 ? -14.860 11.934  -11.690 1.00 25.77 ? 24  GLU C C   1 
ATOM   955  O  O   . GLU C 1 24 ? -15.224 11.485  -10.603 1.00 24.42 ? 24  GLU C O   1 
ATOM   956  C  CB  . GLU C 1 24 ? -15.584 14.308  -12.025 1.00 27.46 ? 24  GLU C CB  1 
ATOM   957  C  CG  . GLU C 1 24 ? -16.350 14.635  -10.749 1.00 29.69 ? 24  GLU C CG  1 
ATOM   958  C  CD  . GLU C 1 24 ? -15.487 15.355  -9.718  1.00 31.74 ? 24  GLU C CD  1 
ATOM   959  O  OE1 . GLU C 1 24 ? -14.782 16.316  -10.094 1.00 33.16 ? 24  GLU C OE1 1 
ATOM   960  O  OE2 . GLU C 1 24 ? -15.520 14.971  -8.529  1.00 33.73 ? 24  GLU C OE2 1 
ATOM   961  N  N   . GLU C 1 25 ? -14.867 11.197  -12.796 1.00 26.98 ? 25  GLU C N   1 
ATOM   962  C  CA  . GLU C 1 25 ? -15.298 9.805   -12.728 1.00 28.08 ? 25  GLU C CA  1 
ATOM   963  C  C   . GLU C 1 25 ? -14.217 8.969   -12.051 1.00 25.42 ? 25  GLU C C   1 
ATOM   964  O  O   . GLU C 1 25 ? -14.511 8.173   -11.164 1.00 21.87 ? 25  GLU C O   1 
ATOM   965  C  CB  . GLU C 1 25 ? -15.610 9.250   -14.124 1.00 32.07 ? 25  GLU C CB  1 
ATOM   966  C  CG  . GLU C 1 25 ? -14.486 9.367   -15.131 1.00 36.97 ? 25  GLU C CG  1 
ATOM   967  C  CD  . GLU C 1 25 ? -14.847 8.750   -16.467 1.00 40.59 ? 25  GLU C CD  1 
ATOM   968  O  OE1 . GLU C 1 25 ? -15.885 9.142   -17.044 1.00 43.02 ? 25  GLU C OE1 1 
ATOM   969  O  OE2 . GLU C 1 25 ? -14.093 7.874   -16.942 1.00 44.63 ? 25  GLU C OE2 1 
ATOM   970  N  N   . GLU C 1 26 ? -12.966 9.169   -12.458 1.00 25.34 ? 26  GLU C N   1 
ATOM   971  C  CA  . GLU C 1 26 ? -11.849 8.431   -11.873 1.00 23.58 ? 26  GLU C CA  1 
ATOM   972  C  C   . GLU C 1 26 ? -11.805 8.676   -10.363 1.00 25.00 ? 26  GLU C C   1 
ATOM   973  O  O   . GLU C 1 26 ? -11.409 7.805   -9.593  1.00 24.54 ? 26  GLU C O   1 
ATOM   974  C  CB  . GLU C 1 26 ? -10.527 8.867   -12.514 1.00 24.95 ? 26  GLU C CB  1 
ATOM   975  C  CG  . GLU C 1 26 ? -10.471 8.662   -14.025 1.00 25.08 ? 26  GLU C CG  1 
ATOM   976  C  CD  . GLU C 1 26 ? -9.220  9.240   -14.659 1.00 25.88 ? 26  GLU C CD  1 
ATOM   977  O  OE1 . GLU C 1 26 ? -8.888  10.410  -14.366 1.00 27.80 ? 26  GLU C OE1 1 
ATOM   978  O  OE2 . GLU C 1 26 ? -8.573  8.533   -15.460 1.00 23.48 ? 26  GLU C OE2 1 
ATOM   979  N  N   . LYS C 1 27 ? -12.223 9.867   -9.945  1.00 26.53 ? 27  LYS C N   1 
ATOM   980  C  CA  . LYS C 1 27 ? -12.239 10.217  -8.529  1.00 25.40 ? 27  LYS C CA  1 
ATOM   981  C  C   . LYS C 1 27 ? -13.234 9.332   -7.782  1.00 24.67 ? 27  LYS C C   1 
ATOM   982  O  O   . LYS C 1 27 ? -12.950 8.841   -6.682  1.00 22.26 ? 27  LYS C O   1 
ATOM   983  C  CB  . LYS C 1 27 ? -12.613 11.689  -8.371  1.00 28.69 ? 27  LYS C CB  1 
ATOM   984  C  CG  . LYS C 1 27 ? -12.517 12.216  -6.957  1.00 33.25 ? 27  LYS C CG  1 
ATOM   985  C  CD  . LYS C 1 27 ? -12.635 13.735  -6.943  1.00 36.14 ? 27  LYS C CD  1 
ATOM   986  C  CE  . LYS C 1 27 ? -12.652 14.275  -5.527  1.00 37.50 ? 27  LYS C CE  1 
ATOM   987  N  NZ  . LYS C 1 27 ? -13.856 13.810  -4.780  1.00 39.43 ? 27  LYS C NZ  1 
ATOM   988  N  N   . ALA C 1 28 ? -14.400 9.130   -8.386  1.00 24.18 ? 28  ALA C N   1 
ATOM   989  C  CA  . ALA C 1 28 ? -15.440 8.291   -7.800  1.00 21.83 ? 28  ALA C CA  1 
ATOM   990  C  C   . ALA C 1 28 ? -14.942 6.848   -7.763  1.00 21.55 ? 28  ALA C C   1 
ATOM   991  O  O   . ALA C 1 28 ? -15.162 6.120   -6.795  1.00 19.55 ? 28  ALA C O   1 
ATOM   992  C  CB  . ALA C 1 28 ? -16.718 8.384   -8.632  1.00 23.17 ? 28  ALA C CB  1 
ATOM   993  N  N   . GLU C 1 29 ? -14.271 6.438   -8.832  1.00 21.70 ? 29  GLU C N   1 
ATOM   994  C  CA  . GLU C 1 29 ? -13.735 5.085   -8.906  1.00 22.83 ? 29  GLU C CA  1 
ATOM   995  C  C   . GLU C 1 29 ? -12.683 4.866   -7.813  1.00 21.79 ? 29  GLU C C   1 
ATOM   996  O  O   . GLU C 1 29 ? -12.704 3.848   -7.122  1.00 21.82 ? 29  GLU C O   1 
ATOM   997  C  CB  . GLU C 1 29 ? -13.125 4.833   -10.285 1.00 24.09 ? 29  GLU C CB  1 
ATOM   998  C  CG  . GLU C 1 29 ? -12.417 3.490   -10.405 1.00 23.10 ? 29  GLU C CG  1 
ATOM   999  C  CD  . GLU C 1 29 ? -11.816 3.262   -11.769 1.00 22.69 ? 29  GLU C CD  1 
ATOM   1000 O  OE1 . GLU C 1 29 ? -11.705 4.238   -12.545 1.00 24.42 ? 29  GLU C OE1 1 
ATOM   1001 O  OE2 . GLU C 1 29 ? -11.441 2.105   -12.061 1.00 22.15 ? 29  GLU C OE2 1 
ATOM   1002 N  N   . GLN C 1 30 ? -11.773 5.822   -7.646  1.00 23.07 ? 30  GLN C N   1 
ATOM   1003 C  CA  . GLN C 1 30 ? -10.733 5.688   -6.619  1.00 22.72 ? 30  GLN C CA  1 
ATOM   1004 C  C   . GLN C 1 30 ? -11.351 5.544   -5.234  1.00 23.64 ? 30  GLN C C   1 
ATOM   1005 O  O   . GLN C 1 30 ? -10.843 4.803   -4.391  1.00 22.46 ? 30  GLN C O   1 
ATOM   1006 C  CB  . GLN C 1 30 ? -9.788  6.895   -6.628  1.00 22.28 ? 30  GLN C CB  1 
ATOM   1007 C  CG  . GLN C 1 30 ? -8.658  6.816   -5.583  1.00 22.12 ? 30  GLN C CG  1 
ATOM   1008 C  CD  . GLN C 1 30 ? -7.608  5.746   -5.903  1.00 25.70 ? 30  GLN C CD  1 
ATOM   1009 O  OE1 . GLN C 1 30 ? -7.944  4.608   -6.231  1.00 24.65 ? 30  GLN C OE1 1 
ATOM   1010 N  NE2 . GLN C 1 30 ? -6.326  6.113   -5.793  1.00 19.11 ? 30  GLN C NE2 1 
ATOM   1011 N  N   . GLN C 1 31 ? -12.455 6.243   -4.999  1.00 25.79 ? 31  GLN C N   1 
ATOM   1012 C  CA  . GLN C 1 31 ? -13.113 6.177   -3.701  1.00 26.57 ? 31  GLN C CA  1 
ATOM   1013 C  C   . GLN C 1 31 ? -13.575 4.762   -3.356  1.00 26.84 ? 31  GLN C C   1 
ATOM   1014 O  O   . GLN C 1 31 ? -13.404 4.311   -2.224  1.00 25.38 ? 31  GLN C O   1 
ATOM   1015 C  CB  . GLN C 1 31 ? -14.297 7.144   -3.659  1.00 30.93 ? 31  GLN C CB  1 
ATOM   1016 C  CG  . GLN C 1 31 ? -14.941 7.259   -2.288  1.00 34.97 ? 31  GLN C CG  1 
ATOM   1017 C  CD  . GLN C 1 31 ? -13.917 7.450   -1.187  1.00 38.19 ? 31  GLN C CD  1 
ATOM   1018 O  OE1 . GLN C 1 31 ? -13.041 8.313   -1.280  1.00 38.48 ? 31  GLN C OE1 1 
ATOM   1019 N  NE2 . GLN C 1 31 ? -14.027 6.650   -0.130  1.00 39.59 ? 31  GLN C NE2 1 
ATOM   1020 N  N   . LYS C 1 32 ? -14.155 4.057   -4.325  1.00 27.20 ? 32  LYS C N   1 
ATOM   1021 C  CA  . LYS C 1 32 ? -14.606 2.690   -4.073  1.00 27.61 ? 32  LYS C CA  1 
ATOM   1022 C  C   . LYS C 1 32 ? -13.412 1.759   -3.848  1.00 25.36 ? 32  LYS C C   1 
ATOM   1023 O  O   . LYS C 1 32 ? -13.464 0.851   -3.017  1.00 23.87 ? 32  LYS C O   1 
ATOM   1024 C  CB  . LYS C 1 32 ? -15.436 2.154   -5.242  1.00 30.55 ? 32  LYS C CB  1 
ATOM   1025 C  CG  . LYS C 1 32 ? -15.989 0.754   -4.965  1.00 36.02 ? 32  LYS C CG  1 
ATOM   1026 C  CD  . LYS C 1 32 ? -16.507 0.054   -6.213  1.00 39.16 ? 32  LYS C CD  1 
ATOM   1027 C  CE  . LYS C 1 32 ? -16.950 -1.371  -5.877  1.00 40.93 ? 32  LYS C CE  1 
ATOM   1028 N  NZ  . LYS C 1 32 ? -17.339 -2.172  -7.078  1.00 41.70 ? 32  LYS C NZ  1 
ATOM   1029 N  N   . LEU C 1 33 ? -12.339 1.984   -4.598  1.00 25.84 ? 33  LEU C N   1 
ATOM   1030 C  CA  . LEU C 1 33 ? -11.135 1.165   -4.473  1.00 25.35 ? 33  LEU C CA  1 
ATOM   1031 C  C   . LEU C 1 33 ? -10.524 1.291   -3.081  1.00 25.06 ? 33  LEU C C   1 
ATOM   1032 O  O   . LEU C 1 33 ? -10.099 0.300   -2.488  1.00 26.04 ? 33  LEU C O   1 
ATOM   1033 C  CB  . LEU C 1 33 ? -10.111 1.575   -5.537  1.00 26.12 ? 33  LEU C CB  1 
ATOM   1034 C  CG  . LEU C 1 33 ? -10.504 1.253   -6.985  1.00 27.11 ? 33  LEU C CG  1 
ATOM   1035 C  CD1 . LEU C 1 33 ? -9.556  1.945   -7.953  1.00 28.85 ? 33  LEU C CD1 1 
ATOM   1036 C  CD2 . LEU C 1 33 ? -10.486 -0.254  -7.191  1.00 27.10 ? 33  LEU C CD2 1 
ATOM   1037 N  N   . ARG C 1 34 ? -10.481 2.513   -2.561  1.00 26.47 ? 34  ARG C N   1 
ATOM   1038 C  CA  . ARG C 1 34 ? -9.929  2.758   -1.231  1.00 28.53 ? 34  ARG C CA  1 
ATOM   1039 C  C   . ARG C 1 34 ? -10.690 1.911   -0.223  1.00 28.57 ? 34  ARG C C   1 
ATOM   1040 O  O   . ARG C 1 34 ? -10.099 1.262   0.646   1.00 27.03 ? 34  ARG C O   1 
ATOM   1041 C  CB  . ARG C 1 34 ? -10.084 4.233   -0.865  1.00 30.76 ? 34  ARG C CB  1 
ATOM   1042 C  CG  . ARG C 1 34 ? -9.520  5.183   -1.898  1.00 32.95 ? 34  ARG C CG  1 
ATOM   1043 C  CD  . ARG C 1 34 ? -8.255  5.837   -1.418  1.00 34.58 ? 34  ARG C CD  1 
ATOM   1044 N  NE  . ARG C 1 34 ? -8.489  6.630   -0.215  1.00 36.31 ? 34  ARG C NE  1 
ATOM   1045 C  CZ  . ARG C 1 34 ? -7.583  7.438   0.319   1.00 35.10 ? 34  ARG C CZ  1 
ATOM   1046 N  NH1 . ARG C 1 34 ? -6.394  7.556   -0.255  1.00 32.13 ? 34  ARG C NH1 1 
ATOM   1047 N  NH2 . ARG C 1 34 ? -7.861  8.120   1.423   1.00 35.12 ? 34  ARG C NH2 1 
ATOM   1048 N  N   . GLN C 1 35 ? -12.012 1.926   -0.352  1.00 27.60 ? 35  GLN C N   1 
ATOM   1049 C  CA  . GLN C 1 35 ? -12.868 1.166   0.542   1.00 29.07 ? 35  GLN C CA  1 
ATOM   1050 C  C   . GLN C 1 35 ? -12.549 -0.328  0.476   1.00 27.50 ? 35  GLN C C   1 
ATOM   1051 O  O   . GLN C 1 35 ? -12.489 -0.999  1.505   1.00 25.85 ? 35  GLN C O   1 
ATOM   1052 C  CB  . GLN C 1 35 ? -14.335 1.435   0.194   1.00 32.79 ? 35  GLN C CB  1 
ATOM   1053 C  CG  . GLN C 1 35 ? -14.722 2.896   0.406   1.00 37.97 ? 35  GLN C CG  1 
ATOM   1054 C  CD  . GLN C 1 35 ? -16.152 3.210   0.008   1.00 43.16 ? 35  GLN C CD  1 
ATOM   1055 O  OE1 . GLN C 1 35 ? -16.507 3.170   -1.173  1.00 45.34 ? 35  GLN C OE1 1 
ATOM   1056 N  NE2 . GLN C 1 35 ? -16.985 3.521   0.997   1.00 43.27 ? 35  GLN C NE2 1 
ATOM   1057 N  N   . GLU C 1 36 ? -12.322 -0.841  -0.730  1.00 25.81 ? 36  GLU C N   1 
ATOM   1058 C  CA  . GLU C 1 36 ? -12.004 -2.255  -0.899  1.00 27.01 ? 36  GLU C CA  1 
ATOM   1059 C  C   . GLU C 1 36 ? -10.598 -2.524  -0.371  1.00 26.54 ? 36  GLU C C   1 
ATOM   1060 O  O   . GLU C 1 36 ? -10.314 -3.591  0.174   1.00 27.02 ? 36  GLU C O   1 
ATOM   1061 C  CB  . GLU C 1 36 ? -12.083 -2.652  -2.378  1.00 29.14 ? 36  GLU C CB  1 
ATOM   1062 C  CG  . GLU C 1 36 ? -13.411 -2.323  -3.058  1.00 33.73 ? 36  GLU C CG  1 
ATOM   1063 C  CD  . GLU C 1 36 ? -13.509 -2.910  -4.456  1.00 35.27 ? 36  GLU C CD  1 
ATOM   1064 O  OE1 . GLU C 1 36 ? -12.541 -2.761  -5.228  1.00 37.01 ? 36  GLU C OE1 1 
ATOM   1065 O  OE2 . GLU C 1 36 ? -14.555 -3.510  -4.788  1.00 37.90 ? 36  GLU C OE2 1 
ATOM   1066 N  N   . TYR C 1 37 ? -9.719  -1.545  -0.545  1.00 26.08 ? 37  TYR C N   1 
ATOM   1067 C  CA  . TYR C 1 37 ? -8.340  -1.647  -0.086  1.00 26.75 ? 37  TYR C CA  1 
ATOM   1068 C  C   . TYR C 1 37 ? -8.341  -1.841  1.433   1.00 27.70 ? 37  TYR C C   1 
ATOM   1069 O  O   . TYR C 1 37 ? -7.701  -2.755  1.959   1.00 26.13 ? 37  TYR C O   1 
ATOM   1070 C  CB  . TYR C 1 37 ? -7.594  -0.366  -0.459  1.00 26.74 ? 37  TYR C CB  1 
ATOM   1071 C  CG  . TYR C 1 37 ? -6.124  -0.328  -0.095  1.00 28.06 ? 37  TYR C CG  1 
ATOM   1072 C  CD1 . TYR C 1 37 ? -5.190  -1.109  -0.774  1.00 26.15 ? 37  TYR C CD1 1 
ATOM   1073 C  CD2 . TYR C 1 37 ? -5.661  0.532   0.896   1.00 28.54 ? 37  TYR C CD2 1 
ATOM   1074 C  CE1 . TYR C 1 37 ? -3.821  -1.030  -0.475  1.00 27.35 ? 37  TYR C CE1 1 
ATOM   1075 C  CE2 . TYR C 1 37 ? -4.297  0.621   1.204   1.00 29.35 ? 37  TYR C CE2 1 
ATOM   1076 C  CZ  . TYR C 1 37 ? -3.383  -0.160  0.514   1.00 27.50 ? 37  TYR C CZ  1 
ATOM   1077 O  OH  . TYR C 1 37 ? -2.041  -0.051  0.811   1.00 26.69 ? 37  TYR C OH  1 
ATOM   1078 N  N   . LEU C 1 38 ? -9.080  -0.982  2.130   1.00 28.03 ? 38  LEU C N   1 
ATOM   1079 C  CA  . LEU C 1 38 ? -9.165  -1.050  3.585   1.00 30.37 ? 38  LEU C CA  1 
ATOM   1080 C  C   . LEU C 1 38 ? -9.796  -2.355  4.072   1.00 31.29 ? 38  LEU C C   1 
ATOM   1081 O  O   . LEU C 1 38 ? -9.226  -3.046  4.913   1.00 30.01 ? 38  LEU C O   1 
ATOM   1082 C  CB  . LEU C 1 38 ? -9.962  0.145   4.115   1.00 30.19 ? 38  LEU C CB  1 
ATOM   1083 C  CG  . LEU C 1 38 ? -10.081 0.273   5.634   1.00 31.64 ? 38  LEU C CG  1 
ATOM   1084 C  CD1 . LEU C 1 38 ? -8.695  0.418   6.252   1.00 31.46 ? 38  LEU C CD1 1 
ATOM   1085 C  CD2 . LEU C 1 38 ? -10.947 1.476   5.973   1.00 30.75 ? 38  LEU C CD2 1 
ATOM   1086 N  N   . LYS C 1 39 ? -10.970 -2.693  3.543   1.00 33.13 ? 39  LYS C N   1 
ATOM   1087 C  CA  . LYS C 1 39 ? -11.646 -3.924  3.947   1.00 34.27 ? 39  LYS C CA  1 
ATOM   1088 C  C   . LYS C 1 39 ? -10.760 -5.144  3.710   1.00 33.90 ? 39  LYS C C   1 
ATOM   1089 O  O   . LYS C 1 39 ? -10.865 -6.147  4.420   1.00 33.18 ? 39  LYS C O   1 
ATOM   1090 C  CB  . LYS C 1 39 ? -12.962 -4.093  3.183   1.00 37.47 ? 39  LYS C CB  1 
ATOM   1091 C  CG  . LYS C 1 39 ? -13.753 -5.338  3.577   1.00 40.62 ? 39  LYS C CG  1 
ATOM   1092 C  CD  . LYS C 1 39 ? -15.017 -5.481  2.739   1.00 43.52 ? 39  LYS C CD  1 
ATOM   1093 C  CE  . LYS C 1 39 ? -15.808 -6.723  3.133   1.00 45.19 ? 39  LYS C CE  1 
ATOM   1094 N  NZ  . LYS C 1 39 ? -17.000 -6.932  2.262   1.00 45.25 ? 39  LYS C NZ  1 
ATOM   1095 N  N   . GLY C 1 40 ? -9.885  -5.048  2.713   1.00 33.51 ? 40  GLY C N   1 
ATOM   1096 C  CA  . GLY C 1 40 ? -8.990  -6.149  2.398   1.00 34.05 ? 40  GLY C CA  1 
ATOM   1097 C  C   . GLY C 1 40 ? -7.955  -6.407  3.476   1.00 34.86 ? 40  GLY C C   1 
ATOM   1098 O  O   . GLY C 1 40 ? -7.315  -7.462  3.498   1.00 33.93 ? 40  GLY C O   1 
ATOM   1099 N  N   . PHE C 1 41 ? -7.788  -5.441  4.374   1.00 35.33 ? 41  PHE C N   1 
ATOM   1100 C  CA  . PHE C 1 41 ? -6.827  -5.561  5.467   1.00 36.83 ? 41  PHE C CA  1 
ATOM   1101 C  C   . PHE C 1 41 ? -7.504  -5.908  6.789   1.00 38.61 ? 41  PHE C C   1 
ATOM   1102 O  O   . PHE C 1 41 ? -6.833  -6.110  7.801   1.00 37.65 ? 41  PHE C O   1 
ATOM   1103 C  CB  . PHE C 1 41 ? -6.043  -4.257  5.634   1.00 35.49 ? 41  PHE C CB  1 
ATOM   1104 C  CG  . PHE C 1 41 ? -5.034  -4.006  4.544   1.00 35.25 ? 41  PHE C CG  1 
ATOM   1105 C  CD1 . PHE C 1 41 ? -5.112  -2.864  3.756   1.00 33.19 ? 41  PHE C CD1 1 
ATOM   1106 C  CD2 . PHE C 1 41 ? -4.002  -4.909  4.307   1.00 34.96 ? 41  PHE C CD2 1 
ATOM   1107 C  CE1 . PHE C 1 41 ? -4.175  -2.625  2.746   1.00 33.93 ? 41  PHE C CE1 1 
ATOM   1108 C  CE2 . PHE C 1 41 ? -3.060  -4.680  3.298   1.00 34.17 ? 41  PHE C CE2 1 
ATOM   1109 C  CZ  . PHE C 1 41 ? -3.150  -3.536  2.519   1.00 32.52 ? 41  PHE C CZ  1 
ATOM   1110 N  N   . ARG C 1 42 ? -8.833  -5.967  6.777   1.00 40.48 ? 42  ARG C N   1 
ATOM   1111 C  CA  . ARG C 1 42 ? -9.590  -6.287  7.981   1.00 43.43 ? 42  ARG C CA  1 
ATOM   1112 C  C   . ARG C 1 42 ? -9.184  -7.632  8.571   1.00 44.72 ? 42  ARG C C   1 
ATOM   1113 O  O   . ARG C 1 42 ? -9.038  -7.759  9.785   1.00 44.95 ? 42  ARG C O   1 
ATOM   1114 C  CB  . ARG C 1 42 ? -11.094 -6.274  7.685   1.00 44.48 ? 42  ARG C CB  1 
ATOM   1115 C  CG  . ARG C 1 42 ? -11.793 -4.960  8.032   1.00 47.27 ? 42  ARG C CG  1 
ATOM   1116 C  CD  . ARG C 1 42 ? -11.069 -3.763  7.436   1.00 49.62 ? 42  ARG C CD  1 
ATOM   1117 N  NE  . ARG C 1 42 ? -11.691 -2.490  7.797   1.00 51.54 ? 42  ARG C NE  1 
ATOM   1118 C  CZ  . ARG C 1 42 ? -12.805 -2.013  7.251   1.00 53.06 ? 42  ARG C CZ  1 
ATOM   1119 N  NH1 . ARG C 1 42 ? -13.434 -2.701  6.307   1.00 52.60 ? 42  ARG C NH1 1 
ATOM   1120 N  NH2 . ARG C 1 42 ? -13.289 -0.843  7.646   1.00 54.19 ? 42  ARG C NH2 1 
ATOM   1121 N  N   . SER C 1 43 ? -9.000  -8.634  7.714   1.00 45.49 ? 43  SER C N   1 
ATOM   1122 C  CA  . SER C 1 43 ? -8.606  -9.962  8.174   1.00 47.85 ? 43  SER C CA  1 
ATOM   1123 C  C   . SER C 1 43 ? -7.271  -9.891  8.897   1.00 48.50 ? 43  SER C C   1 
ATOM   1124 O  O   . SER C 1 43 ? -7.123  -10.397 10.005  1.00 48.16 ? 43  SER C O   1 
ATOM   1125 C  CB  . SER C 1 43 ? -8.490  -10.925 6.993   1.00 48.99 ? 43  SER C CB  1 
ATOM   1126 O  OG  . SER C 1 43 ? -9.728  -11.059 6.324   1.00 52.45 ? 43  SER C OG  1 
ATOM   1127 N  N   . SER C 1 44 ? -6.300  -9.252  8.254   1.00 49.93 ? 44  SER C N   1 
ATOM   1128 C  CA  . SER C 1 44 ? -4.970  -9.106  8.822   1.00 51.51 ? 44  SER C CA  1 
ATOM   1129 C  C   . SER C 1 44 ? -5.017  -8.394  10.175  1.00 52.78 ? 44  SER C C   1 
ATOM   1130 O  O   . SER C 1 44 ? -4.239  -8.707  11.077  1.00 52.57 ? 44  SER C O   1 
ATOM   1131 C  CB  . SER C 1 44 ? -4.077  -8.327  7.854   1.00 51.47 ? 44  SER C CB  1 
ATOM   1132 O  OG  . SER C 1 44 ? -2.756  -8.210  8.352   1.00 52.79 ? 44  SER C OG  1 
HETATM 1133 N  N   . MSE C 1 45 ? -5.932  -7.440  10.315  1.00 54.15 ? 45  MSE C N   1 
HETATM 1134 C  CA  . MSE C 1 45 ? -6.063  -6.689  11.561  1.00 56.17 ? 45  MSE C CA  1 
HETATM 1135 C  C   . MSE C 1 45 ? -6.691  -7.509  12.685  1.00 57.20 ? 45  MSE C C   1 
HETATM 1136 O  O   . MSE C 1 45 ? -6.572  -7.154  13.859  1.00 56.08 ? 45  MSE C O   1 
HETATM 1137 C  CB  . MSE C 1 45 ? -6.872  -5.409  11.326  1.00 56.79 ? 45  MSE C CB  1 
HETATM 1138 C  CG  . MSE C 1 45 ? -6.108  -4.345  10.549  1.00 57.66 ? 45  MSE C CG  1 
HETATM 1139 SE SE  . MSE C 1 45 ? -7.079  -2.689  10.360  1.00 60.03 ? 45  MSE C SE  1 
HETATM 1140 C  CE  . MSE C 1 45 ? -7.629  -2.870  8.516   1.00 59.54 ? 45  MSE C CE  1 
ATOM   1141 N  N   . LYS C 1 46 ? -7.361  -8.599  12.327  1.00 58.55 ? 46  LYS C N   1 
ATOM   1142 C  CA  . LYS C 1 46 ? -7.976  -9.469  13.324  1.00 60.09 ? 46  LYS C CA  1 
ATOM   1143 C  C   . LYS C 1 46 ? -6.904  -10.437 13.809  1.00 60.61 ? 46  LYS C C   1 
ATOM   1144 O  O   . LYS C 1 46 ? -7.037  -11.054 14.865  1.00 61.24 ? 46  LYS C O   1 
ATOM   1145 C  CB  . LYS C 1 46 ? -9.130  -10.268 12.716  1.00 60.47 ? 46  LYS C CB  1 
ATOM   1146 C  CG  . LYS C 1 46 ? -10.204 -9.437  12.046  1.00 61.73 ? 46  LYS C CG  1 
ATOM   1147 C  CD  . LYS C 1 46 ? -11.326 -10.333 11.545  1.00 62.95 ? 46  LYS C CD  1 
ATOM   1148 C  CE  . LYS C 1 46 ? -12.286 -9.578  10.641  1.00 64.41 ? 46  LYS C CE  1 
ATOM   1149 N  NZ  . LYS C 1 46 ? -11.615 -9.109  9.394   1.00 64.55 ? 46  LYS C NZ  1 
ATOM   1150 N  N   . ASN C 1 47 ? -5.839  -10.559 13.022  1.00 61.16 ? 47  ASN C N   1 
ATOM   1151 C  CA  . ASN C 1 47 ? -4.735  -11.451 13.346  1.00 61.95 ? 47  ASN C CA  1 
ATOM   1152 C  C   . ASN C 1 47 ? -3.673  -10.751 14.186  1.00 61.87 ? 47  ASN C C   1 
ATOM   1153 O  O   . ASN C 1 47 ? -2.673  -11.359 14.570  1.00 62.10 ? 47  ASN C O   1 
ATOM   1154 C  CB  . ASN C 1 47 ? -4.105  -11.990 12.061  1.00 62.83 ? 47  ASN C CB  1 
ATOM   1155 C  CG  . ASN C 1 47 ? -5.132  -12.587 11.119  1.00 63.95 ? 47  ASN C CG  1 
ATOM   1156 O  OD1 . ASN C 1 47 ? -5.980  -13.378 11.530  1.00 64.27 ? 47  ASN C OD1 1 
ATOM   1157 N  ND2 . ASN C 1 47 ? -5.057  -12.213 9.846   1.00 64.60 ? 47  ASN C ND2 1 
ATOM   1158 N  N   . THR C 1 48 ? -3.889  -9.470  14.464  1.00 61.64 ? 48  THR C N   1 
ATOM   1159 C  CA  . THR C 1 48 ? -2.953  -8.699  15.273  1.00 62.21 ? 48  THR C CA  1 
ATOM   1160 C  C   . THR C 1 48 ? -3.367  -8.877  16.729  1.00 62.90 ? 48  THR C C   1 
ATOM   1161 O  O   . THR C 1 48 ? -2.833  -8.240  17.637  1.00 63.04 ? 48  THR C O   1 
ATOM   1162 C  CB  . THR C 1 48 ? -2.990  -7.204  14.893  1.00 62.46 ? 48  THR C CB  1 
ATOM   1163 O  OG1 . THR C 1 48 ? -2.802  -7.069  13.478  1.00 63.23 ? 48  THR C OG1 1 
ATOM   1164 C  CG2 . THR C 1 48 ? -1.878  -6.444  15.605  1.00 61.27 ? 48  THR C CG2 1 
ATOM   1165 N  N   . LEU C 1 49 ? -4.339  -9.762  16.925  1.00 63.45 ? 49  LEU C N   1 
ATOM   1166 C  CA  . LEU C 1 49 ? -4.868  -10.102 18.238  1.00 64.11 ? 49  LEU C CA  1 
ATOM   1167 C  C   . LEU C 1 49 ? -5.118  -11.601 18.213  1.00 65.43 ? 49  LEU C C   1 
ATOM   1168 O  O   . LEU C 1 49 ? -5.449  -12.213 19.229  1.00 65.50 ? 49  LEU C O   1 
ATOM   1169 C  CB  . LEU C 1 49 ? -6.178  -9.357  18.497  1.00 62.07 ? 49  LEU C CB  1 
ATOM   1170 C  CG  . LEU C 1 49 ? -6.042  -7.949  19.076  1.00 61.82 ? 49  LEU C CG  1 
ATOM   1171 C  CD1 . LEU C 1 49 ? -7.343  -7.176  18.909  1.00 60.12 ? 49  LEU C CD1 1 
ATOM   1172 C  CD2 . LEU C 1 49 ? -5.656  -8.054  20.546  1.00 60.49 ? 49  LEU C CD2 1 
ATOM   1173 N  N   . LYS C 1 50 ? -4.951  -12.179 17.026  1.00 67.82 ? 50  LYS C N   1 
ATOM   1174 C  CA  . LYS C 1 50 ? -5.143  -13.605 16.804  1.00 69.82 ? 50  LYS C CA  1 
ATOM   1175 C  C   . LYS C 1 50 ? -6.582  -14.033 17.077  1.00 70.78 ? 50  LYS C C   1 
ATOM   1176 O  O   . LYS C 1 50 ? -6.952  -14.319 18.217  1.00 71.01 ? 50  LYS C O   1 
ATOM   1177 C  CB  . LYS C 1 50 ? -4.171  -14.403 17.676  1.00 70.46 ? 50  LYS C CB  1 
ATOM   1178 C  CG  . LYS C 1 50 ? -2.706  -14.117 17.362  1.00 71.93 ? 50  LYS C CG  1 
ATOM   1179 C  CD  . LYS C 1 50 ? -1.768  -14.989 18.182  1.00 73.04 ? 50  LYS C CD  1 
ATOM   1180 C  CE  . LYS C 1 50 ? -0.313  -14.698 17.842  1.00 74.03 ? 50  LYS C CE  1 
ATOM   1181 N  NZ  . LYS C 1 50 ? -0.017  -14.939 16.400  1.00 75.01 ? 50  LYS C NZ  1 
ATOM   1182 N  N   . SER C 1 51 ? -7.388  -14.072 16.016  1.00 71.77 ? 51  SER C N   1 
ATOM   1183 C  CA  . SER C 1 51 ? -8.794  -14.458 16.110  1.00 72.27 ? 51  SER C CA  1 
ATOM   1184 C  C   . SER C 1 51 ? -9.489  -13.543 17.120  1.00 72.49 ? 51  SER C C   1 
ATOM   1185 O  O   . SER C 1 51 ? -9.156  -12.361 17.221  1.00 72.56 ? 51  SER C O   1 
ATOM   1186 C  CB  . SER C 1 51 ? -8.906  -15.924 16.548  1.00 72.68 ? 51  SER C CB  1 
ATOM   1187 O  OG  . SER C 1 51 ? -10.236 -16.400 16.447  1.00 73.17 ? 51  SER C OG  1 
ATOM   1188 N  N   . VAL C 1 52 ? -10.457 -14.085 17.853  1.00 72.28 ? 52  VAL C N   1 
ATOM   1189 C  CA  . VAL C 1 52 ? -11.167 -13.311 18.868  1.00 71.95 ? 52  VAL C CA  1 
ATOM   1190 C  C   . VAL C 1 52 ? -10.283 -13.276 20.111  1.00 71.80 ? 52  VAL C C   1 
ATOM   1191 O  O   . VAL C 1 52 ? -10.724 -13.584 21.221  1.00 71.62 ? 52  VAL C O   1 
ATOM   1192 C  CB  . VAL C 1 52 ? -12.529 -13.957 19.216  1.00 71.88 ? 52  VAL C CB  1 
ATOM   1193 C  CG1 . VAL C 1 52 ? -13.492 -13.790 18.053  1.00 71.79 ? 52  VAL C CG1 1 
ATOM   1194 C  CG2 . VAL C 1 52 ? -12.340 -15.437 19.532  1.00 71.65 ? 52  VAL C CG2 1 
ATOM   1195 N  N   . LEU C 1 53 ? -9.029  -12.882 19.896  1.00 71.45 ? 53  LEU C N   1 
ATOM   1196 C  CA  . LEU C 1 53 ? -8.007  -12.809 20.937  1.00 70.88 ? 53  LEU C CA  1 
ATOM   1197 C  C   . LEU C 1 53 ? -8.061  -13.993 21.894  1.00 70.66 ? 53  LEU C C   1 
ATOM   1198 O  O   . LEU C 1 53 ? -8.597  -13.900 22.998  1.00 70.93 ? 53  LEU C O   1 
ATOM   1199 C  CB  . LEU C 1 53 ? -8.087  -11.481 21.713  1.00 70.71 ? 53  LEU C CB  1 
ATOM   1200 C  CG  . LEU C 1 53 ? -9.351  -10.964 22.404  1.00 70.29 ? 53  LEU C CG  1 
ATOM   1201 C  CD1 . LEU C 1 53 ? -8.961  -9.842  23.353  1.00 70.12 ? 53  LEU C CD1 1 
ATOM   1202 C  CD2 . LEU C 1 53 ? -10.355 -10.462 21.382  1.00 70.10 ? 53  LEU C CD2 1 
ATOM   1203 N  N   . GLU C 1 54 ? -7.493  -15.111 21.446  1.00 70.28 ? 54  GLU C N   1 
ATOM   1204 C  CA  . GLU C 1 54 ? -7.449  -16.342 22.225  1.00 70.51 ? 54  GLU C CA  1 
ATOM   1205 C  C   . GLU C 1 54 ? -8.846  -16.806 22.625  1.00 70.41 ? 54  GLU C C   1 
ATOM   1206 O  O   . GLU C 1 54 ? -9.472  -17.598 21.918  1.00 70.21 ? 54  GLU C O   1 
ATOM   1207 C  CB  . GLU C 1 54 ? -6.588  -16.144 23.475  1.00 70.77 ? 54  GLU C CB  1 
ATOM   1208 C  CG  . GLU C 1 54 ? -5.113  -15.878 23.192  1.00 71.39 ? 54  GLU C CG  1 
ATOM   1209 C  CD  . GLU C 1 54 ? -4.397  -17.084 22.607  1.00 72.60 ? 54  GLU C CD  1 
ATOM   1210 O  OE1 . GLU C 1 54 ? -4.738  -17.497 21.477  1.00 72.57 ? 54  GLU C OE1 1 
ATOM   1211 O  OE2 . GLU C 1 54 ? -3.490  -17.620 23.281  1.00 73.07 ? 54  GLU C OE2 1 
HETATM 1212 O  O   . HOH D 2 .  ? 5.130   -2.695  -14.277 1.00 10.28 ? 61  HOH A O   1 
HETATM 1213 O  O   . HOH D 2 .  ? 1.190   -0.397  -9.724  1.00 11.38 ? 62  HOH A O   1 
HETATM 1214 O  O   . HOH D 2 .  ? 3.569   -3.357  -16.559 1.00 11.46 ? 63  HOH A O   1 
HETATM 1215 O  O   . HOH D 2 .  ? -0.939  -2.147  -15.810 1.00 17.20 ? 64  HOH A O   1 
HETATM 1216 O  O   . HOH D 2 .  ? 4.721   -20.966 -6.852  1.00 16.19 ? 65  HOH A O   1 
HETATM 1217 O  O   . HOH D 2 .  ? 7.480   0.758   -8.812  1.00 14.17 ? 66  HOH A O   1 
HETATM 1218 O  O   . HOH D 2 .  ? 7.898   -3.720  -17.700 1.00 18.11 ? 67  HOH A O   1 
HETATM 1219 O  O   . HOH D 2 .  ? 10.019  -13.860 -15.411 1.00 15.02 ? 68  HOH A O   1 
HETATM 1220 O  O   . HOH D 2 .  ? 6.338   -9.817  -17.552 1.00 19.18 ? 69  HOH A O   1 
HETATM 1221 O  O   . HOH D 2 .  ? 15.231  3.035   0.952   1.00 19.04 ? 70  HOH A O   1 
HETATM 1222 O  O   . HOH D 2 .  ? 5.107   -0.185  -13.383 1.00 16.39 ? 71  HOH A O   1 
HETATM 1223 O  O   . HOH D 2 .  ? 9.459   4.890   -12.204 1.00 22.92 ? 72  HOH A O   1 
HETATM 1224 O  O   . HOH D 2 .  ? 2.503   -22.370 -12.801 1.00 18.16 ? 73  HOH A O   1 
HETATM 1225 O  O   . HOH D 2 .  ? 7.434   -18.043 -15.779 1.00 20.69 ? 74  HOH A O   1 
HETATM 1226 O  O   . HOH D 2 .  ? 10.807  -9.566  -13.851 1.00 19.69 ? 75  HOH A O   1 
HETATM 1227 O  O   . HOH D 2 .  ? 4.155   -23.488 -6.067  1.00 19.41 ? 76  HOH A O   1 
HETATM 1228 O  O   . HOH D 2 .  ? 9.903   0.941   -9.840  1.00 18.53 ? 77  HOH A O   1 
HETATM 1229 O  O   . HOH D 2 .  ? -6.958  -5.930  -16.058 1.00 18.71 ? 78  HOH A O   1 
HETATM 1230 O  O   . HOH D 2 .  ? 14.869  0.026   -0.103  1.00 21.58 ? 79  HOH A O   1 
HETATM 1231 O  O   . HOH D 2 .  ? 7.637   -19.917 -10.718 1.00 19.98 ? 80  HOH A O   1 
HETATM 1232 O  O   . HOH D 2 .  ? 7.951   2.495   -11.422 1.00 24.13 ? 81  HOH A O   1 
HETATM 1233 O  O   . HOH D 2 .  ? 10.680  -12.956 -10.984 1.00 23.96 ? 82  HOH A O   1 
HETATM 1234 O  O   . HOH D 2 .  ? 9.779   -16.332 -8.664  1.00 25.10 ? 83  HOH A O   1 
HETATM 1235 O  O   . HOH D 2 .  ? 2.915   1.619   -14.054 1.00 29.40 ? 84  HOH A O   1 
HETATM 1236 O  O   . HOH D 2 .  ? 9.829   -12.283 -3.772  1.00 22.60 ? 85  HOH A O   1 
HETATM 1237 O  O   . HOH D 2 .  ? -0.003  -13.009 -17.629 1.00 32.06 ? 86  HOH A O   1 
HETATM 1238 O  O   . HOH D 2 .  ? 14.869  -4.832  -0.201  1.00 26.48 ? 87  HOH A O   1 
HETATM 1239 O  O   . HOH D 2 .  ? 8.200   -18.745 -4.708  1.00 29.09 ? 88  HOH A O   1 
HETATM 1240 O  O   . HOH D 2 .  ? 12.019  -5.666  3.555   1.00 24.63 ? 89  HOH A O   1 
HETATM 1241 O  O   . HOH D 2 .  ? 5.588   -17.662 -4.131  1.00 28.51 ? 90  HOH A O   1 
HETATM 1242 O  O   . HOH D 2 .  ? 11.482  -10.046 -5.226  1.00 26.24 ? 91  HOH A O   1 
HETATM 1243 O  O   . HOH D 2 .  ? 15.017  -8.166  -2.845  1.00 27.01 ? 92  HOH A O   1 
HETATM 1244 O  O   . HOH D 2 .  ? 2.012   -17.658 -8.119  1.00 27.29 ? 93  HOH A O   1 
HETATM 1245 O  O   . HOH D 2 .  ? 3.433   -18.859 -10.546 1.00 20.52 ? 94  HOH A O   1 
HETATM 1246 O  O   . HOH D 2 .  ? 9.552   -4.270  -13.997 1.00 24.80 ? 95  HOH A O   1 
HETATM 1247 O  O   . HOH D 2 .  ? 5.257   0.590   -10.549 1.00 23.45 ? 96  HOH A O   1 
HETATM 1248 O  O   . HOH D 2 .  ? 13.400  -11.574 -0.292  1.00 24.41 ? 97  HOH A O   1 
HETATM 1249 O  O   . HOH D 2 .  ? 4.602   -3.990  5.076   1.00 26.91 ? 98  HOH A O   1 
HETATM 1250 O  O   . HOH D 2 .  ? 13.846  -11.330 -5.522  1.00 27.63 ? 99  HOH A O   1 
HETATM 1251 O  O   . HOH D 2 .  ? -0.994  -14.577 -8.922  1.00 31.58 ? 100 HOH A O   1 
HETATM 1252 O  O   . HOH D 2 .  ? 0.742   -13.160 -7.587  1.00 23.26 ? 101 HOH A O   1 
HETATM 1253 O  O   . HOH D 2 .  ? 7.768   -2.772  -15.109 1.00 33.69 ? 102 HOH A O   1 
HETATM 1254 O  O   . HOH D 2 .  ? 14.648  -5.464  -2.863  1.00 39.89 ? 103 HOH A O   1 
HETATM 1255 O  O   . HOH D 2 .  ? 14.025  -10.064 -11.677 1.00 24.15 ? 104 HOH A O   1 
HETATM 1256 O  O   . HOH D 2 .  ? -2.385  -11.013 7.792   1.00 28.81 ? 105 HOH A O   1 
HETATM 1257 O  O   . HOH D 2 .  ? 13.366  -6.313  -10.047 1.00 24.21 ? 106 HOH A O   1 
HETATM 1258 O  O   . HOH D 2 .  ? -0.476  -20.237 -11.656 1.00 32.24 ? 107 HOH A O   1 
HETATM 1259 O  O   . HOH D 2 .  ? 4.614   -17.012 -1.768  1.00 36.52 ? 108 HOH A O   1 
HETATM 1260 O  O   . HOH D 2 .  ? 2.043   -13.216 5.617   1.00 30.04 ? 109 HOH A O   1 
HETATM 1261 O  O   . HOH D 2 .  ? 13.598  0.734   2.847   1.00 33.14 ? 110 HOH A O   1 
HETATM 1262 O  O   . HOH D 2 .  ? 0.745   -13.877 -0.913  1.00 29.13 ? 111 HOH A O   1 
HETATM 1263 O  O   . HOH D 2 .  ? 1.485   -12.445 -21.948 1.00 28.96 ? 112 HOH A O   1 
HETATM 1264 O  O   . HOH D 2 .  ? 7.395   -14.172 1.688   1.00 30.27 ? 113 HOH A O   1 
HETATM 1265 O  O   . HOH D 2 .  ? 3.683   -18.860 -5.387  1.00 31.60 ? 114 HOH A O   1 
HETATM 1266 O  O   . HOH D 2 .  ? 6.039   -4.679  16.097  1.00 40.30 ? 115 HOH A O   1 
HETATM 1267 O  O   . HOH D 2 .  ? 15.901  -12.202 -11.839 1.00 40.52 ? 116 HOH A O   1 
HETATM 1268 O  O   . HOH D 2 .  ? 5.207   -4.654  -18.554 0.50 46.40 ? 117 HOH A O   1 
HETATM 1269 O  O   . HOH D 2 .  ? 1.514   -1.727  -17.282 1.00 41.47 ? 118 HOH A O   1 
HETATM 1270 O  O   . HOH D 2 .  ? -0.806  -13.406 -20.439 1.00 39.51 ? 119 HOH A O   1 
HETATM 1271 O  O   . HOH D 2 .  ? 11.522  -2.711  6.109   1.00 40.03 ? 120 HOH A O   1 
HETATM 1272 O  O   . HOH D 2 .  ? 9.185   -0.129  -15.572 1.00 31.25 ? 121 HOH A O   1 
HETATM 1273 O  O   . HOH D 2 .  ? -5.408  -15.237 -9.356  1.00 39.04 ? 122 HOH A O   1 
HETATM 1274 O  O   . HOH D 2 .  ? 11.381  -0.955  -14.023 1.00 51.38 ? 123 HOH A O   1 
HETATM 1275 O  O   . HOH D 2 .  ? 13.721  -13.086 -2.249  1.00 42.71 ? 124 HOH A O   1 
HETATM 1276 O  O   . HOH D 2 .  ? 3.711   2.507   -8.394  1.00 52.61 ? 125 HOH A O   1 
HETATM 1277 O  O   . HOH D 2 .  ? 12.212  -8.301  -16.065 1.00 46.96 ? 126 HOH A O   1 
HETATM 1278 O  O   . HOH D 2 .  ? -0.936  -21.019 -16.125 1.00 67.09 ? 127 HOH A O   1 
HETATM 1279 O  O   . HOH D 2 .  ? 9.629   -16.767 -6.124  1.00 19.32 ? 128 HOH A O   1 
HETATM 1280 O  O   . HOH D 2 .  ? 18.345  -5.441  2.602   1.00 25.67 ? 129 HOH A O   1 
HETATM 1281 O  O   . HOH D 2 .  ? 18.107  -3.928  0.111   1.00 43.22 ? 130 HOH A O   1 
HETATM 1282 O  O   . HOH D 2 .  ? -2.261  -9.365  -22.088 1.00 57.46 ? 131 HOH A O   1 
HETATM 1283 O  O   . HOH D 2 .  ? 3.723   -3.377  28.752  1.00 74.72 ? 133 HOH A O   1 
HETATM 1284 O  O   . HOH D 2 .  ? 11.021  -6.583  -14.367 1.00 40.89 ? 134 HOH A O   1 
HETATM 1285 O  O   . HOH D 2 .  ? -2.973  -12.450 -5.776  1.00 35.22 ? 135 HOH A O   1 
HETATM 1286 O  O   . HOH D 2 .  ? -9.978  2.181   -19.528 1.00 54.67 ? 136 HOH A O   1 
HETATM 1287 O  O   . HOH D 2 .  ? -7.556  0.786   -15.884 1.00 33.29 ? 137 HOH A O   1 
HETATM 1288 O  O   . HOH D 2 .  ? -10.191 1.389   -16.303 1.00 47.28 ? 138 HOH A O   1 
HETATM 1289 O  O   . HOH E 2 .  ? 3.156   7.690   -8.087  1.00 9.09  ? 61  HOH B O   1 
HETATM 1290 O  O   . HOH E 2 .  ? 12.386  2.100   -9.874  1.00 11.28 ? 62  HOH B O   1 
HETATM 1291 O  O   . HOH E 2 .  ? -2.167  14.969  0.571   1.00 12.68 ? 63  HOH B O   1 
HETATM 1292 O  O   . HOH E 2 .  ? 6.544   2.424   -6.700  1.00 10.74 ? 64  HOH B O   1 
HETATM 1293 O  O   . HOH E 2 .  ? 14.073  0.083   -10.442 1.00 16.92 ? 65  HOH B O   1 
HETATM 1294 O  O   . HOH E 2 .  ? 10.046  8.161   -8.914  1.00 14.60 ? 66  HOH B O   1 
HETATM 1295 O  O   . HOH E 2 .  ? 16.433  11.138  -6.296  1.00 20.79 ? 67  HOH B O   1 
HETATM 1296 O  O   . HOH E 2 .  ? 13.091  6.089   3.842   1.00 15.63 ? 68  HOH B O   1 
HETATM 1297 O  O   . HOH E 2 .  ? 12.522  15.492  0.144   1.00 22.94 ? 69  HOH B O   1 
HETATM 1298 O  O   . HOH E 2 .  ? -3.215  5.052   5.556   1.00 19.01 ? 70  HOH B O   1 
HETATM 1299 O  O   . HOH E 2 .  ? 8.302   7.174   -10.577 1.00 25.84 ? 71  HOH B O   1 
HETATM 1300 O  O   . HOH E 2 .  ? -7.760  12.579  -4.062  1.00 18.68 ? 72  HOH B O   1 
HETATM 1301 O  O   . HOH E 2 .  ? 7.030   13.309  4.360   1.00 24.15 ? 73  HOH B O   1 
HETATM 1302 O  O   . HOH E 2 .  ? 3.173   10.012  -9.387  1.00 18.07 ? 74  HOH B O   1 
HETATM 1303 O  O   . HOH E 2 .  ? 6.087   14.435  1.473   1.00 18.98 ? 75  HOH B O   1 
HETATM 1304 O  O   . HOH E 2 .  ? -7.091  11.506  -0.913  1.00 26.53 ? 76  HOH B O   1 
HETATM 1305 O  O   . HOH E 2 .  ? 13.169  15.497  3.774   1.00 24.51 ? 77  HOH B O   1 
HETATM 1306 O  O   . HOH E 2 .  ? 4.993   10.853  10.112  1.00 25.59 ? 78  HOH B O   1 
HETATM 1307 O  O   . HOH E 2 .  ? 9.993   10.794  -9.538  1.00 31.74 ? 79  HOH B O   1 
HETATM 1308 O  O   . HOH E 2 .  ? 8.033   16.458  -1.619  1.00 36.83 ? 80  HOH B O   1 
HETATM 1309 O  O   . HOH E 2 .  ? 10.197  12.654  -7.492  1.00 25.93 ? 81  HOH B O   1 
HETATM 1310 O  O   . HOH E 2 .  ? -6.955  6.685   11.324  1.00 29.04 ? 82  HOH B O   1 
HETATM 1311 O  O   . HOH E 2 .  ? 5.023   12.599  -12.904 1.00 30.38 ? 83  HOH B O   1 
HETATM 1312 O  O   . HOH E 2 .  ? 18.354  3.166   -2.906  1.00 27.63 ? 84  HOH B O   1 
HETATM 1313 O  O   . HOH E 2 .  ? 2.955   1.518   1.018   1.00 25.82 ? 85  HOH B O   1 
HETATM 1314 O  O   . HOH E 2 .  ? 1.820   16.579  1.397   1.00 34.45 ? 86  HOH B O   1 
HETATM 1315 O  O   . HOH E 2 .  ? 21.917  10.838  0.009   1.00 32.72 ? 87  HOH B O   1 
HETATM 1316 O  O   . HOH E 2 .  ? 1.429   2.193   -2.314  1.00 25.50 ? 88  HOH B O   1 
HETATM 1317 O  O   . HOH E 2 .  ? 12.161  14.834  -4.751  1.00 26.25 ? 89  HOH B O   1 
HETATM 1318 O  O   . HOH E 2 .  ? 16.692  15.519  -2.475  1.00 27.21 ? 90  HOH B O   1 
HETATM 1319 O  O   . HOH E 2 .  ? -8.545  3.829   9.506   1.00 33.64 ? 91  HOH B O   1 
HETATM 1320 O  O   . HOH E 2 .  ? 1.320   3.973   13.889  1.00 38.34 ? 92  HOH B O   1 
HETATM 1321 O  O   . HOH E 2 .  ? 1.694   10.588  11.206  1.00 33.92 ? 93  HOH B O   1 
HETATM 1322 O  O   . HOH E 2 .  ? 22.001  12.363  -2.286  1.00 35.33 ? 94  HOH B O   1 
HETATM 1323 O  O   . HOH E 2 .  ? 7.806   11.595  -11.042 1.00 29.39 ? 95  HOH B O   1 
HETATM 1324 O  O   . HOH E 2 .  ? -1.357  11.737  6.582   1.00 29.20 ? 96  HOH B O   1 
HETATM 1325 O  O   . HOH E 2 .  ? 13.856  12.899  -10.011 1.00 36.23 ? 97  HOH B O   1 
HETATM 1326 O  O   . HOH E 2 .  ? 5.110   10.351  -11.474 1.00 40.93 ? 98  HOH B O   1 
HETATM 1327 O  O   . HOH E 2 .  ? 5.532   13.725  -10.136 1.00 45.04 ? 99  HOH B O   1 
HETATM 1328 O  O   . HOH E 2 .  ? 2.582   5.868   12.429  1.00 29.94 ? 100 HOH B O   1 
HETATM 1329 O  O   . HOH E 2 .  ? 5.365   13.275  8.483   1.00 62.65 ? 101 HOH B O   1 
HETATM 1330 O  O   . HOH E 2 .  ? -1.771  14.432  7.642   1.00 36.71 ? 102 HOH B O   1 
HETATM 1331 O  O   . HOH E 2 .  ? -5.208  8.998   7.981   1.00 40.03 ? 103 HOH B O   1 
HETATM 1332 O  O   . HOH E 2 .  ? -2.287  9.467   7.998   1.00 49.80 ? 104 HOH B O   1 
HETATM 1333 O  O   . HOH E 2 .  ? 9.495   0.933   8.580   1.00 44.09 ? 105 HOH B O   1 
HETATM 1334 O  O   . HOH E 2 .  ? 0.647   3.154   0.223   1.00 52.48 ? 106 HOH B O   1 
HETATM 1335 O  O   . HOH E 2 .  ? 8.876   16.177  -4.843  1.00 62.09 ? 107 HOH B O   1 
HETATM 1336 O  O   . HOH E 2 .  ? 19.824  5.841   -2.966  1.00 63.87 ? 108 HOH B O   1 
HETATM 1337 O  O   . HOH E 2 .  ? 20.537  10.656  -5.976  1.00 25.64 ? 109 HOH B O   1 
HETATM 1338 O  O   . HOH E 2 .  ? 10.533  17.168  -0.707  1.00 58.95 ? 110 HOH B O   1 
HETATM 1339 O  O   . HOH E 2 .  ? 6.911   14.696  -6.611  1.00 27.16 ? 111 HOH B O   1 
HETATM 1340 O  O   . HOH E 2 .  ? 11.738  11.168  8.833   1.00 24.33 ? 112 HOH B O   1 
HETATM 1341 O  O   . HOH E 2 .  ? 14.095  10.306  9.174   1.00 35.09 ? 113 HOH B O   1 
HETATM 1342 O  O   . HOH E 2 .  ? 7.094   15.286  12.072  1.00 52.89 ? 114 HOH B O   1 
HETATM 1343 O  O   . HOH F 2 .  ? -14.176 17.157  -7.034  1.00 58.66 ? 132 HOH C O   1 
HETATM 1344 O  O   . HOH F 2 .  ? 1.504   17.977  -11.287 1.00 31.70 ? 133 HOH C O   1 
HETATM 1345 O  O   . HOH F 2 .  ? 1.162   5.962   -7.887  1.00 12.41 ? 134 HOH C O   1 
HETATM 1346 O  O   . HOH F 2 .  ? -10.951 8.769   -3.157  1.00 34.88 ? 135 HOH C O   1 
HETATM 1347 O  O   . HOH F 2 .  ? -10.862 10.027  -5.317  1.00 36.86 ? 136 HOH C O   1 
HETATM 1348 O  O   . HOH F 2 .  ? -1.767  21.211  -10.779 1.00 25.79 ? 137 HOH C O   1 
HETATM 1349 O  O   . HOH F 2 .  ? -1.288  19.347  -9.122  1.00 24.06 ? 138 HOH C O   1 
HETATM 1350 O  O   . HOH F 2 .  ? -9.665  6.294   -16.559 1.00 21.58 ? 139 HOH C O   1 
HETATM 1351 O  O   . HOH F 2 .  ? -2.975  18.205  -7.383  1.00 13.13 ? 140 HOH C O   1 
HETATM 1352 O  O   . HOH F 2 .  ? -1.186  -0.148  -13.970 1.00 16.13 ? 141 HOH C O   1 
HETATM 1353 O  O   . HOH F 2 .  ? -15.259 12.381  -15.502 1.00 18.56 ? 142 HOH C O   1 
HETATM 1354 O  O   . HOH F 2 .  ? 1.620   12.189  -10.290 1.00 17.04 ? 143 HOH C O   1 
HETATM 1355 O  O   . HOH F 2 .  ? -2.422  19.584  -13.217 1.00 20.91 ? 144 HOH C O   1 
HETATM 1356 O  O   . HOH F 2 .  ? -15.718 -5.441  -10.938 1.00 23.32 ? 145 HOH C O   1 
HETATM 1357 O  O   . HOH F 2 .  ? -13.546 15.705  -14.689 1.00 21.31 ? 146 HOH C O   1 
HETATM 1358 O  O   . HOH F 2 .  ? -3.058  -11.107 -10.160 1.00 24.44 ? 147 HOH C O   1 
HETATM 1359 O  O   . HOH F 2 .  ? -8.187  -3.085  -11.422 1.00 21.10 ? 148 HOH C O   1 
HETATM 1360 O  O   . HOH F 2 .  ? -0.076  0.948   -11.770 1.00 22.85 ? 149 HOH C O   1 
HETATM 1361 O  O   . HOH F 2 .  ? -12.225 9.826   -17.107 1.00 24.49 ? 150 HOH C O   1 
HETATM 1362 O  O   . HOH F 2 .  ? -6.693  8.739   -6.658  1.00 26.66 ? 151 HOH C O   1 
HETATM 1363 O  O   . HOH F 2 .  ? -2.035  7.278   -13.902 1.00 23.44 ? 152 HOH C O   1 
HETATM 1364 O  O   . HOH F 2 .  ? -4.980  -9.296  -10.038 1.00 30.51 ? 153 HOH C O   1 
HETATM 1365 O  O   . HOH F 2 .  ? -14.658 -5.674  -8.457  1.00 22.20 ? 154 HOH C O   1 
HETATM 1366 O  O   . HOH F 2 .  ? -6.092  -8.592  5.515   1.00 29.35 ? 155 HOH C O   1 
HETATM 1367 O  O   . HOH F 2 .  ? -6.002  20.097  -10.042 1.00 39.58 ? 156 HOH C O   1 
HETATM 1368 O  O   . HOH F 2 .  ? -6.169  -4.822  0.882   1.00 31.29 ? 157 HOH C O   1 
HETATM 1369 O  O   . HOH F 2 .  ? -4.392  -10.498 -7.215  1.00 33.28 ? 158 HOH C O   1 
HETATM 1370 O  O   . HOH F 2 .  ? -13.975 1.280   -7.923  1.00 27.57 ? 159 HOH C O   1 
HETATM 1371 O  O   . HOH F 2 .  ? -15.953 2.070   -9.689  1.00 28.36 ? 160 HOH C O   1 
HETATM 1372 O  O   . HOH F 2 .  ? -17.065 4.706   -9.777  1.00 26.88 ? 161 HOH C O   1 
HETATM 1373 O  O   . HOH F 2 .  ? -11.028 -11.769 -10.411 1.00 30.07 ? 162 HOH C O   1 
HETATM 1374 O  O   . HOH F 2 .  ? -5.407  19.273  -7.451  1.00 31.58 ? 163 HOH C O   1 
HETATM 1375 O  O   . HOH F 2 .  ? -12.015 -0.096  -10.128 1.00 26.27 ? 164 HOH C O   1 
HETATM 1376 O  O   . HOH F 2 .  ? 2.323   4.380   -9.877  1.00 22.96 ? 165 HOH C O   1 
HETATM 1377 O  O   . HOH F 2 .  ? 2.894   14.532  -11.285 1.00 52.37 ? 166 HOH C O   1 
HETATM 1378 O  O   . HOH F 2 .  ? -17.948 11.880  -9.739  1.00 27.25 ? 167 HOH C O   1 
HETATM 1379 O  O   . HOH F 2 .  ? -6.649  15.868  -7.579  1.00 32.54 ? 168 HOH C O   1 
HETATM 1380 O  O   . HOH F 2 .  ? -0.974  1.402   -3.192  1.00 30.38 ? 169 HOH C O   1 
HETATM 1381 O  O   . HOH F 2 .  ? -8.318  16.958  -11.512 1.00 31.73 ? 170 HOH C O   1 
HETATM 1382 O  O   . HOH F 2 .  ? -11.911 -5.957  -3.654  1.00 40.08 ? 171 HOH C O   1 
HETATM 1383 O  O   . HOH F 2 .  ? -7.333  -10.624 -3.414  1.00 33.98 ? 172 HOH C O   1 
HETATM 1384 O  O   . HOH F 2 .  ? -13.119 5.495   -17.816 1.00 61.21 ? 173 HOH C O   1 
HETATM 1385 O  O   . HOH F 2 .  ? -13.740 -0.281  3.830   1.00 39.81 ? 174 HOH C O   1 
HETATM 1386 O  O   . HOH F 2 .  ? -11.511 -6.456  0.046   1.00 34.31 ? 175 HOH C O   1 
HETATM 1387 O  O   . HOH F 2 .  ? -14.303 -6.964  -4.833  1.00 40.35 ? 176 HOH C O   1 
HETATM 1388 O  O   . HOH F 2 .  ? -6.846  5.574   -16.883 1.00 48.68 ? 177 HOH C O   1 
HETATM 1389 O  O   . HOH F 2 .  ? 0.519   3.617   -11.568 1.00 40.25 ? 178 HOH C O   1 
HETATM 1390 O  O   . HOH F 2 .  ? -17.637 12.681  -14.184 1.00 31.33 ? 179 HOH C O   1 
HETATM 1391 O  O   . HOH F 2 .  ? -17.350 7.105   -5.823  1.00 36.70 ? 180 HOH C O   1 
HETATM 1392 O  O   . HOH F 2 .  ? 0.302   5.796   -13.603 1.00 32.98 ? 181 HOH C O   1 
HETATM 1393 O  O   . HOH F 2 .  ? -10.289 7.479   3.791   1.00 42.34 ? 182 HOH C O   1 
HETATM 1394 O  O   . HOH F 2 .  ? -14.598 -1.116  -11.081 1.00 39.09 ? 183 HOH C O   1 
HETATM 1395 O  O   . HOH F 2 .  ? -7.078  -15.247 9.154   1.00 56.71 ? 184 HOH C O   1 
HETATM 1396 O  O   . HOH F 2 .  ? -8.079  -15.260 -8.778  1.00 49.86 ? 185 HOH C O   1 
HETATM 1397 O  O   . HOH F 2 .  ? -12.957 17.929  -4.685  1.00 58.08 ? 186 HOH C O   1 
HETATM 1398 O  O   . HOH F 2 .  ? -7.100  -11.781 3.704   1.00 54.68 ? 187 HOH C O   1 
HETATM 1399 O  O   . HOH F 2 .  ? -13.847 -1.678  -7.589  1.00 74.24 ? 188 HOH C O   1 
HETATM 1400 O  O   . HOH F 2 .  ? -15.395 1.262   -12.229 1.00 51.20 ? 189 HOH C O   1 
HETATM 1401 O  O   . HOH F 2 .  ? -22.666 -13.041 19.589  1.00 50.77 ? 190 HOH C O   1 
HETATM 1402 O  O   . HOH F 2 .  ? -9.246  -12.338 -1.859  1.00 78.56 ? 191 HOH C O   1 
HETATM 1403 O  O   . HOH F 2 .  ? -9.584  -8.042  -4.818  1.00 26.18 ? 192 HOH C O   1 
HETATM 1404 O  O   . HOH F 2 .  ? -9.386  -7.698  -9.723  1.00 18.94 ? 193 HOH C O   1 
HETATM 1405 O  O   . HOH F 2 .  ? -9.710  -5.637  -11.177 1.00 21.94 ? 194 HOH C O   1 
HETATM 1406 O  O   . HOH F 2 .  ? -19.078 0.242   -12.234 1.00 28.81 ? 195 HOH C O   1 
HETATM 1407 O  O   . HOH F 2 .  ? -18.161 -3.122  -13.745 1.00 36.42 ? 196 HOH C O   1 
# 
